data_3J2Q
#
_entry.id   3J2Q
#
_cell.length_a   81.000
_cell.length_b   71.000
_cell.length_c   100.000
_cell.angle_alpha   67.00
_cell.angle_beta   60.00
_cell.angle_gamma   65.00
#
_symmetry.space_group_name_H-M   'P 1'
#
loop_
_entity.id
_entity.type
_entity.pdbx_description
1 polymer 'Coagulation factor VIII heavy chain'
2 polymer 'Coagulation factor VIII light chain'
3 branched 2-acetamido-2-deoxy-beta-D-glucopyranose-(1-4)-2-acetamido-2-deoxy-beta-D-glucopyranose
4 branched alpha-D-mannopyranose-(1-3)-[beta-D-mannopyranose-(1-6)]beta-D-mannopyranose-(1-4)-2-acetamido-2-deoxy-beta-D-glucopyranose
5 non-polymer 'COPPER (II) ION'
6 non-polymer 'CALCIUM ION'
7 non-polymer 2-acetamido-2-deoxy-beta-D-glucopyranose
#
loop_
_entity_poly.entity_id
_entity_poly.type
_entity_poly.pdbx_seq_one_letter_code
_entity_poly.pdbx_strand_id
1 'polypeptide(L)'
;ATRRYYLGAVELSWDYMQSDLGELPVDARFPPRVPKSFPFNTSVVYKKTLFVEFTDHLFNIAKPRPPWMGLLGPTIQAEV
YDTVVITLKNMASHPVSLHAVGVSYWKASEGAEYDDQTSQREKEDDKVFPGGSHTYVWQVLKENGPMASDPLCLTYSYLS
HVDLVKDLNSGLIGALLVCREGSLAKEKTQTLHKFILLFAVFDEGKSWHSETKNSLMQDRDAASARAWPKMHTVNGYVNR
SLPGLIGCHRKSVYWHVIGMGTTPEVHSIFLEGHTFLVRNHRQASLEISPITFLTAQTLLMDLGQFLLFCHISSHQHDGM
EAYVKVDSCPEEPQLRMKNNEEAEDYDDDLTDSEMDVVRFDDDNSPSFIQIRSVAKKHPKTWVHYIAAEEEDWDYAPLVL
APDDRSYKSQYLNNGPQRIGRKYKKVRFMAYTDETFKTREAIQHESGILGPLLYGEVGDTLLIIFKNQASRPYNIYPHGI
TDVRPLYSRRLPKGVKHLKDFPILPGEIFKYKWTVTVEDGPTKSDPRCLTRYYSSFVNMERDLASGLIGPLLICYKESVD
QRGNQIMSDKRNVILFSVFDENRSWYLTENIQRFLPNPAGVQLEDPEFQASNIMHSINGYVFDSLQLSVCLHEVAYWYIL
SIGAQTDFLSVFFSGYTFKHKMVYEDTLTLFPFSGETVFMSMENPGLWILGCHNSDFRNRGMTALLKVSSCDKNTGDYYE
DSYEDISAYLLSKNNAIEPRSFSQNPPVLKRHQR
;
A
2 'polypeptide(L)'
;EITRTTLQSDQEEIDYDDTISVEMKKEDFDIYDEDENQSPRSFQKKTRHYFIAAVERLWDYGMSSSPHVLRNRAQSGSVP
QFKKVVFQEFTDGSFTQPLYRGELNEHLGLLGPYIRAEVEDNIMVTFRNQASRPYSFYSSLISYEEDQRQGAEPRKNFVK
PNETKTYFWKVQHHMAPTKDEFDCKAWAYFSDVDLEKDVHSGLIGPLLVCHTNTLNPAHGRQVTVQEFALFLTIFDETKS
WYFTENMERNCRAPCNIQMEDPTFKENYRFHAINGYIMDTLPGLVMAQDQRIRWYLLSMGSNENIHSIHFSGHVFTVRKK
EEYKMALYNLYPGVFETVEMLPSKAGIWRVECLIGEHLHAGMSTLFLVYSNKCQTPLGMASGHIRDFQITASGQYGQWAP
KLARLHYSGSINAWSTKEPFSWIKVDLLAPMIIHGIKTQGARQKFSSLYISQFIIMYSLDGKKWQTYRGNSTGTLMVFFG
NVDSSGIKHNIFNPPIIARYIRLHPTHYSIRSTLRMELMGCDLNSCSMPLGMESKAISDAQITASSYFTNMFATWSPSKA
RLHLQGRSNAWRPQVNNPKEWLQVDFQKTMKVTGVTTQGVKSLLTSMYVKEFLISSSQDGHQWTLFFQNGKVKVFQGNQD
SFTPVVNSLDPPLLTRYLRIHPQSWVHQIALRMEVLGCEAQDLY
;
B
#
loop_
_chem_comp.id
_chem_comp.type
_chem_comp.name
_chem_comp.formula
BMA D-saccharide, beta linking beta-D-mannopyranose 'C6 H12 O6'
CA non-polymer 'CALCIUM ION' 'Ca 2'
CU non-polymer 'COPPER (II) ION' 'Cu 2'
MAN D-saccharide, alpha linking alpha-D-mannopyranose 'C6 H12 O6'
NAG D-saccharide, beta linking 2-acetamido-2-deoxy-beta-D-glucopyranose 'C8 H15 N O6'
#
# COMPACT_ATOMS: atom_id res chain seq x y z
N ALA A 1 -15.92 14.55 -25.42
CA ALA A 1 -17.00 15.02 -24.49
C ALA A 1 -16.44 15.83 -23.29
N THR A 2 -17.32 16.55 -22.59
CA THR A 2 -16.93 17.43 -21.48
C THR A 2 -18.08 17.58 -20.48
N ARG A 3 -18.06 16.80 -19.38
CA ARG A 3 -19.22 16.65 -18.45
C ARG A 3 -19.33 17.60 -17.24
N ARG A 4 -20.56 18.07 -16.97
CA ARG A 4 -20.84 18.99 -15.85
C ARG A 4 -21.83 18.43 -14.87
N TYR A 5 -21.58 18.64 -13.58
CA TYR A 5 -22.47 18.18 -12.50
C TYR A 5 -22.70 19.25 -11.43
N TYR A 6 -23.66 20.15 -11.70
CA TYR A 6 -23.86 21.42 -10.95
C TYR A 6 -24.49 21.29 -9.54
N LEU A 7 -24.02 20.33 -8.74
CA LEU A 7 -24.73 19.93 -7.52
C LEU A 7 -23.96 20.20 -6.20
N GLY A 8 -24.55 21.06 -5.36
CA GLY A 8 -24.01 21.42 -4.06
C GLY A 8 -24.32 20.42 -2.95
N ALA A 9 -24.01 20.80 -1.71
CA ALA A 9 -24.21 19.94 -0.53
C ALA A 9 -25.06 20.58 0.57
N VAL A 10 -25.92 19.77 1.21
CA VAL A 10 -27.03 20.28 2.07
C VAL A 10 -27.14 19.62 3.47
N GLU A 11 -28.06 20.18 4.27
CA GLU A 11 -28.51 19.62 5.54
C GLU A 11 -29.91 18.99 5.42
N LEU A 12 -30.00 17.70 5.75
CA LEU A 12 -31.27 16.98 5.66
C LEU A 12 -31.56 16.16 6.91
N SER A 13 -32.85 15.88 7.12
CA SER A 13 -33.35 15.07 8.24
C SER A 13 -33.66 13.61 7.83
N TRP A 14 -33.14 12.65 8.60
CA TRP A 14 -33.08 11.23 8.18
C TRP A 14 -33.86 10.27 9.12
N ASP A 15 -33.96 8.99 8.73
CA ASP A 15 -34.74 7.99 9.48
C ASP A 15 -34.29 6.51 9.43
N TYR A 16 -35.16 5.69 8.82
CA TYR A 16 -35.15 4.22 8.85
C TYR A 16 -33.99 3.59 8.10
N VAL A 44 -37.89 5.60 14.38
CA VAL A 44 -38.01 7.05 14.59
C VAL A 44 -36.79 7.65 15.34
N VAL A 45 -35.58 7.53 14.76
CA VAL A 45 -34.31 8.03 15.38
C VAL A 45 -33.15 8.49 14.44
N TYR A 46 -32.79 9.79 14.53
CA TYR A 46 -31.51 10.44 14.04
C TYR A 46 -31.42 11.24 12.71
N LYS A 47 -30.99 12.51 12.79
CA LYS A 47 -31.05 13.46 11.64
C LYS A 47 -29.74 14.25 11.33
N LYS A 48 -29.26 14.15 10.08
CA LYS A 48 -27.86 14.39 9.67
C LYS A 48 -27.59 15.58 8.73
N THR A 49 -26.45 15.53 8.02
CA THR A 49 -26.13 16.38 6.84
C THR A 49 -25.69 15.52 5.62
N LEU A 50 -26.38 15.71 4.49
CA LEU A 50 -26.27 14.80 3.35
C LEU A 50 -25.51 15.47 2.19
N PHE A 51 -25.70 14.95 0.99
CA PHE A 51 -25.00 15.44 -0.19
C PHE A 51 -26.01 15.56 -1.32
N VAL A 52 -26.49 16.77 -1.58
CA VAL A 52 -27.60 16.96 -2.51
C VAL A 52 -27.31 16.71 -3.98
N GLU A 53 -28.31 17.02 -4.81
CA GLU A 53 -28.49 16.36 -6.09
C GLU A 53 -28.92 17.35 -7.21
N PHE A 54 -29.07 18.64 -6.88
CA PHE A 54 -30.00 19.54 -7.60
C PHE A 54 -29.51 20.48 -8.69
N THR A 55 -30.41 20.79 -9.63
CA THR A 55 -30.11 21.52 -10.85
C THR A 55 -29.87 23.03 -10.67
N ASP A 56 -29.42 23.43 -9.48
CA ASP A 56 -29.41 24.84 -9.05
C ASP A 56 -28.68 25.85 -9.93
N HIS A 57 -29.16 27.09 -9.82
CA HIS A 57 -28.30 28.23 -9.76
C HIS A 57 -28.54 28.86 -8.38
N LEU A 58 -29.70 28.54 -7.81
CA LEU A 58 -30.00 28.87 -6.42
C LEU A 58 -30.22 27.59 -5.55
N PHE A 59 -31.47 27.37 -5.12
CA PHE A 59 -31.81 26.32 -4.14
C PHE A 59 -33.16 25.63 -4.50
N ASN A 60 -33.22 24.98 -5.67
CA ASN A 60 -34.46 24.37 -6.17
C ASN A 60 -34.43 22.84 -6.32
N ILE A 61 -35.50 22.17 -5.88
CA ILE A 61 -35.61 20.68 -5.84
C ILE A 61 -34.99 19.97 -7.10
N ALA A 62 -34.56 18.70 -6.96
CA ALA A 62 -34.11 17.84 -8.11
C ALA A 62 -33.61 16.46 -7.72
N LYS A 63 -34.42 15.44 -7.98
CA LYS A 63 -34.24 14.13 -7.33
C LYS A 63 -34.18 12.93 -8.28
N PRO A 64 -33.08 12.13 -8.20
CA PRO A 64 -32.92 10.80 -8.83
C PRO A 64 -33.12 9.64 -7.84
N ARG A 65 -33.24 10.01 -6.57
CA ARG A 65 -32.91 9.13 -5.46
C ARG A 65 -33.81 7.91 -5.21
N PRO A 66 -35.07 7.89 -5.72
CA PRO A 66 -36.06 6.95 -5.15
C PRO A 66 -35.51 5.64 -4.58
N PRO A 67 -34.80 4.82 -5.38
CA PRO A 67 -34.57 3.51 -4.81
C PRO A 67 -33.27 3.42 -4.02
N TRP A 68 -32.44 2.47 -4.44
CA TRP A 68 -31.14 2.23 -3.89
C TRP A 68 -30.36 3.47 -3.44
N MET A 69 -30.57 4.61 -4.09
CA MET A 69 -29.93 5.85 -3.63
C MET A 69 -30.42 6.13 -2.21
N GLY A 70 -29.51 6.06 -1.25
CA GLY A 70 -29.82 6.38 0.13
C GLY A 70 -29.35 7.79 0.36
N LEU A 71 -28.55 7.97 1.38
CA LEU A 71 -27.81 9.21 1.53
C LEU A 71 -26.68 9.13 0.52
N LEU A 72 -26.87 9.76 -0.64
CA LEU A 72 -25.92 9.63 -1.74
C LEU A 72 -25.94 10.83 -2.66
N GLY A 73 -24.81 11.53 -2.73
CA GLY A 73 -24.59 12.49 -3.81
C GLY A 73 -24.66 11.65 -5.07
N PRO A 74 -25.24 12.20 -6.16
CA PRO A 74 -25.57 11.36 -7.31
C PRO A 74 -24.35 10.58 -7.82
N THR A 75 -24.58 9.31 -8.15
CA THR A 75 -23.58 8.51 -8.81
C THR A 75 -23.14 9.30 -10.04
N ILE A 76 -21.91 9.82 -10.00
CA ILE A 76 -21.36 10.56 -11.16
C ILE A 76 -20.43 9.67 -11.96
N GLN A 77 -20.65 9.66 -13.28
CA GLN A 77 -19.92 8.78 -14.18
C GLN A 77 -19.17 9.55 -15.25
N ALA A 78 -17.86 9.35 -15.33
CA ALA A 78 -17.04 9.91 -16.42
C ALA A 78 -16.19 8.84 -17.10
N GLU A 79 -15.99 8.98 -18.42
CA GLU A 79 -15.19 8.01 -19.17
C GLU A 79 -13.72 8.46 -19.35
N VAL A 80 -12.84 7.48 -19.58
CA VAL A 80 -11.39 7.64 -19.62
C VAL A 80 -10.84 9.02 -19.96
N TYR A 81 -11.42 9.66 -20.99
CA TYR A 81 -10.86 10.89 -21.58
C TYR A 81 -11.52 12.21 -21.21
N ASP A 82 -12.47 12.14 -20.26
CA ASP A 82 -13.34 13.27 -19.96
C ASP A 82 -12.91 14.20 -18.84
N THR A 83 -13.74 15.20 -18.58
CA THR A 83 -13.41 16.32 -17.72
C THR A 83 -14.67 16.80 -16.99
N VAL A 84 -14.77 16.49 -15.70
CA VAL A 84 -15.99 16.72 -14.90
C VAL A 84 -15.93 18.00 -14.07
N VAL A 85 -17.03 18.75 -14.06
CA VAL A 85 -17.11 20.01 -13.31
C VAL A 85 -18.27 20.10 -12.29
N ILE A 86 -17.97 19.61 -11.11
CA ILE A 86 -18.82 19.78 -9.94
C ILE A 86 -18.66 21.22 -9.47
N THR A 87 -19.77 21.89 -9.17
CA THR A 87 -19.70 23.20 -8.50
C THR A 87 -20.60 23.13 -7.26
N LEU A 88 -19.98 23.03 -6.09
CA LEU A 88 -20.71 22.80 -4.85
C LEU A 88 -21.21 24.10 -4.20
N LYS A 89 -22.53 24.20 -4.00
CA LYS A 89 -23.12 25.29 -3.18
C LYS A 89 -23.36 24.75 -1.78
N ASN A 90 -22.61 25.28 -0.81
CA ASN A 90 -22.64 24.80 0.58
C ASN A 90 -23.74 25.46 1.39
N MET A 91 -24.48 24.63 2.10
CA MET A 91 -25.53 25.09 2.99
C MET A 91 -25.55 24.17 4.24
N ALA A 92 -24.95 24.66 5.33
CA ALA A 92 -24.75 23.90 6.57
C ALA A 92 -24.08 24.80 7.62
N SER A 93 -24.22 24.46 8.91
CA SER A 93 -23.45 25.11 9.99
C SER A 93 -22.01 24.61 9.97
N HIS A 94 -21.73 23.78 8.97
CA HIS A 94 -20.51 23.04 8.84
C HIS A 94 -19.58 23.73 7.82
N PRO A 95 -18.26 23.74 8.10
CA PRO A 95 -17.31 24.04 7.03
C PRO A 95 -17.02 22.75 6.27
N VAL A 96 -17.54 22.62 5.06
CA VAL A 96 -17.42 21.33 4.37
C VAL A 96 -16.82 21.34 2.95
N SER A 97 -15.92 20.38 2.72
CA SER A 97 -15.13 20.28 1.49
C SER A 97 -15.71 19.33 0.46
N LEU A 98 -14.93 19.04 -0.57
CA LEU A 98 -15.25 18.03 -1.59
C LEU A 98 -13.90 17.56 -2.13
N HIS A 99 -13.71 16.24 -2.09
CA HIS A 99 -12.40 15.63 -2.38
C HIS A 99 -12.61 14.28 -3.03
N ALA A 100 -11.84 14.00 -4.08
CA ALA A 100 -12.00 12.75 -4.82
C ALA A 100 -11.00 11.68 -4.42
N VAL A 101 -11.11 10.55 -5.10
CA VAL A 101 -10.11 9.52 -5.06
C VAL A 101 -10.10 8.94 -6.48
N GLY A 102 -9.07 8.14 -6.80
CA GLY A 102 -9.00 7.42 -8.09
C GLY A 102 -8.91 8.27 -9.34
N VAL A 103 -8.83 9.58 -9.13
CA VAL A 103 -8.88 10.58 -10.19
C VAL A 103 -7.72 11.54 -9.98
N SER A 104 -7.32 12.21 -11.06
CA SER A 104 -6.33 13.28 -10.97
C SER A 104 -6.95 14.69 -11.06
N TYR A 105 -6.22 15.67 -10.54
CA TYR A 105 -6.62 17.08 -10.60
C TYR A 105 -5.45 17.95 -10.27
N TRP A 106 -5.69 19.25 -10.32
CA TRP A 106 -4.71 20.28 -9.99
C TRP A 106 -4.80 20.62 -8.53
N LYS A 107 -3.70 21.15 -7.98
CA LYS A 107 -3.69 21.61 -6.59
C LYS A 107 -4.73 22.73 -6.37
N ALA A 108 -5.36 23.17 -7.46
CA ALA A 108 -6.54 24.09 -7.43
C ALA A 108 -7.90 23.35 -7.35
N SER A 109 -7.83 22.08 -6.97
CA SER A 109 -8.94 21.33 -6.44
C SER A 109 -8.34 20.54 -5.30
N GLU A 110 -8.38 19.21 -5.42
CA GLU A 110 -7.97 18.33 -4.32
C GLU A 110 -9.02 18.38 -3.22
N GLY A 111 -9.28 19.59 -2.70
CA GLY A 111 -10.33 19.82 -1.69
C GLY A 111 -9.90 19.34 -0.32
N ALA A 112 -8.60 19.43 -0.07
CA ALA A 112 -8.00 18.84 1.12
C ALA A 112 -7.05 19.83 1.77
N GLU A 113 -7.41 20.29 2.97
CA GLU A 113 -6.66 21.34 3.64
C GLU A 113 -5.47 20.77 4.39
N TYR A 114 -4.34 21.45 4.25
CA TYR A 114 -3.04 21.11 4.85
C TYR A 114 -2.12 21.86 3.92
N ASP A 115 -0.88 22.09 4.33
CA ASP A 115 -0.04 23.01 3.55
C ASP A 115 0.64 22.35 2.34
N ASP A 116 -0.13 22.16 1.28
CA ASP A 116 0.48 21.78 0.00
C ASP A 116 1.04 23.04 -0.68
N GLN A 117 1.62 23.91 0.15
CA GLN A 117 2.28 25.15 -0.25
C GLN A 117 1.35 26.18 -0.85
N THR A 118 0.67 25.76 -1.91
CA THR A 118 -0.53 26.41 -2.42
C THR A 118 -0.65 27.91 -2.18
N SER A 119 -0.61 28.64 -3.27
CA SER A 119 -0.83 30.08 -3.24
C SER A 119 -2.23 30.40 -2.74
N GLN A 120 -2.59 31.68 -2.76
CA GLN A 120 -3.82 32.12 -2.16
C GLN A 120 -4.99 31.29 -2.72
N ARG A 121 -5.24 31.43 -4.01
CA ARG A 121 -6.40 30.81 -4.66
C ARG A 121 -6.31 29.29 -4.74
N GLU A 122 -5.14 28.73 -4.50
CA GLU A 122 -4.95 27.28 -4.61
C GLU A 122 -5.38 26.51 -3.35
N LYS A 123 -5.62 27.25 -2.26
CA LYS A 123 -6.07 26.67 -0.99
C LYS A 123 -7.60 26.75 -0.79
N GLU A 124 -8.26 27.69 -1.47
CA GLU A 124 -9.70 27.90 -1.32
C GLU A 124 -10.58 26.70 -1.71
N ASP A 125 -10.00 25.73 -2.41
CA ASP A 125 -10.69 24.48 -2.73
C ASP A 125 -10.72 23.58 -1.51
N ASP A 126 -9.73 23.77 -0.64
CA ASP A 126 -9.45 22.88 0.50
C ASP A 126 -10.51 22.89 1.62
N LYS A 127 -11.21 24.02 1.76
CA LYS A 127 -12.28 24.20 2.74
C LYS A 127 -13.30 25.21 2.21
N VAL A 128 -14.52 24.77 1.93
CA VAL A 128 -15.61 25.67 1.55
C VAL A 128 -16.28 26.25 2.81
N PHE A 129 -15.87 27.46 3.16
CA PHE A 129 -16.33 28.14 4.36
C PHE A 129 -17.85 28.03 4.39
N PRO A 130 -18.46 27.92 5.61
CA PRO A 130 -19.88 27.55 5.81
C PRO A 130 -20.89 28.44 5.09
N GLY A 131 -21.66 27.84 4.19
CA GLY A 131 -22.57 28.59 3.32
C GLY A 131 -21.80 29.32 2.22
N GLY A 132 -20.78 28.64 1.67
CA GLY A 132 -19.90 29.24 0.67
C GLY A 132 -20.36 29.09 -0.77
N SER A 133 -19.58 28.30 -1.53
CA SER A 133 -19.73 28.13 -2.98
C SER A 133 -18.34 28.02 -3.61
N HIS A 134 -18.11 26.93 -4.36
CA HIS A 134 -16.85 26.75 -5.12
C HIS A 134 -17.00 25.77 -6.31
N THR A 135 -16.27 26.05 -7.39
CA THR A 135 -16.21 25.21 -8.60
C THR A 135 -15.20 24.09 -8.37
N TYR A 136 -15.27 23.01 -9.15
CA TYR A 136 -14.32 21.89 -9.01
C TYR A 136 -13.78 21.31 -10.32
N VAL A 137 -12.46 21.28 -10.42
CA VAL A 137 -11.73 20.94 -11.66
C VAL A 137 -11.27 19.48 -11.59
N TRP A 138 -11.98 18.60 -12.30
CA TRP A 138 -11.69 17.15 -12.23
C TRP A 138 -11.36 16.47 -13.56
N GLN A 139 -10.25 15.73 -13.58
CA GLN A 139 -9.75 15.11 -14.79
C GLN A 139 -9.52 13.63 -14.64
N VAL A 140 -9.91 12.88 -15.66
CA VAL A 140 -9.41 11.54 -15.83
C VAL A 140 -8.39 11.57 -16.97
N LEU A 141 -7.15 11.20 -16.69
CA LEU A 141 -6.16 11.01 -17.75
C LEU A 141 -6.17 9.54 -18.14
N LYS A 142 -5.30 9.16 -19.08
CA LYS A 142 -5.13 7.76 -19.46
C LYS A 142 -4.61 6.96 -18.26
N GLU A 143 -3.66 7.59 -17.55
CA GLU A 143 -2.94 7.04 -16.38
C GLU A 143 -3.84 6.71 -15.16
N ASN A 144 -5.10 7.17 -15.17
CA ASN A 144 -6.06 6.81 -14.11
C ASN A 144 -7.36 6.19 -14.59
N GLY A 145 -7.39 5.82 -15.86
CA GLY A 145 -8.44 4.97 -16.39
C GLY A 145 -8.11 3.55 -15.99
N PRO A 146 -9.02 2.60 -16.25
CA PRO A 146 -8.92 1.26 -15.69
C PRO A 146 -8.09 0.37 -16.56
N MET A 147 -7.34 -0.52 -15.91
CA MET A 147 -6.32 -1.34 -16.58
C MET A 147 -6.83 -2.33 -17.60
N ALA A 148 -6.01 -2.53 -18.63
CA ALA A 148 -6.31 -3.44 -19.71
C ALA A 148 -7.39 -4.46 -19.31
N SER A 149 -7.09 -5.35 -18.37
CA SER A 149 -8.06 -6.39 -18.03
C SER A 149 -8.43 -6.42 -16.56
N ASP A 150 -9.59 -5.86 -16.26
CA ASP A 150 -10.16 -5.83 -14.92
C ASP A 150 -11.57 -5.24 -15.09
N PRO A 151 -12.35 -5.07 -13.98
CA PRO A 151 -13.60 -4.31 -13.97
C PRO A 151 -13.79 -3.30 -15.11
N LEU A 152 -14.81 -3.56 -15.93
CA LEU A 152 -15.17 -2.71 -17.06
C LEU A 152 -15.17 -1.29 -16.59
N CYS A 153 -15.52 -1.14 -15.33
CA CYS A 153 -15.78 0.14 -14.76
C CYS A 153 -15.47 0.24 -13.27
N LEU A 154 -14.56 1.14 -12.94
CA LEU A 154 -13.99 1.15 -11.62
C LEU A 154 -14.83 1.78 -10.54
N THR A 155 -14.80 1.11 -9.40
CA THR A 155 -15.39 1.55 -8.15
C THR A 155 -14.57 2.70 -7.59
N TYR A 156 -15.15 3.90 -7.51
CA TYR A 156 -14.54 5.00 -6.74
C TYR A 156 -15.62 5.86 -6.13
N SER A 157 -15.32 6.46 -4.99
CA SER A 157 -16.29 7.30 -4.29
C SER A 157 -15.80 8.74 -4.25
N TYR A 158 -16.67 9.69 -3.88
CA TYR A 158 -16.22 11.07 -3.64
C TYR A 158 -16.52 11.58 -2.25
N LEU A 159 -15.46 11.86 -1.53
CA LEU A 159 -15.54 12.11 -0.13
C LEU A 159 -15.77 13.58 0.15
N SER A 160 -15.69 13.95 1.43
CA SER A 160 -15.56 15.33 1.85
C SER A 160 -14.68 15.37 3.10
N HIS A 161 -13.56 16.09 3.03
CA HIS A 161 -12.65 16.21 4.19
C HIS A 161 -12.06 17.59 4.53
N VAL A 162 -12.62 18.12 5.62
CA VAL A 162 -12.11 19.27 6.33
C VAL A 162 -11.68 18.71 7.69
N ASP A 163 -12.68 18.19 8.43
CA ASP A 163 -12.52 17.31 9.61
C ASP A 163 -13.01 15.94 9.14
N LEU A 164 -12.07 15.11 8.70
CA LEU A 164 -12.41 13.84 8.09
C LEU A 164 -13.46 13.07 8.88
N VAL A 165 -13.23 12.91 10.20
CA VAL A 165 -14.16 12.17 11.07
C VAL A 165 -15.58 12.74 11.04
N LYS A 166 -15.67 14.07 11.18
CA LYS A 166 -16.94 14.80 11.26
C LYS A 166 -17.68 14.77 9.91
N ASP A 167 -17.01 15.27 8.87
CA ASP A 167 -17.57 15.35 7.52
C ASP A 167 -18.19 14.05 7.06
N LEU A 168 -17.69 12.94 7.59
CA LEU A 168 -18.14 11.63 7.18
C LEU A 168 -19.32 11.20 8.03
N ASN A 169 -19.06 10.81 9.27
CA ASN A 169 -20.12 10.29 10.14
C ASN A 169 -21.39 11.10 10.03
N SER A 170 -21.24 12.41 9.93
CA SER A 170 -22.34 13.31 9.64
C SER A 170 -23.20 12.77 8.48
N GLY A 171 -22.60 12.57 7.29
CA GLY A 171 -23.30 11.96 6.16
C GLY A 171 -22.95 12.43 4.75
N LEU A 172 -21.71 12.88 4.57
CA LEU A 172 -21.20 13.30 3.24
C LEU A 172 -20.42 12.19 2.54
N ILE A 173 -21.07 11.55 1.57
CA ILE A 173 -20.42 10.55 0.71
C ILE A 173 -21.28 10.27 -0.55
N GLY A 174 -20.60 10.19 -1.70
CA GLY A 174 -21.22 9.83 -2.96
C GLY A 174 -20.39 8.84 -3.77
N ALA A 175 -21.01 8.25 -4.79
CA ALA A 175 -20.30 7.34 -5.68
C ALA A 175 -19.77 8.11 -6.89
N LEU A 176 -18.59 7.69 -7.37
CA LEU A 176 -17.91 8.33 -8.48
C LEU A 176 -17.30 7.25 -9.36
N LEU A 177 -17.82 7.10 -10.57
CA LEU A 177 -17.35 6.00 -11.43
C LEU A 177 -16.53 6.47 -12.62
N VAL A 178 -15.59 5.63 -13.06
CA VAL A 178 -14.69 5.98 -14.15
C VAL A 178 -14.36 4.75 -14.95
N CYS A 179 -14.48 4.82 -16.29
CA CYS A 179 -14.19 3.66 -17.16
C CYS A 179 -13.99 3.91 -18.67
N ARG A 180 -13.58 2.88 -19.40
CA ARG A 180 -13.06 3.00 -20.78
C ARG A 180 -13.95 3.74 -21.79
N GLU A 181 -13.35 4.10 -22.93
CA GLU A 181 -14.00 4.91 -23.98
C GLU A 181 -15.32 4.35 -24.52
N GLY A 182 -16.41 4.58 -23.79
CA GLY A 182 -17.75 4.12 -24.21
C GLY A 182 -18.78 3.84 -23.12
N SER A 183 -19.33 4.91 -22.54
CA SER A 183 -20.51 4.83 -21.68
C SER A 183 -21.64 5.52 -22.42
N LEU A 184 -21.53 6.84 -22.53
CA LEU A 184 -22.37 7.70 -23.38
C LEU A 184 -22.72 7.11 -24.77
N ALA A 185 -21.94 6.13 -25.23
CA ALA A 185 -22.08 5.51 -26.57
C ALA A 185 -22.35 3.99 -26.57
N LYS A 186 -21.75 3.28 -25.61
CA LYS A 186 -21.90 1.83 -25.48
C LYS A 186 -22.67 1.44 -24.22
N GLU A 187 -23.35 2.42 -23.62
CA GLU A 187 -24.46 2.17 -22.69
C GLU A 187 -25.73 2.95 -23.13
N LYS A 188 -25.60 3.68 -24.24
CA LYS A 188 -26.74 4.20 -24.98
C LYS A 188 -27.29 3.06 -25.85
N THR A 189 -26.41 2.07 -26.09
CA THR A 189 -26.72 0.92 -26.93
C THR A 189 -26.63 -0.41 -26.15
N GLN A 190 -25.94 -0.38 -25.01
CA GLN A 190 -25.76 -1.57 -24.16
C GLN A 190 -26.76 -1.63 -23.00
N THR A 191 -27.01 -2.86 -22.53
CA THR A 191 -27.84 -3.10 -21.35
C THR A 191 -26.94 -3.50 -20.19
N LEU A 192 -27.07 -2.83 -19.05
CA LEU A 192 -26.34 -3.20 -17.83
C LEU A 192 -27.16 -3.01 -16.57
N HIS A 193 -27.18 -4.02 -15.70
CA HIS A 193 -27.89 -3.94 -14.43
C HIS A 193 -26.92 -3.66 -13.30
N LYS A 194 -26.81 -2.39 -12.95
CA LYS A 194 -25.84 -1.98 -11.94
C LYS A 194 -26.39 -1.06 -10.87
N PHE A 195 -26.01 -1.34 -9.63
CA PHE A 195 -26.34 -0.49 -8.50
C PHE A 195 -25.10 -0.14 -7.71
N ILE A 196 -25.25 0.87 -6.87
CA ILE A 196 -24.23 1.20 -5.92
C ILE A 196 -24.75 0.96 -4.49
N LEU A 197 -24.14 -0.02 -3.85
CA LEU A 197 -24.44 -0.40 -2.49
C LEU A 197 -23.37 0.23 -1.60
N LEU A 198 -23.78 1.04 -0.62
CA LEU A 198 -22.83 1.78 0.19
C LEU A 198 -22.70 1.18 1.59
N PHE A 199 -21.86 0.15 1.75
CA PHE A 199 -21.77 -0.57 3.03
C PHE A 199 -21.11 0.25 4.13
N ALA A 200 -21.95 0.99 4.89
CA ALA A 200 -21.49 2.12 5.72
C ALA A 200 -21.97 2.16 7.19
N VAL A 201 -21.10 2.69 8.07
CA VAL A 201 -21.24 2.60 9.53
C VAL A 201 -21.19 3.96 10.26
N PHE A 202 -22.10 4.87 9.95
CA PHE A 202 -22.11 6.20 10.60
C PHE A 202 -22.39 6.06 12.09
N ASP A 203 -21.63 6.79 12.92
CA ASP A 203 -21.79 6.74 14.38
C ASP A 203 -22.22 8.09 14.98
N GLU A 204 -23.52 8.27 15.22
CA GLU A 204 -24.07 9.57 15.62
C GLU A 204 -23.47 10.26 16.86
N GLY A 205 -22.49 9.61 17.51
CA GLY A 205 -21.71 10.21 18.57
C GLY A 205 -20.50 10.95 18.02
N LYS A 206 -20.11 10.58 16.81
CA LYS A 206 -19.03 11.22 16.03
C LYS A 206 -19.65 12.01 14.86
N SER A 207 -20.84 12.57 15.10
CA SER A 207 -21.59 13.31 14.09
C SER A 207 -21.04 14.73 13.95
N TRP A 208 -21.80 15.58 13.29
CA TRP A 208 -21.58 17.00 13.41
C TRP A 208 -22.07 17.42 14.79
N HIS A 209 -22.93 16.57 15.39
CA HIS A 209 -23.76 16.91 16.57
C HIS A 209 -23.28 16.39 17.94
N SER A 210 -23.67 17.12 19.00
CA SER A 210 -23.44 16.70 20.39
C SER A 210 -24.77 16.56 21.13
N SER A 224 -31.49 10.52 35.81
CA SER A 224 -31.16 11.56 34.84
C SER A 224 -30.65 11.02 33.48
N ALA A 225 -30.36 11.95 32.55
CA ALA A 225 -29.96 11.67 31.17
C ALA A 225 -29.43 10.23 30.93
N ARG A 226 -30.22 9.44 30.20
CA ARG A 226 -29.92 8.01 29.92
C ARG A 226 -30.34 7.53 28.50
N ALA A 227 -29.49 7.78 27.49
CA ALA A 227 -29.66 7.23 26.12
C ALA A 227 -28.73 7.87 25.07
N TRP A 228 -27.44 7.54 25.13
CA TRP A 228 -26.41 8.22 24.29
C TRP A 228 -26.35 7.67 22.83
N PRO A 229 -25.81 8.47 21.85
CA PRO A 229 -26.02 8.29 20.38
C PRO A 229 -25.57 6.96 19.69
N LYS A 230 -26.23 6.60 18.58
CA LYS A 230 -25.99 5.30 17.90
C LYS A 230 -26.62 5.05 16.47
N MET A 231 -25.92 4.24 15.65
CA MET A 231 -26.35 3.60 14.35
C MET A 231 -25.20 2.63 13.93
N HIS A 232 -25.27 2.00 12.73
CA HIS A 232 -24.23 1.02 12.25
C HIS A 232 -24.42 0.39 10.83
N THR A 233 -25.09 1.04 9.89
CA THR A 233 -25.70 0.20 8.84
C THR A 233 -25.82 0.61 7.35
N VAL A 234 -25.89 -0.43 6.52
CA VAL A 234 -25.97 -0.36 5.05
C VAL A 234 -26.81 0.76 4.46
N ASN A 235 -26.19 1.42 3.48
CA ASN A 235 -26.82 2.42 2.63
C ASN A 235 -27.46 3.52 3.43
N GLY A 236 -27.48 3.33 4.75
CA GLY A 236 -28.17 4.18 5.68
C GLY A 236 -29.52 3.59 6.01
N TYR A 237 -29.61 2.27 5.92
CA TYR A 237 -30.89 1.57 6.09
C TYR A 237 -30.83 0.59 7.24
N VAL A 238 -31.37 1.00 8.39
CA VAL A 238 -30.82 0.61 9.68
C VAL A 238 -31.25 -0.81 10.06
N ASN A 239 -30.72 -1.31 11.16
CA ASN A 239 -31.43 -2.32 11.98
C ASN A 239 -31.89 -3.58 11.23
N ARG A 240 -32.91 -3.36 10.39
CA ARG A 240 -33.45 -4.37 9.48
C ARG A 240 -34.02 -3.70 8.23
N SER A 241 -34.00 -2.37 8.23
CA SER A 241 -34.59 -1.55 7.17
C SER A 241 -34.28 -2.11 5.80
N LEU A 242 -35.15 -1.81 4.86
CA LEU A 242 -35.00 -2.27 3.50
C LEU A 242 -35.08 -1.05 2.58
N PRO A 243 -34.26 -1.02 1.50
CA PRO A 243 -34.26 0.08 0.55
C PRO A 243 -35.29 -0.01 -0.59
N GLY A 244 -34.91 -0.57 -1.74
CA GLY A 244 -35.74 -0.41 -2.92
C GLY A 244 -35.80 -1.57 -3.90
N LEU A 245 -34.94 -1.53 -4.92
CA LEU A 245 -35.16 -2.29 -6.17
C LEU A 245 -34.31 -3.57 -6.41
N ILE A 246 -34.66 -4.21 -7.52
CA ILE A 246 -34.18 -5.51 -7.93
C ILE A 246 -33.67 -5.49 -9.39
N GLY A 247 -33.01 -6.56 -9.82
CA GLY A 247 -32.60 -6.79 -11.22
C GLY A 247 -33.17 -8.07 -11.81
N CYS A 248 -33.31 -8.11 -13.14
CA CYS A 248 -33.89 -9.25 -13.89
C CYS A 248 -33.21 -10.60 -13.60
N HIS A 249 -33.92 -11.70 -13.83
CA HIS A 249 -33.51 -12.98 -13.26
C HIS A 249 -32.52 -13.84 -14.05
N ARG A 250 -32.73 -13.98 -15.35
CA ARG A 250 -31.95 -14.91 -16.16
C ARG A 250 -30.52 -14.45 -16.51
N LYS A 251 -30.07 -13.34 -15.95
CA LYS A 251 -28.71 -12.90 -16.21
C LYS A 251 -28.02 -12.25 -15.01
N SER A 252 -27.06 -11.36 -15.27
CA SER A 252 -26.13 -10.90 -14.24
C SER A 252 -26.40 -9.49 -13.75
N VAL A 253 -25.99 -9.23 -12.51
CA VAL A 253 -26.20 -7.93 -11.90
C VAL A 253 -24.94 -7.46 -11.20
N TYR A 254 -24.46 -6.27 -11.57
CA TYR A 254 -23.19 -5.71 -11.09
C TYR A 254 -23.39 -4.67 -10.01
N TRP A 255 -22.61 -4.74 -8.93
CA TRP A 255 -22.68 -3.69 -7.91
C TRP A 255 -21.32 -3.11 -7.54
N HIS A 256 -21.22 -1.78 -7.66
CA HIS A 256 -20.06 -1.02 -7.17
C HIS A 256 -20.27 -0.83 -5.67
N VAL A 257 -19.40 -1.46 -4.90
CA VAL A 257 -19.63 -1.57 -3.49
C VAL A 257 -18.57 -0.73 -2.81
N ILE A 258 -19.02 0.26 -2.06
CA ILE A 258 -18.12 1.21 -1.38
C ILE A 258 -18.08 0.97 0.15
N GLY A 259 -16.92 0.53 0.65
CA GLY A 259 -16.70 0.36 2.10
C GLY A 259 -16.55 1.67 2.87
N MET A 260 -17.08 1.72 4.10
CA MET A 260 -17.15 2.98 4.87
C MET A 260 -16.85 2.89 6.37
N GLY A 261 -16.69 4.07 6.99
CA GLY A 261 -16.52 4.16 8.42
C GLY A 261 -15.57 5.24 8.87
N THR A 262 -15.38 5.29 10.18
CA THR A 262 -14.48 6.22 10.80
C THR A 262 -13.61 5.44 11.79
N THR A 263 -13.59 4.12 11.62
CA THR A 263 -12.81 3.23 12.47
C THR A 263 -12.51 1.90 11.74
N PRO A 264 -11.41 1.23 12.12
CA PRO A 264 -11.14 -0.17 11.73
C PRO A 264 -12.25 -1.20 12.08
N GLU A 265 -13.34 -1.20 11.31
CA GLU A 265 -14.52 -1.99 11.68
C GLU A 265 -14.98 -2.92 10.57
N VAL A 266 -14.38 -4.12 10.52
CA VAL A 266 -14.56 -5.10 9.44
C VAL A 266 -15.93 -5.76 9.39
N HIS A 267 -16.40 -6.03 8.18
CA HIS A 267 -17.66 -6.78 7.94
C HIS A 267 -17.42 -8.05 7.10
N SER A 268 -18.48 -8.70 6.63
CA SER A 268 -18.38 -9.89 5.79
C SER A 268 -19.77 -10.17 5.25
N ILE A 269 -19.98 -9.86 3.98
CA ILE A 269 -21.33 -9.73 3.39
C ILE A 269 -21.75 -10.91 2.50
N PHE A 270 -23.02 -11.30 2.55
CA PHE A 270 -23.48 -12.44 1.75
C PHE A 270 -24.85 -12.24 1.12
N LEU A 271 -25.12 -13.07 0.12
CA LEU A 271 -26.47 -13.53 -0.26
C LEU A 271 -26.34 -14.69 -1.27
N GLU A 272 -27.47 -15.23 -1.73
CA GLU A 272 -27.53 -16.57 -2.39
C GLU A 272 -27.31 -16.62 -3.91
N GLY A 273 -26.31 -17.40 -4.28
CA GLY A 273 -25.53 -17.13 -5.48
C GLY A 273 -24.18 -16.63 -4.99
N HIS A 274 -23.15 -16.82 -5.80
CA HIS A 274 -21.82 -16.81 -5.23
C HIS A 274 -21.12 -15.48 -5.04
N THR A 275 -21.38 -14.49 -5.89
CA THR A 275 -20.74 -13.12 -5.86
C THR A 275 -19.33 -13.13 -6.51
N PHE A 276 -19.26 -13.79 -7.68
CA PHE A 276 -18.00 -14.26 -8.27
C PHE A 276 -17.04 -13.19 -8.76
N LEU A 277 -17.49 -11.97 -9.05
CA LEU A 277 -16.49 -10.94 -9.40
C LEU A 277 -15.79 -10.43 -8.11
N VAL A 278 -14.46 -10.45 -8.16
CA VAL A 278 -13.60 -9.61 -7.33
C VAL A 278 -12.56 -9.04 -8.34
N ARG A 279 -11.69 -9.91 -8.86
CA ARG A 279 -11.29 -9.75 -10.23
C ARG A 279 -12.28 -10.75 -10.78
N ASN A 280 -12.00 -11.41 -11.89
CA ASN A 280 -12.67 -12.68 -12.07
C ASN A 280 -11.92 -13.68 -11.18
N HIS A 281 -11.46 -13.17 -10.03
CA HIS A 281 -11.03 -13.99 -8.90
C HIS A 281 -12.28 -14.17 -8.07
N ARG A 282 -12.60 -15.41 -7.71
CA ARG A 282 -14.01 -15.80 -7.56
C ARG A 282 -14.52 -16.26 -6.18
N GLN A 283 -15.22 -15.34 -5.53
CA GLN A 283 -15.25 -15.24 -4.07
C GLN A 283 -16.49 -15.66 -3.37
N ALA A 284 -16.29 -16.23 -2.19
CA ALA A 284 -17.33 -16.80 -1.33
C ALA A 284 -18.31 -15.77 -0.78
N SER A 285 -17.79 -14.58 -0.45
CA SER A 285 -18.55 -13.57 0.27
C SER A 285 -17.77 -12.29 0.40
N LEU A 286 -18.28 -11.21 -0.19
CA LEU A 286 -17.65 -9.89 -0.17
C LEU A 286 -17.22 -9.47 1.23
N GLU A 287 -15.97 -9.08 1.36
CA GLU A 287 -15.40 -8.93 2.67
C GLU A 287 -14.89 -7.51 2.84
N ILE A 288 -15.58 -6.69 3.62
CA ILE A 288 -15.29 -5.26 3.62
C ILE A 288 -14.66 -4.74 4.92
N SER A 289 -13.68 -3.86 4.72
CA SER A 289 -12.87 -3.28 5.80
C SER A 289 -12.92 -1.73 5.81
N PRO A 290 -12.23 -1.07 6.78
CA PRO A 290 -12.20 0.38 6.94
C PRO A 290 -12.74 1.15 5.74
N ILE A 291 -11.88 1.45 4.77
CA ILE A 291 -12.30 2.10 3.52
C ILE A 291 -11.91 1.24 2.32
N THR A 292 -12.90 0.68 1.65
CA THR A 292 -12.66 -0.35 0.64
C THR A 292 -13.61 -0.20 -0.53
N PHE A 293 -13.06 -0.25 -1.73
CA PHE A 293 -13.88 -0.43 -2.92
C PHE A 293 -13.19 -1.12 -4.08
N LEU A 294 -13.61 -2.35 -4.30
CA LEU A 294 -13.59 -2.92 -5.63
C LEU A 294 -15.00 -3.45 -5.88
N THR A 295 -15.22 -3.86 -7.12
CA THR A 295 -16.54 -3.97 -7.73
C THR A 295 -16.80 -5.39 -8.26
N ALA A 296 -18.02 -5.87 -8.01
CA ALA A 296 -18.33 -7.30 -8.10
C ALA A 296 -19.71 -7.61 -8.67
N GLN A 297 -19.87 -8.85 -9.14
CA GLN A 297 -21.07 -9.25 -9.86
C GLN A 297 -21.55 -10.63 -9.47
N THR A 298 -22.83 -10.90 -9.75
CA THR A 298 -23.51 -12.19 -9.47
C THR A 298 -24.59 -12.55 -10.49
N LEU A 299 -24.97 -13.82 -10.49
CA LEU A 299 -26.07 -14.29 -11.30
C LEU A 299 -27.34 -14.38 -10.45
N LEU A 300 -28.33 -15.14 -10.90
CA LEU A 300 -29.62 -15.26 -10.21
C LEU A 300 -30.38 -16.58 -10.46
N MET A 301 -31.35 -16.87 -9.59
CA MET A 301 -32.21 -18.06 -9.74
C MET A 301 -33.70 -17.72 -9.98
N ASP A 302 -34.39 -17.18 -8.95
CA ASP A 302 -35.74 -16.57 -9.07
C ASP A 302 -36.29 -15.71 -7.90
N LEU A 303 -37.57 -15.27 -8.00
CA LEU A 303 -38.23 -14.19 -7.14
C LEU A 303 -37.73 -14.06 -5.69
N GLY A 304 -37.36 -15.19 -5.10
CA GLY A 304 -36.82 -15.24 -3.75
C GLY A 304 -36.02 -14.00 -3.51
N GLN A 305 -36.63 -13.05 -2.81
CA GLN A 305 -35.85 -11.93 -2.37
C GLN A 305 -34.82 -12.51 -1.42
N PHE A 306 -33.57 -12.44 -1.86
CA PHE A 306 -32.50 -13.07 -1.11
C PHE A 306 -31.96 -12.21 0.04
N LEU A 307 -31.60 -12.95 1.07
CA LEU A 307 -31.35 -12.49 2.43
C LEU A 307 -29.97 -11.81 2.41
N LEU A 308 -29.79 -10.65 3.08
CA LEU A 308 -28.50 -9.89 2.95
C LEU A 308 -27.69 -9.55 4.23
N PHE A 309 -26.78 -10.45 4.59
CA PHE A 309 -26.13 -10.43 5.90
C PHE A 309 -25.00 -9.43 6.06
N CYS A 310 -24.68 -9.15 7.32
CA CYS A 310 -23.37 -8.68 7.73
C CYS A 310 -22.70 -9.87 8.41
N HIS A 311 -23.52 -10.83 8.80
CA HIS A 311 -23.10 -12.13 9.34
C HIS A 311 -21.85 -12.13 10.22
N ILE A 312 -21.89 -11.34 11.29
CA ILE A 312 -20.93 -11.46 12.38
C ILE A 312 -21.70 -11.28 13.71
N SER A 313 -21.25 -11.95 14.77
CA SER A 313 -21.98 -11.89 16.04
C SER A 313 -22.23 -10.46 16.52
N SER A 314 -21.18 -9.66 16.58
CA SER A 314 -21.22 -8.31 17.15
C SER A 314 -22.05 -7.30 16.33
N HIS A 315 -21.81 -7.29 15.03
CA HIS A 315 -22.45 -6.33 14.11
C HIS A 315 -23.92 -6.69 13.91
N GLN A 316 -24.21 -7.98 14.08
CA GLN A 316 -25.54 -8.57 13.89
C GLN A 316 -26.68 -7.73 14.47
N HIS A 317 -27.03 -7.95 15.74
CA HIS A 317 -28.14 -7.24 16.39
C HIS A 317 -28.41 -5.86 15.75
N ASP A 318 -27.41 -4.99 15.73
CA ASP A 318 -27.55 -3.65 15.12
C ASP A 318 -27.05 -3.62 13.67
N GLY A 319 -27.44 -4.62 12.88
CA GLY A 319 -26.79 -4.92 11.60
C GLY A 319 -27.49 -4.54 10.30
N MET A 320 -26.91 -5.03 9.21
CA MET A 320 -27.21 -4.56 7.88
C MET A 320 -28.03 -5.61 7.12
N GLU A 321 -28.97 -5.15 6.31
CA GLU A 321 -29.92 -6.03 5.64
C GLU A 321 -30.46 -5.38 4.37
N ALA A 322 -30.88 -6.18 3.41
CA ALA A 322 -31.68 -5.72 2.26
C ALA A 322 -32.11 -6.84 1.33
N TYR A 323 -33.17 -6.61 0.57
CA TYR A 323 -33.71 -7.69 -0.24
C TYR A 323 -33.30 -7.66 -1.71
N VAL A 324 -33.87 -8.55 -2.53
CA VAL A 324 -33.52 -8.69 -3.95
C VAL A 324 -34.55 -9.50 -4.76
N LYS A 325 -35.57 -8.83 -5.30
CA LYS A 325 -36.78 -9.49 -5.86
C LYS A 325 -36.66 -10.30 -7.20
N VAL A 326 -35.44 -10.56 -7.67
CA VAL A 326 -35.15 -11.38 -8.86
C VAL A 326 -36.35 -11.75 -9.76
N ASP A 327 -36.92 -10.80 -10.51
CA ASP A 327 -38.17 -11.10 -11.24
C ASP A 327 -38.06 -11.47 -12.73
N SER A 328 -39.18 -11.87 -13.33
CA SER A 328 -39.32 -12.17 -14.77
C SER A 328 -39.01 -10.91 -15.56
N CYS A 329 -39.00 -10.99 -16.90
CA CYS A 329 -38.38 -9.90 -17.67
C CYS A 329 -39.16 -8.95 -18.60
N PRO A 330 -38.75 -7.66 -18.62
CA PRO A 330 -39.12 -6.66 -19.62
C PRO A 330 -38.66 -6.97 -21.05
N GLU A 331 -37.36 -7.17 -21.28
CA GLU A 331 -36.75 -7.23 -22.65
C GLU A 331 -37.28 -8.29 -23.64
N GLU A 332 -38.25 -9.11 -23.20
CA GLU A 332 -39.13 -9.83 -24.12
C GLU A 332 -40.56 -9.27 -24.05
N PRO A 333 -41.00 -8.53 -25.12
CA PRO A 333 -42.36 -7.97 -25.18
C PRO A 333 -43.38 -8.94 -25.78
N LYS A 377 -14.09 -41.76 -17.87
CA LYS A 377 -13.43 -40.75 -17.02
C LYS A 377 -14.41 -39.61 -16.70
N HIS A 378 -15.64 -40.01 -16.37
CA HIS A 378 -16.81 -39.13 -16.29
C HIS A 378 -16.94 -38.31 -14.99
N PRO A 379 -18.20 -37.97 -14.57
CA PRO A 379 -18.42 -37.28 -13.30
C PRO A 379 -18.73 -38.23 -12.15
N LYS A 380 -18.15 -37.97 -10.98
CA LYS A 380 -18.22 -38.92 -9.87
C LYS A 380 -19.58 -38.87 -9.18
N THR A 381 -19.78 -39.80 -8.24
CA THR A 381 -20.97 -39.88 -7.42
C THR A 381 -20.60 -40.36 -5.99
N TRP A 382 -20.34 -39.38 -5.10
CA TRP A 382 -19.74 -39.59 -3.76
C TRP A 382 -20.72 -40.06 -2.69
N VAL A 383 -20.22 -40.72 -1.65
CA VAL A 383 -21.09 -41.23 -0.60
C VAL A 383 -20.55 -41.10 0.82
N HIS A 384 -21.40 -40.55 1.68
CA HIS A 384 -21.06 -40.30 3.06
C HIS A 384 -22.17 -40.67 4.04
N TYR A 385 -21.86 -41.66 4.87
CA TYR A 385 -22.68 -41.95 6.02
C TYR A 385 -22.02 -41.25 7.22
N ILE A 386 -22.63 -40.13 7.64
CA ILE A 386 -22.15 -39.34 8.78
C ILE A 386 -23.21 -39.30 9.85
N ALA A 387 -22.78 -39.39 11.10
CA ALA A 387 -23.64 -39.24 12.25
C ALA A 387 -23.17 -38.03 13.01
N ALA A 388 -24.10 -37.32 13.65
CA ALA A 388 -23.71 -36.34 14.65
C ALA A 388 -23.74 -37.08 15.97
N GLU A 389 -22.71 -36.90 16.79
CA GLU A 389 -22.51 -37.82 17.90
C GLU A 389 -21.74 -37.19 19.05
N GLU A 390 -22.21 -37.45 20.27
CA GLU A 390 -21.65 -36.88 21.49
C GLU A 390 -20.45 -37.71 21.94
N GLU A 391 -19.43 -37.01 22.44
CA GLU A 391 -18.17 -37.61 22.86
C GLU A 391 -17.62 -36.76 24.02
N ASP A 392 -16.34 -36.88 24.33
CA ASP A 392 -15.67 -35.96 25.27
C ASP A 392 -14.48 -35.30 24.56
N TRP A 393 -14.15 -34.06 24.92
CA TRP A 393 -12.99 -33.41 24.31
C TRP A 393 -11.95 -32.88 25.27
N ASP A 394 -10.75 -33.45 25.21
CA ASP A 394 -9.56 -32.91 25.91
C ASP A 394 -8.80 -32.03 24.93
N TYR A 395 -8.96 -30.72 25.07
CA TYR A 395 -8.30 -29.76 24.18
C TYR A 395 -6.76 -29.82 24.24
N ALA A 396 -6.21 -30.19 25.40
CA ALA A 396 -4.75 -30.16 25.61
C ALA A 396 -4.21 -31.42 26.31
N PRO A 397 -4.26 -32.57 25.61
CA PRO A 397 -3.91 -33.83 26.23
C PRO A 397 -2.40 -34.01 26.38
N LEU A 398 -1.73 -34.20 25.24
CA LEU A 398 -0.27 -34.38 25.17
C LEU A 398 0.43 -33.54 26.25
N VAL A 399 0.29 -32.22 26.14
CA VAL A 399 0.95 -31.26 27.06
C VAL A 399 -0.04 -30.69 28.10
N LEU A 400 0.44 -30.64 29.35
CA LEU A 400 -0.28 -30.04 30.47
C LEU A 400 0.72 -29.64 31.58
N ALA A 401 0.58 -28.43 32.12
CA ALA A 401 1.43 -27.95 33.23
C ALA A 401 0.83 -26.78 34.05
N PRO A 402 -0.47 -26.85 34.40
CA PRO A 402 -1.16 -25.72 35.05
C PRO A 402 -1.11 -25.65 36.59
N ASP A 403 -1.49 -24.48 37.12
CA ASP A 403 -1.90 -24.29 38.53
C ASP A 403 -2.75 -23.00 38.62
N ASP A 404 -2.20 -21.94 39.21
CA ASP A 404 -2.65 -20.57 38.94
C ASP A 404 -1.47 -19.90 38.25
N ARG A 405 -0.58 -20.77 37.78
CA ARG A 405 0.75 -20.46 37.29
C ARG A 405 0.76 -19.60 36.02
N SER A 406 -0.38 -19.47 35.37
CA SER A 406 -0.47 -18.78 34.06
C SER A 406 -1.88 -18.30 33.68
N TYR A 407 -1.96 -17.67 32.50
CA TYR A 407 -3.24 -17.40 31.85
C TYR A 407 -3.78 -18.70 31.30
N LYS A 408 -2.88 -19.60 30.90
CA LYS A 408 -3.26 -20.96 30.51
C LYS A 408 -3.71 -21.78 31.72
N SER A 409 -3.10 -21.52 32.88
CA SER A 409 -3.43 -22.20 34.12
C SER A 409 -4.88 -21.97 34.49
N GLN A 410 -5.40 -20.81 34.12
CA GLN A 410 -6.78 -20.43 34.41
C GLN A 410 -7.85 -21.15 33.58
N TYR A 411 -7.48 -21.68 32.41
CA TYR A 411 -8.46 -22.23 31.46
C TYR A 411 -9.14 -23.56 31.91
N LEU A 412 -10.40 -23.74 31.50
CA LEU A 412 -11.32 -24.79 32.01
C LEU A 412 -11.89 -24.58 33.43
N ASN A 413 -13.23 -24.61 33.52
CA ASN A 413 -14.00 -24.71 34.76
C ASN A 413 -13.47 -23.91 35.98
N ASN A 414 -13.72 -22.59 35.96
CA ASN A 414 -13.18 -21.66 36.96
C ASN A 414 -13.86 -21.74 38.35
N GLY A 415 -13.80 -22.93 38.95
CA GLY A 415 -14.12 -23.14 40.35
C GLY A 415 -12.91 -23.86 40.93
N PRO A 416 -13.07 -25.14 41.33
CA PRO A 416 -11.89 -26.00 41.53
C PRO A 416 -11.17 -26.49 40.24
N GLN A 417 -11.80 -27.34 39.43
CA GLN A 417 -11.11 -28.10 38.36
C GLN A 417 -10.56 -27.28 37.20
N ARG A 418 -9.28 -27.50 36.85
CA ARG A 418 -8.50 -26.53 36.04
C ARG A 418 -7.20 -27.04 35.35
N ILE A 419 -6.98 -28.36 35.35
CA ILE A 419 -5.78 -28.97 34.71
C ILE A 419 -5.84 -28.91 33.17
N GLY A 420 -5.31 -29.94 32.49
CA GLY A 420 -5.55 -30.13 31.05
C GLY A 420 -7.04 -30.31 30.83
N ARG A 421 -7.62 -29.54 29.90
CA ARG A 421 -9.06 -29.21 29.90
C ARG A 421 -10.03 -30.12 29.13
N LYS A 422 -10.99 -30.70 29.86
CA LYS A 422 -11.92 -31.71 29.33
C LYS A 422 -13.38 -31.27 29.35
N TYR A 423 -14.01 -31.24 28.18
CA TYR A 423 -15.43 -30.90 28.05
C TYR A 423 -16.19 -31.95 27.24
N LYS A 424 -17.52 -31.98 27.37
CA LYS A 424 -18.36 -32.90 26.58
C LYS A 424 -18.90 -32.19 25.36
N LYS A 425 -18.45 -32.64 24.19
CA LYS A 425 -18.83 -32.05 22.90
C LYS A 425 -19.66 -32.98 22.00
N VAL A 426 -20.16 -32.42 20.91
CA VAL A 426 -20.88 -33.18 19.89
C VAL A 426 -20.32 -32.88 18.49
N ARG A 427 -19.37 -33.71 18.06
CA ARG A 427 -18.79 -33.54 16.73
C ARG A 427 -19.31 -34.55 15.72
N PHE A 428 -19.52 -34.08 14.49
CA PHE A 428 -19.80 -34.93 13.36
C PHE A 428 -18.83 -36.09 13.32
N MET A 429 -19.33 -37.27 13.00
CA MET A 429 -18.49 -38.42 12.79
C MET A 429 -19.17 -39.40 11.83
N ALA A 430 -18.42 -39.87 10.83
CA ALA A 430 -18.95 -40.72 9.77
C ALA A 430 -18.81 -42.20 10.06
N TYR A 431 -19.77 -42.98 9.59
CA TYR A 431 -19.79 -44.45 9.76
C TYR A 431 -19.63 -45.16 8.41
N THR A 432 -19.53 -46.49 8.46
CA THR A 432 -19.21 -47.27 7.29
C THR A 432 -20.38 -47.42 6.37
N ASP A 433 -21.54 -47.74 6.93
CA ASP A 433 -22.73 -48.04 6.14
C ASP A 433 -24.00 -47.83 6.94
N GLU A 434 -25.14 -47.98 6.28
CA GLU A 434 -26.46 -47.74 6.86
C GLU A 434 -26.65 -48.31 8.27
N THR A 435 -26.17 -49.54 8.46
CA THR A 435 -25.97 -50.08 9.79
C THR A 435 -24.94 -49.21 10.50
N PHE A 436 -25.39 -48.17 11.18
CA PHE A 436 -24.48 -47.19 11.74
C PHE A 436 -23.67 -47.73 12.91
N LYS A 437 -22.95 -48.81 12.66
CA LYS A 437 -22.23 -49.50 13.73
C LYS A 437 -20.72 -49.33 13.65
N THR A 438 -20.11 -49.69 12.52
CA THR A 438 -18.64 -49.72 12.42
C THR A 438 -18.01 -48.32 12.47
N ARG A 439 -17.39 -48.07 13.63
CA ARG A 439 -16.59 -46.89 13.94
C ARG A 439 -15.64 -46.56 12.78
N GLU A 440 -15.73 -45.36 12.23
CA GLU A 440 -14.79 -44.96 11.17
C GLU A 440 -13.47 -44.51 11.75
N ALA A 441 -12.39 -45.24 11.42
CA ALA A 441 -11.05 -44.95 11.92
C ALA A 441 -10.77 -43.45 11.79
N ILE A 442 -10.37 -42.85 12.90
CA ILE A 442 -10.33 -41.38 13.03
C ILE A 442 -9.03 -40.77 12.47
N GLN A 443 -9.05 -39.45 12.31
CA GLN A 443 -7.88 -38.65 11.90
C GLN A 443 -7.41 -37.71 13.04
N HIS A 444 -6.79 -38.31 14.04
CA HIS A 444 -6.26 -37.65 15.25
C HIS A 444 -5.45 -36.36 15.03
N GLU A 445 -5.36 -35.91 13.77
CA GLU A 445 -4.84 -34.57 13.47
C GLU A 445 -5.98 -33.56 13.25
N SER A 446 -7.12 -34.03 12.76
CA SER A 446 -8.26 -33.15 12.49
C SER A 446 -9.09 -32.92 13.75
N GLY A 447 -8.67 -33.58 14.84
CA GLY A 447 -9.28 -33.42 16.16
C GLY A 447 -10.79 -33.42 16.10
N ILE A 448 -11.37 -32.26 16.41
CA ILE A 448 -12.80 -32.10 16.45
C ILE A 448 -13.46 -32.21 15.06
N LEU A 449 -12.69 -31.90 14.01
CA LEU A 449 -13.22 -31.72 12.65
C LEU A 449 -13.99 -32.89 12.06
N GLY A 450 -15.02 -32.59 11.28
CA GLY A 450 -15.84 -33.62 10.62
C GLY A 450 -15.04 -34.33 9.54
N PRO A 451 -15.58 -35.43 8.99
CA PRO A 451 -14.92 -36.15 7.90
C PRO A 451 -14.68 -35.24 6.68
N LEU A 452 -13.55 -35.43 5.98
CA LEU A 452 -13.18 -34.51 4.88
C LEU A 452 -14.05 -34.67 3.64
N LEU A 453 -14.95 -33.74 3.44
CA LEU A 453 -15.87 -33.86 2.32
C LEU A 453 -15.33 -33.24 1.05
N TYR A 454 -15.56 -33.93 -0.06
CA TYR A 454 -14.95 -33.59 -1.35
C TYR A 454 -15.89 -33.94 -2.50
N GLY A 455 -15.91 -33.06 -3.50
CA GLY A 455 -16.66 -33.27 -4.72
C GLY A 455 -16.32 -32.24 -5.79
N GLU A 456 -15.83 -32.72 -6.94
CA GLU A 456 -15.47 -31.87 -8.08
C GLU A 456 -16.70 -31.30 -8.75
N VAL A 457 -16.50 -30.31 -9.59
CA VAL A 457 -17.61 -29.81 -10.37
C VAL A 457 -18.17 -30.97 -11.16
N GLY A 458 -19.50 -31.10 -11.17
CA GLY A 458 -20.21 -32.13 -11.95
C GLY A 458 -20.71 -33.34 -11.16
N ASP A 459 -20.19 -33.46 -9.94
CA ASP A 459 -20.47 -34.62 -9.09
C ASP A 459 -21.66 -34.37 -8.19
N THR A 460 -22.04 -35.44 -7.52
CA THR A 460 -23.23 -35.48 -6.72
C THR A 460 -22.83 -36.16 -5.40
N LEU A 461 -23.08 -35.49 -4.28
CA LEU A 461 -22.81 -36.04 -2.95
C LEU A 461 -24.08 -36.60 -2.33
N LEU A 462 -24.17 -37.94 -2.20
CA LEU A 462 -25.27 -38.60 -1.48
C LEU A 462 -24.83 -38.72 -0.04
N ILE A 463 -25.28 -37.78 0.79
CA ILE A 463 -24.85 -37.69 2.18
C ILE A 463 -25.95 -38.13 3.15
N ILE A 464 -25.79 -39.36 3.64
CA ILE A 464 -26.77 -40.04 4.46
C ILE A 464 -26.44 -39.91 5.93
N PHE A 465 -27.31 -39.19 6.63
CA PHE A 465 -27.01 -38.57 7.91
C PHE A 465 -27.89 -38.98 9.11
N LYS A 466 -27.26 -39.61 10.11
CA LYS A 466 -27.91 -40.03 11.35
C LYS A 466 -27.59 -39.09 12.51
N ASN A 467 -28.62 -38.80 13.30
CA ASN A 467 -28.39 -38.18 14.59
C ASN A 467 -28.26 -39.29 15.61
N GLN A 468 -27.24 -39.19 16.43
CA GLN A 468 -27.06 -40.12 17.52
C GLN A 468 -26.68 -39.31 18.75
N ALA A 469 -27.17 -38.08 18.76
CA ALA A 469 -27.10 -37.20 19.90
C ALA A 469 -28.52 -36.77 20.22
N SER A 470 -28.84 -36.74 21.52
CA SER A 470 -30.20 -36.41 21.99
C SER A 470 -30.77 -35.11 21.39
N ARG A 471 -30.19 -33.97 21.81
CA ARG A 471 -30.62 -32.64 21.40
C ARG A 471 -30.42 -32.42 19.87
N PRO A 472 -31.52 -32.48 19.07
CA PRO A 472 -31.50 -32.68 17.61
C PRO A 472 -30.78 -31.61 16.76
N TYR A 473 -30.09 -32.07 15.70
CA TYR A 473 -29.40 -31.20 14.71
C TYR A 473 -29.64 -31.60 13.22
N ASN A 474 -28.90 -30.98 12.28
CA ASN A 474 -28.84 -31.38 10.83
C ASN A 474 -27.48 -31.22 10.10
N ILE A 475 -27.50 -31.00 8.78
CA ILE A 475 -26.29 -30.80 7.93
C ILE A 475 -26.49 -29.94 6.69
N TYR A 476 -25.73 -28.87 6.60
CA TYR A 476 -25.79 -28.06 5.42
C TYR A 476 -24.41 -27.58 5.02
N PRO A 477 -24.09 -27.68 3.72
CA PRO A 477 -22.83 -27.22 3.19
C PRO A 477 -22.89 -25.75 2.72
N HIS A 478 -22.08 -24.91 3.36
CA HIS A 478 -21.81 -23.57 2.86
C HIS A 478 -20.87 -23.80 1.68
N GLY A 479 -21.38 -23.59 0.47
CA GLY A 479 -20.66 -23.91 -0.77
C GLY A 479 -21.59 -24.20 -1.96
N ILE A 480 -22.19 -25.38 -1.97
CA ILE A 480 -23.12 -25.75 -3.04
C ILE A 480 -24.49 -25.11 -2.86
N THR A 481 -25.20 -24.98 -3.96
CA THR A 481 -26.51 -24.34 -3.96
C THR A 481 -27.61 -25.33 -4.29
N ASP A 482 -27.27 -26.44 -4.95
CA ASP A 482 -28.25 -27.47 -5.30
C ASP A 482 -28.30 -28.58 -4.23
N VAL A 483 -28.86 -28.24 -3.07
CA VAL A 483 -28.96 -29.20 -1.96
C VAL A 483 -30.42 -29.56 -1.65
N ARG A 484 -30.79 -30.77 -2.03
CA ARG A 484 -32.17 -31.23 -2.01
C ARG A 484 -32.20 -32.64 -1.45
N PRO A 485 -33.24 -33.00 -0.66
CA PRO A 485 -33.34 -34.34 -0.10
C PRO A 485 -33.29 -35.39 -1.19
N LEU A 486 -32.60 -36.49 -0.93
CA LEU A 486 -32.25 -37.47 -1.97
C LEU A 486 -33.31 -37.66 -3.04
N TYR A 487 -34.41 -38.28 -2.68
CA TYR A 487 -35.31 -38.78 -3.69
C TYR A 487 -36.32 -37.80 -4.26
N SER A 488 -36.79 -36.87 -3.45
CA SER A 488 -37.81 -35.92 -3.91
C SER A 488 -37.30 -34.50 -3.89
N ARG A 489 -38.10 -33.61 -4.47
CA ARG A 489 -37.90 -32.19 -4.35
C ARG A 489 -38.96 -31.66 -3.35
N ARG A 490 -39.22 -32.43 -2.29
CA ARG A 490 -40.14 -32.03 -1.21
C ARG A 490 -39.54 -30.97 -0.29
N LEU A 491 -40.32 -30.52 0.67
CA LEU A 491 -39.77 -29.82 1.82
C LEU A 491 -40.38 -30.46 3.06
N PRO A 492 -39.53 -30.96 3.99
CA PRO A 492 -39.99 -31.81 5.09
C PRO A 492 -41.36 -31.39 5.56
N LYS A 493 -42.38 -31.91 4.88
CA LYS A 493 -43.78 -31.67 5.21
C LYS A 493 -44.19 -30.21 5.54
N GLY A 494 -43.27 -29.39 6.06
CA GLY A 494 -43.64 -28.10 6.62
C GLY A 494 -42.71 -26.91 6.49
N VAL A 495 -41.39 -27.13 6.51
CA VAL A 495 -40.42 -26.03 6.61
C VAL A 495 -39.98 -25.37 5.29
N LYS A 496 -39.51 -24.12 5.37
CA LYS A 496 -39.16 -23.31 4.19
C LYS A 496 -37.88 -23.71 3.41
N HIS A 497 -36.90 -24.30 4.11
CA HIS A 497 -35.76 -25.03 3.46
C HIS A 497 -34.73 -25.70 4.41
N LEU A 498 -34.28 -26.89 4.02
CA LEU A 498 -33.58 -27.88 4.86
C LEU A 498 -32.67 -27.45 6.00
N LYS A 499 -31.96 -26.33 5.83
CA LYS A 499 -31.17 -25.81 6.92
C LYS A 499 -32.08 -25.20 7.98
N ASP A 500 -33.31 -25.71 8.02
CA ASP A 500 -34.36 -25.17 8.87
C ASP A 500 -34.54 -25.80 10.24
N PHE A 501 -35.13 -27.00 10.26
CA PHE A 501 -35.57 -27.64 11.52
C PHE A 501 -35.30 -29.18 11.56
N PRO A 502 -35.11 -29.83 10.38
CA PRO A 502 -35.28 -31.29 10.37
C PRO A 502 -34.30 -32.11 11.27
N ILE A 503 -34.51 -33.43 11.31
CA ILE A 503 -33.70 -34.45 12.05
C ILE A 503 -33.67 -34.39 13.59
N LEU A 504 -34.45 -35.31 14.19
CA LEU A 504 -34.55 -35.51 15.63
C LEU A 504 -33.53 -36.55 16.05
N PRO A 505 -33.42 -36.80 17.36
CA PRO A 505 -32.63 -37.95 17.82
C PRO A 505 -33.10 -39.20 17.12
N GLY A 506 -32.17 -40.06 16.74
CA GLY A 506 -32.51 -41.35 16.16
C GLY A 506 -32.67 -41.38 14.65
N GLU A 507 -33.59 -40.57 14.11
CA GLU A 507 -33.95 -40.61 12.69
C GLU A 507 -32.79 -40.22 11.74
N ILE A 508 -32.79 -40.81 10.54
CA ILE A 508 -31.77 -40.59 9.52
C ILE A 508 -32.37 -39.95 8.27
N PHE A 509 -31.61 -39.07 7.62
CA PHE A 509 -32.07 -38.36 6.40
C PHE A 509 -31.08 -38.50 5.26
N LYS A 510 -31.57 -38.86 4.07
CA LYS A 510 -30.72 -38.96 2.91
C LYS A 510 -30.73 -37.64 2.12
N TYR A 511 -29.61 -36.92 2.13
CA TYR A 511 -29.48 -35.62 1.48
C TYR A 511 -28.77 -35.79 0.13
N LYS A 512 -29.09 -34.94 -0.85
CA LYS A 512 -28.35 -34.87 -2.12
C LYS A 512 -27.73 -33.48 -2.36
N TRP A 513 -26.41 -33.48 -2.44
CA TRP A 513 -25.62 -32.32 -2.82
C TRP A 513 -25.05 -32.50 -4.25
N THR A 514 -25.59 -31.71 -5.19
CA THR A 514 -25.13 -31.71 -6.58
C THR A 514 -24.31 -30.44 -6.83
N VAL A 515 -23.11 -30.62 -7.37
CA VAL A 515 -22.15 -29.52 -7.51
C VAL A 515 -21.96 -29.14 -8.95
N THR A 516 -22.13 -27.86 -9.23
CA THR A 516 -22.09 -27.35 -10.59
C THR A 516 -21.04 -26.26 -10.73
N VAL A 517 -20.76 -25.87 -11.98
CA VAL A 517 -19.57 -25.05 -12.26
C VAL A 517 -19.56 -23.75 -11.48
N GLU A 518 -20.75 -23.28 -11.14
CA GLU A 518 -20.94 -21.97 -10.55
C GLU A 518 -20.38 -21.87 -9.15
N ASP A 519 -20.44 -22.99 -8.40
CA ASP A 519 -19.96 -23.02 -7.01
C ASP A 519 -18.57 -23.60 -6.83
N GLY A 520 -17.93 -23.90 -7.96
CA GLY A 520 -16.56 -24.34 -7.95
C GLY A 520 -15.61 -23.30 -8.52
N PRO A 521 -14.30 -23.61 -8.53
CA PRO A 521 -13.31 -22.63 -8.89
C PRO A 521 -13.45 -22.24 -10.33
N THR A 522 -12.37 -21.71 -10.89
CA THR A 522 -12.41 -21.23 -12.24
C THR A 522 -11.04 -21.19 -12.87
N LYS A 523 -10.98 -20.56 -14.04
CA LYS A 523 -9.73 -20.48 -14.77
C LYS A 523 -8.81 -19.48 -14.09
N SER A 524 -9.23 -18.98 -12.93
CA SER A 524 -8.40 -18.04 -12.21
C SER A 524 -7.97 -18.51 -10.82
N ASP A 525 -8.93 -19.00 -10.05
CA ASP A 525 -8.76 -19.33 -8.63
C ASP A 525 -7.60 -20.30 -8.35
N PRO A 526 -7.67 -20.98 -7.21
CA PRO A 526 -6.96 -22.24 -7.15
C PRO A 526 -7.77 -23.23 -7.93
N ARG A 527 -7.52 -24.51 -7.71
CA ARG A 527 -8.34 -25.51 -8.36
C ARG A 527 -9.27 -26.13 -7.33
N CYS A 528 -9.10 -25.73 -6.08
CA CYS A 528 -9.91 -26.29 -5.01
C CYS A 528 -10.27 -25.28 -3.96
N LEU A 529 -11.40 -24.59 -4.11
CA LEU A 529 -11.77 -23.58 -3.12
C LEU A 529 -12.18 -24.20 -1.79
N THR A 530 -11.96 -23.45 -0.70
CA THR A 530 -12.20 -23.99 0.63
C THR A 530 -13.53 -23.54 1.21
N ARG A 531 -14.23 -24.52 1.75
CA ARG A 531 -15.56 -24.34 2.28
C ARG A 531 -15.74 -25.35 3.41
N TYR A 532 -16.96 -25.46 3.94
CA TYR A 532 -17.22 -26.23 5.15
C TYR A 532 -18.69 -26.54 5.29
N TYR A 533 -19.00 -27.50 6.17
CA TYR A 533 -20.37 -27.75 6.66
C TYR A 533 -20.51 -27.57 8.17
N SER A 534 -21.50 -26.79 8.57
CA SER A 534 -21.91 -26.64 9.96
C SER A 534 -23.18 -27.48 10.07
N SER A 535 -23.79 -27.51 11.26
CA SER A 535 -25.22 -27.83 11.33
C SER A 535 -26.00 -26.55 11.61
N PHE A 536 -27.29 -26.58 11.30
CA PHE A 536 -28.09 -25.35 11.26
C PHE A 536 -29.44 -25.33 12.02
N VAL A 537 -29.65 -26.29 12.93
CA VAL A 537 -30.83 -26.22 13.80
C VAL A 537 -30.71 -24.96 14.69
N ASN A 538 -29.56 -24.79 15.36
CA ASN A 538 -29.17 -23.49 15.94
C ASN A 538 -27.87 -23.04 15.26
N MET A 539 -27.51 -21.76 15.35
CA MET A 539 -26.34 -21.32 14.60
C MET A 539 -25.01 -21.78 15.20
N GLU A 540 -24.68 -21.23 16.36
CA GLU A 540 -23.43 -21.58 17.06
C GLU A 540 -23.78 -22.24 18.39
N ARG A 541 -24.96 -21.87 18.90
CA ARG A 541 -25.58 -22.60 19.98
C ARG A 541 -25.70 -24.06 19.48
N ASP A 542 -25.31 -24.25 18.21
CA ASP A 542 -25.01 -25.55 17.64
C ASP A 542 -23.50 -25.71 17.44
N LEU A 543 -23.01 -25.13 16.33
CA LEU A 543 -21.59 -25.15 15.95
C LEU A 543 -20.65 -25.20 17.16
N ALA A 544 -20.71 -24.17 18.01
CA ALA A 544 -19.79 -24.04 19.14
C ALA A 544 -19.66 -25.35 19.93
N SER A 545 -20.70 -26.18 19.90
CA SER A 545 -20.68 -27.43 20.64
C SER A 545 -20.05 -28.59 19.87
N GLY A 546 -19.62 -28.35 18.64
CA GLY A 546 -18.80 -29.32 17.87
C GLY A 546 -19.14 -29.63 16.41
N LEU A 547 -20.17 -28.98 15.91
CA LEU A 547 -20.72 -29.32 14.58
C LEU A 547 -19.95 -28.68 13.41
N ILE A 548 -18.74 -29.18 13.18
CA ILE A 548 -17.89 -28.66 12.12
C ILE A 548 -17.21 -29.76 11.31
N GLY A 549 -17.11 -29.52 9.99
CA GLY A 549 -16.45 -30.41 9.03
C GLY A 549 -16.17 -29.77 7.67
N PRO A 550 -14.99 -30.08 7.08
CA PRO A 550 -14.47 -29.39 5.90
C PRO A 550 -15.02 -29.90 4.55
N LEU A 551 -15.59 -28.98 3.78
CA LEU A 551 -16.13 -29.29 2.47
C LEU A 551 -15.23 -28.71 1.41
N LEU A 552 -14.89 -29.52 0.43
CA LEU A 552 -13.92 -29.14 -0.57
C LEU A 552 -14.59 -29.21 -1.93
N ILE A 553 -14.70 -28.06 -2.60
CA ILE A 553 -15.21 -28.03 -3.98
C ILE A 553 -14.06 -27.78 -4.98
N CYS A 554 -14.02 -28.57 -6.05
CA CYS A 554 -12.85 -28.60 -6.96
C CYS A 554 -13.09 -28.73 -8.45
N TYR A 555 -12.11 -28.22 -9.20
CA TYR A 555 -11.95 -28.37 -10.65
C TYR A 555 -12.05 -29.81 -11.15
N LYS A 556 -12.35 -29.99 -12.44
CA LYS A 556 -12.54 -31.32 -13.01
C LYS A 556 -11.20 -32.02 -13.30
N GLU A 557 -11.12 -33.34 -13.02
CA GLU A 557 -9.90 -34.20 -13.30
C GLU A 557 -9.96 -35.70 -12.87
N SER A 558 -9.53 -36.62 -13.76
CA SER A 558 -9.31 -38.07 -13.44
C SER A 558 -8.54 -38.86 -14.53
N VAL A 559 -7.26 -39.20 -14.23
CA VAL A 559 -6.25 -39.68 -15.23
C VAL A 559 -6.36 -38.89 -16.57
N ASP A 560 -6.32 -37.55 -16.41
CA ASP A 560 -6.54 -36.51 -17.47
C ASP A 560 -6.64 -35.11 -16.79
N GLN A 561 -6.57 -34.04 -17.58
CA GLN A 561 -6.72 -32.62 -17.12
C GLN A 561 -5.40 -31.91 -16.73
N ARG A 562 -5.00 -31.99 -15.46
CA ARG A 562 -3.65 -31.56 -15.02
C ARG A 562 -3.14 -32.17 -13.72
N GLY A 563 -1.92 -32.71 -13.77
CA GLY A 563 -1.24 -33.31 -12.62
C GLY A 563 -1.84 -34.60 -12.11
N ASN A 564 -1.88 -35.61 -12.99
CA ASN A 564 -2.44 -36.94 -12.68
C ASN A 564 -1.68 -38.06 -13.43
N GLN A 565 -0.36 -38.11 -13.23
CA GLN A 565 0.51 -39.08 -13.93
C GLN A 565 1.30 -40.08 -13.04
N ILE A 566 1.65 -39.68 -11.80
CA ILE A 566 2.27 -40.61 -10.81
C ILE A 566 1.57 -40.64 -9.40
N MET A 567 1.09 -39.48 -8.92
CA MET A 567 0.18 -39.34 -7.74
C MET A 567 -0.22 -37.88 -7.46
N SER A 568 -1.45 -37.68 -6.97
CA SER A 568 -1.84 -36.38 -6.37
C SER A 568 -1.80 -36.46 -4.82
N ASP A 569 -0.66 -36.01 -4.27
CA ASP A 569 -0.32 -36.07 -2.82
C ASP A 569 -1.43 -35.49 -1.88
N LYS A 570 -1.76 -36.24 -0.82
CA LYS A 570 -3.03 -36.09 -0.02
C LYS A 570 -3.52 -34.70 0.42
N ARG A 571 -4.74 -34.69 0.96
CA ARG A 571 -5.42 -33.48 1.41
C ARG A 571 -5.39 -33.35 2.95
N ASN A 572 -5.21 -32.11 3.42
CA ASN A 572 -4.90 -31.80 4.82
C ASN A 572 -5.46 -30.42 5.28
N VAL A 573 -6.23 -30.40 6.36
CA VAL A 573 -7.00 -29.21 6.78
C VAL A 573 -6.70 -28.64 8.15
N ILE A 574 -6.47 -27.34 8.20
CA ILE A 574 -6.34 -26.62 9.45
C ILE A 574 -7.62 -25.78 9.61
N LEU A 575 -8.17 -25.78 10.82
CA LEU A 575 -9.34 -24.96 11.16
C LEU A 575 -9.08 -24.08 12.36
N PHE A 576 -9.05 -22.78 12.12
CA PHE A 576 -8.86 -21.79 13.18
C PHE A 576 -10.19 -21.50 13.85
N SER A 577 -10.35 -21.98 15.08
CA SER A 577 -11.63 -21.90 15.77
C SER A 577 -11.61 -21.63 17.28
N VAL A 578 -12.29 -20.54 17.64
CA VAL A 578 -12.66 -20.26 19.02
C VAL A 578 -14.01 -20.88 19.27
N PHE A 579 -14.01 -21.87 20.16
CA PHE A 579 -15.23 -22.49 20.66
C PHE A 579 -15.65 -21.82 21.96
N ASP A 580 -16.86 -21.27 21.98
CA ASP A 580 -17.34 -20.52 23.14
C ASP A 580 -18.27 -21.36 23.99
N GLU A 581 -17.67 -22.27 24.76
CA GLU A 581 -18.40 -23.21 25.59
C GLU A 581 -19.59 -22.53 26.27
N ASN A 582 -19.41 -21.25 26.58
CA ASN A 582 -20.44 -20.43 27.22
C ASN A 582 -21.79 -20.40 26.50
N ARG A 583 -21.82 -20.96 25.29
CA ARG A 583 -23.04 -20.95 24.51
C ARG A 583 -23.45 -22.37 24.16
N SER A 584 -22.57 -23.33 24.43
CA SER A 584 -22.70 -24.71 23.91
C SER A 584 -23.93 -25.43 24.45
N TRP A 585 -24.59 -26.18 23.57
CA TRP A 585 -25.82 -26.90 23.89
C TRP A 585 -25.61 -28.00 24.94
N TYR A 586 -24.48 -27.91 25.64
CA TYR A 586 -24.08 -28.82 26.71
C TYR A 586 -23.56 -27.95 27.85
N LEU A 587 -24.21 -26.79 27.99
CA LEU A 587 -23.75 -25.69 28.84
C LEU A 587 -23.40 -26.12 30.25
N THR A 588 -24.43 -26.20 31.10
CA THR A 588 -24.30 -26.54 32.52
C THR A 588 -24.40 -28.05 32.74
N GLU A 589 -24.71 -28.76 31.66
CA GLU A 589 -24.43 -30.17 31.58
C GLU A 589 -22.99 -30.36 32.04
N ASN A 590 -22.07 -29.69 31.36
CA ASN A 590 -20.63 -29.79 31.63
C ASN A 590 -20.15 -29.35 33.01
N ILE A 591 -20.98 -28.61 33.77
CA ILE A 591 -20.60 -28.13 35.11
C ILE A 591 -20.89 -29.11 36.25
N GLN A 592 -21.92 -29.94 36.09
CA GLN A 592 -22.15 -31.05 36.99
C GLN A 592 -21.09 -32.12 36.74
N ARG A 593 -20.58 -32.14 35.52
CA ARG A 593 -19.56 -33.09 35.09
C ARG A 593 -18.20 -32.75 35.71
N PHE A 594 -17.32 -32.19 34.89
CA PHE A 594 -15.90 -32.01 35.20
C PHE A 594 -15.67 -31.12 36.44
N LEU A 595 -16.41 -30.00 36.53
CA LEU A 595 -16.36 -29.13 37.70
C LEU A 595 -16.90 -29.92 38.87
N PRO A 596 -16.13 -29.99 39.97
CA PRO A 596 -16.47 -30.80 41.14
C PRO A 596 -17.83 -30.43 41.73
N ASN A 597 -17.86 -29.42 42.58
CA ASN A 597 -19.09 -29.06 43.28
C ASN A 597 -19.78 -27.80 42.75
N PRO A 598 -21.03 -27.96 42.29
CA PRO A 598 -21.95 -26.85 42.14
C PRO A 598 -22.60 -26.47 43.49
N ALA A 599 -22.07 -26.99 44.60
CA ALA A 599 -22.53 -26.67 45.98
C ALA A 599 -22.51 -25.15 46.21
N GLY A 600 -21.82 -24.48 45.29
CA GLY A 600 -21.98 -23.08 44.97
C GLY A 600 -22.14 -23.02 43.47
N VAL A 601 -23.39 -23.12 43.02
CA VAL A 601 -23.74 -23.26 41.59
C VAL A 601 -23.48 -22.02 40.69
N GLN A 602 -22.52 -21.19 41.08
CA GLN A 602 -22.18 -19.91 40.39
C GLN A 602 -22.17 -19.98 38.85
N LEU A 603 -22.63 -18.91 38.18
CA LEU A 603 -22.62 -18.80 36.70
C LEU A 603 -22.15 -17.42 36.24
N GLU A 604 -22.56 -17.00 35.03
CA GLU A 604 -22.45 -15.60 34.53
C GLU A 604 -21.41 -14.75 35.30
N ASP A 605 -20.19 -14.62 34.76
CA ASP A 605 -19.06 -14.10 35.55
C ASP A 605 -18.02 -13.38 34.68
N PRO A 606 -17.28 -12.41 35.27
CA PRO A 606 -16.11 -11.85 34.57
C PRO A 606 -15.09 -12.88 34.03
N GLU A 607 -14.45 -13.64 34.92
CA GLU A 607 -13.34 -14.52 34.56
C GLU A 607 -13.73 -15.93 34.09
N PHE A 608 -14.86 -16.42 34.58
CA PHE A 608 -15.37 -17.75 34.26
C PHE A 608 -15.88 -17.80 32.81
N GLN A 609 -16.56 -16.73 32.38
CA GLN A 609 -16.97 -16.60 31.00
C GLN A 609 -15.74 -16.62 30.11
N ALA A 610 -14.70 -15.87 30.50
CA ALA A 610 -13.42 -15.90 29.79
C ALA A 610 -12.69 -17.26 29.92
N SER A 611 -13.10 -18.06 30.89
CA SER A 611 -12.43 -19.30 31.23
C SER A 611 -12.77 -20.44 30.28
N ASN A 612 -13.69 -20.19 29.35
CA ASN A 612 -14.17 -21.23 28.44
C ASN A 612 -14.16 -20.83 26.96
N ILE A 613 -13.82 -19.57 26.70
CA ILE A 613 -13.58 -19.10 25.35
C ILE A 613 -12.32 -19.81 24.86
N MET A 614 -12.52 -20.88 24.10
CA MET A 614 -11.42 -21.78 23.75
C MET A 614 -10.83 -21.53 22.35
N HIS A 615 -9.78 -20.71 22.32
CA HIS A 615 -9.10 -20.36 21.08
C HIS A 615 -8.20 -21.52 20.70
N SER A 616 -8.58 -22.26 19.63
CA SER A 616 -7.86 -23.49 19.22
C SER A 616 -7.84 -23.76 17.72
N ILE A 617 -6.89 -24.59 17.29
CA ILE A 617 -6.86 -25.11 15.90
C ILE A 617 -7.14 -26.61 15.84
N ASN A 618 -8.36 -26.94 15.42
CA ASN A 618 -8.89 -28.31 15.44
C ASN A 618 -9.10 -28.89 16.85
N GLY A 619 -9.58 -28.05 17.76
CA GLY A 619 -9.85 -28.46 19.14
C GLY A 619 -8.57 -28.53 19.95
N TYR A 620 -7.47 -28.88 19.29
CA TYR A 620 -6.18 -28.90 19.95
C TYR A 620 -5.73 -27.45 20.21
N VAL A 621 -5.10 -27.23 21.35
CA VAL A 621 -4.75 -25.89 21.82
C VAL A 621 -3.40 -25.91 22.56
N PHE A 622 -2.82 -24.74 22.78
CA PHE A 622 -1.58 -24.59 23.56
C PHE A 622 -0.49 -25.60 23.17
N ASP A 623 -0.14 -25.59 21.90
CA ASP A 623 0.83 -26.52 21.33
C ASP A 623 0.42 -27.97 21.60
N SER A 624 -0.90 -28.19 21.67
CA SER A 624 -1.42 -29.55 21.75
C SER A 624 -1.49 -30.11 20.37
N LEU A 625 -1.39 -31.44 20.30
CA LEU A 625 -1.00 -32.15 19.08
C LEU A 625 -0.83 -31.19 17.86
N GLN A 626 0.43 -31.12 17.45
CA GLN A 626 0.94 -30.32 16.35
C GLN A 626 0.58 -30.96 14.99
N LEU A 627 1.59 -31.23 14.14
CA LEU A 627 1.41 -32.01 12.92
C LEU A 627 2.74 -32.58 12.41
N SER A 628 2.69 -33.84 12.02
CA SER A 628 3.84 -34.49 11.39
C SER A 628 3.85 -34.30 9.88
N VAL A 629 4.97 -33.78 9.37
CA VAL A 629 5.28 -33.69 7.94
C VAL A 629 6.79 -33.90 7.75
N CYS A 630 7.26 -33.85 6.50
CA CYS A 630 8.69 -33.97 6.20
C CYS A 630 9.17 -33.12 5.01
N LEU A 631 10.49 -32.97 4.86
CA LEU A 631 11.03 -31.99 3.92
C LEU A 631 11.13 -32.56 2.52
N HIS A 632 11.02 -31.67 1.52
CA HIS A 632 10.81 -32.02 0.11
C HIS A 632 9.40 -32.53 -0.19
N GLU A 633 8.66 -32.88 0.86
CA GLU A 633 7.21 -33.14 0.75
C GLU A 633 6.52 -31.87 0.27
N VAL A 634 5.47 -32.03 -0.52
CA VAL A 634 4.80 -30.87 -1.09
C VAL A 634 3.32 -31.17 -1.32
N ALA A 635 2.45 -30.37 -0.69
CA ALA A 635 0.99 -30.41 -0.94
C ALA A 635 0.26 -29.18 -0.44
N TYR A 636 -1.01 -29.10 -0.79
CA TYR A 636 -1.88 -27.97 -0.48
C TYR A 636 -2.31 -27.98 0.98
N TRP A 637 -2.39 -26.80 1.60
CA TRP A 637 -3.16 -26.65 2.85
C TRP A 637 -4.52 -25.99 2.58
N TYR A 638 -5.57 -26.46 3.23
CA TYR A 638 -6.85 -25.78 3.19
C TYR A 638 -7.17 -25.29 4.58
N ILE A 639 -7.41 -23.99 4.71
CA ILE A 639 -7.63 -23.36 6.02
C ILE A 639 -8.81 -22.38 6.06
N LEU A 640 -9.38 -22.24 7.26
CA LEU A 640 -10.59 -21.43 7.44
C LEU A 640 -10.72 -20.84 8.85
N SER A 641 -11.45 -19.74 8.97
CA SER A 641 -11.81 -19.24 10.28
C SER A 641 -13.27 -19.46 10.51
N ILE A 642 -13.57 -20.06 11.65
CA ILE A 642 -14.93 -20.43 12.04
C ILE A 642 -15.08 -20.24 13.55
N GLY A 643 -16.25 -19.75 13.99
CA GLY A 643 -16.59 -19.57 15.42
C GLY A 643 -15.90 -18.45 16.18
N ALA A 644 -14.59 -18.32 15.95
CA ALA A 644 -13.78 -17.19 16.39
C ALA A 644 -14.15 -16.00 15.53
N GLN A 645 -15.15 -15.26 15.96
CA GLN A 645 -15.62 -14.17 15.13
C GLN A 645 -15.43 -12.81 15.81
N THR A 646 -16.24 -11.82 15.43
CA THR A 646 -16.07 -10.44 15.87
C THR A 646 -14.77 -9.82 15.30
N ASP A 647 -13.81 -10.69 14.94
CA ASP A 647 -12.47 -10.26 14.48
C ASP A 647 -11.95 -11.07 13.27
N PHE A 648 -10.79 -10.67 12.76
CA PHE A 648 -10.10 -11.43 11.72
C PHE A 648 -8.81 -12.07 12.20
N LEU A 649 -8.24 -12.90 11.34
CA LEU A 649 -7.02 -13.60 11.67
C LEU A 649 -5.95 -13.50 10.59
N SER A 650 -4.90 -12.73 10.84
CA SER A 650 -3.69 -12.87 10.04
C SER A 650 -3.01 -14.13 10.58
N VAL A 651 -2.63 -15.06 9.70
CA VAL A 651 -2.17 -16.40 10.12
C VAL A 651 -0.71 -16.74 9.79
N PHE A 652 -0.07 -17.50 10.68
CA PHE A 652 1.37 -17.50 10.82
C PHE A 652 2.11 -18.49 9.91
N PHE A 653 2.71 -19.53 10.50
CA PHE A 653 3.69 -20.43 9.85
C PHE A 653 5.09 -19.85 9.97
N SER A 654 5.88 -20.40 10.88
CA SER A 654 7.24 -19.90 11.12
C SER A 654 8.16 -20.30 9.97
N GLY A 655 8.88 -19.31 9.43
CA GLY A 655 9.86 -19.51 8.35
C GLY A 655 9.34 -20.02 7.01
N TYR A 656 8.08 -20.41 6.99
CA TYR A 656 7.49 -20.95 5.79
C TYR A 656 6.69 -19.93 5.05
N THR A 657 6.58 -20.18 3.75
CA THR A 657 5.96 -19.24 2.84
C THR A 657 5.08 -20.01 1.87
N PHE A 658 3.96 -19.40 1.50
CA PHE A 658 3.01 -20.05 0.61
C PHE A 658 2.61 -19.28 -0.65
N LYS A 659 2.04 -20.04 -1.59
CA LYS A 659 1.56 -19.53 -2.88
C LYS A 659 0.03 -19.58 -2.90
N HIS A 660 -0.55 -18.58 -2.27
CA HIS A 660 -1.99 -18.39 -2.26
C HIS A 660 -2.28 -17.33 -3.30
N LYS A 661 -3.28 -17.58 -4.16
CA LYS A 661 -3.70 -16.66 -5.22
C LYS A 661 -2.64 -16.49 -6.33
N MET A 662 -1.86 -17.56 -6.53
CA MET A 662 -0.62 -17.54 -7.36
C MET A 662 0.28 -16.28 -7.28
N VAL A 663 0.44 -15.78 -6.06
CA VAL A 663 1.50 -14.86 -5.70
C VAL A 663 2.24 -15.62 -4.59
N TYR A 664 3.29 -15.06 -4.01
CA TYR A 664 3.86 -15.67 -2.81
C TYR A 664 3.81 -14.65 -1.66
N GLU A 665 3.03 -14.96 -0.62
CA GLU A 665 2.91 -14.14 0.59
C GLU A 665 3.34 -15.02 1.73
N ASP A 666 3.61 -14.41 2.88
CA ASP A 666 3.99 -15.17 4.09
C ASP A 666 2.92 -15.16 5.19
N THR A 667 1.86 -14.39 5.00
CA THR A 667 0.77 -14.34 5.97
C THR A 667 -0.57 -14.20 5.31
N LEU A 668 -1.49 -15.01 5.80
CA LEU A 668 -2.82 -15.08 5.23
C LEU A 668 -3.78 -14.34 6.13
N THR A 669 -4.45 -13.33 5.59
CA THR A 669 -5.48 -12.61 6.33
C THR A 669 -6.83 -13.30 6.14
N LEU A 670 -7.47 -13.63 7.26
CA LEU A 670 -8.69 -14.44 7.27
C LEU A 670 -9.82 -13.91 8.13
N PHE A 671 -10.95 -13.64 7.49
CA PHE A 671 -12.18 -13.14 8.12
C PHE A 671 -12.92 -14.13 9.11
N PRO A 672 -14.27 -14.22 9.10
CA PRO A 672 -14.99 -15.34 9.71
C PRO A 672 -15.82 -16.25 8.75
N PHE A 673 -15.89 -15.86 7.49
CA PHE A 673 -16.37 -16.75 6.44
C PHE A 673 -15.25 -17.69 6.09
N SER A 674 -14.07 -17.26 6.52
CA SER A 674 -12.87 -17.32 5.69
C SER A 674 -12.43 -18.66 5.15
N GLY A 675 -12.78 -18.90 3.91
CA GLY A 675 -12.29 -20.06 3.20
C GLY A 675 -11.21 -19.61 2.26
N GLU A 676 -9.99 -20.07 2.52
CA GLU A 676 -8.88 -19.83 1.60
C GLU A 676 -7.94 -21.02 1.50
N THR A 677 -7.28 -21.14 0.35
CA THR A 677 -6.57 -22.35 -0.07
C THR A 677 -5.11 -22.10 -0.49
N VAL A 678 -4.14 -22.44 0.35
CA VAL A 678 -2.74 -22.16 0.05
C VAL A 678 -1.99 -23.36 -0.54
N PHE A 679 -0.74 -23.11 -0.94
CA PHE A 679 0.13 -24.17 -1.43
C PHE A 679 1.54 -23.92 -0.94
N MET A 680 2.29 -25.00 -0.70
CA MET A 680 3.51 -24.93 0.09
C MET A 680 4.57 -25.97 -0.26
N SER A 681 5.79 -25.49 -0.52
CA SER A 681 6.96 -26.34 -0.72
C SER A 681 7.63 -26.57 0.64
N MET A 682 7.39 -27.73 1.24
CA MET A 682 7.95 -28.06 2.56
C MET A 682 9.42 -28.45 2.46
N GLU A 683 10.32 -27.49 2.72
CA GLU A 683 11.77 -27.78 2.72
C GLU A 683 12.59 -26.90 3.68
N ASN A 684 12.00 -26.57 4.83
CA ASN A 684 12.71 -25.86 5.88
C ASN A 684 12.67 -26.67 7.19
N PRO A 685 13.68 -27.54 7.38
CA PRO A 685 13.78 -28.49 8.50
C PRO A 685 13.86 -27.87 9.89
N GLY A 686 12.89 -28.21 10.74
CA GLY A 686 12.87 -27.81 12.15
C GLY A 686 11.51 -27.61 12.81
N LEU A 687 11.53 -27.23 14.09
CA LEU A 687 10.32 -26.81 14.80
C LEU A 687 9.91 -25.49 14.18
N TRP A 688 8.62 -25.36 13.88
CA TRP A 688 8.09 -24.08 13.45
C TRP A 688 6.80 -23.81 14.18
N ILE A 689 6.73 -22.65 14.82
CA ILE A 689 5.59 -22.26 15.64
C ILE A 689 4.46 -21.68 14.80
N LEU A 690 3.69 -22.56 14.17
CA LEU A 690 2.46 -22.17 13.51
C LEU A 690 1.54 -21.58 14.56
N GLY A 691 0.99 -20.42 14.23
CA GLY A 691 -0.02 -19.80 15.06
C GLY A 691 -0.69 -18.78 14.18
N CYS A 692 -0.83 -17.59 14.70
CA CYS A 692 -1.34 -16.50 13.92
C CYS A 692 -0.60 -15.21 14.23
N HIS A 693 -0.50 -14.38 13.20
CA HIS A 693 0.23 -13.10 13.19
C HIS A 693 -0.31 -12.10 14.21
N ASN A 694 -1.39 -12.49 14.89
CA ASN A 694 -1.95 -11.70 15.98
C ASN A 694 -1.43 -12.29 17.28
N SER A 695 -0.71 -11.48 18.06
CA SER A 695 -0.14 -11.93 19.32
C SER A 695 -0.98 -11.49 20.51
N ASP A 696 -2.26 -11.88 20.48
CA ASP A 696 -3.19 -11.71 21.61
C ASP A 696 -4.17 -12.87 21.74
N PHE A 697 -4.03 -13.85 20.84
CA PHE A 697 -4.69 -15.14 20.96
C PHE A 697 -3.64 -16.22 21.08
N ARG A 698 -2.56 -16.10 20.32
CA ARG A 698 -1.47 -17.08 20.37
C ARG A 698 -0.81 -17.15 21.76
N ASN A 699 -1.41 -16.44 22.72
CA ASN A 699 -1.05 -16.55 24.13
C ASN A 699 -2.25 -17.08 24.93
N ARG A 700 -3.46 -16.78 24.42
CA ARG A 700 -4.72 -17.35 24.91
C ARG A 700 -4.90 -18.77 24.36
N GLY A 701 -3.79 -19.41 24.00
CA GLY A 701 -3.78 -20.71 23.33
C GLY A 701 -3.44 -20.51 21.87
N MET A 702 -4.30 -21.00 20.98
CA MET A 702 -4.32 -20.62 19.56
C MET A 702 -2.98 -20.84 18.83
N THR A 703 -2.17 -21.79 19.29
CA THR A 703 -0.95 -22.17 18.56
C THR A 703 -0.78 -23.66 18.52
N ALA A 704 -0.20 -24.13 17.43
CA ALA A 704 0.24 -25.50 17.34
C ALA A 704 1.71 -25.47 16.91
N LEU A 705 2.30 -26.65 16.70
CA LEU A 705 3.66 -26.78 16.17
C LEU A 705 3.70 -27.54 14.86
N LEU A 706 4.78 -27.42 14.10
CA LEU A 706 4.97 -28.32 12.97
C LEU A 706 6.40 -28.82 12.92
N LYS A 707 6.55 -30.08 12.51
CA LYS A 707 7.84 -30.74 12.45
C LYS A 707 8.19 -31.16 11.04
N VAL A 708 9.48 -31.11 10.71
CA VAL A 708 9.95 -31.42 9.37
C VAL A 708 11.32 -32.09 9.47
N SER A 709 11.47 -33.20 8.75
CA SER A 709 12.75 -33.94 8.64
C SER A 709 12.64 -34.98 7.53
N SER A 710 13.76 -35.33 6.89
CA SER A 710 13.74 -36.25 5.74
C SER A 710 12.94 -37.58 5.96
N CYS A 711 12.46 -38.16 4.86
CA CYS A 711 11.55 -39.32 4.90
C CYS A 711 12.17 -40.60 4.34
N ASP A 712 11.44 -41.28 3.44
CA ASP A 712 11.97 -42.45 2.69
C ASP A 712 11.22 -42.88 1.41
N LYS A 713 9.97 -43.33 1.53
CA LYS A 713 9.19 -43.92 0.40
C LYS A 713 9.72 -45.25 -0.14
N PHE B 43 27.21 -14.02 -16.87
CA PHE B 43 26.51 -13.38 -15.71
C PHE B 43 26.72 -14.20 -14.43
N GLN B 44 26.82 -13.51 -13.30
CA GLN B 44 27.27 -14.09 -12.03
C GLN B 44 26.21 -14.16 -10.91
N LYS B 45 26.54 -14.87 -9.82
CA LYS B 45 25.78 -14.83 -8.55
C LYS B 45 26.58 -14.03 -7.51
N LYS B 46 25.91 -13.38 -6.56
CA LYS B 46 26.62 -12.62 -5.51
C LYS B 46 26.23 -12.98 -4.07
N THR B 47 27.25 -13.10 -3.22
CA THR B 47 27.08 -13.26 -1.79
C THR B 47 27.19 -11.89 -1.12
N ARG B 48 26.04 -11.27 -0.88
CA ARG B 48 25.96 -9.88 -0.40
C ARG B 48 25.70 -9.80 1.09
N HIS B 49 26.73 -9.54 1.88
CA HIS B 49 26.53 -9.42 3.33
C HIS B 49 26.01 -8.05 3.64
N TYR B 50 25.40 -7.92 4.83
CA TYR B 50 24.95 -6.66 5.39
C TYR B 50 25.34 -6.63 6.87
N PHE B 51 26.31 -5.79 7.21
CA PHE B 51 26.78 -5.68 8.57
C PHE B 51 25.85 -4.74 9.31
N ILE B 52 25.03 -5.33 10.19
CA ILE B 52 23.87 -4.67 10.77
C ILE B 52 23.74 -4.94 12.27
N ALA B 53 23.12 -4.01 13.01
CA ALA B 53 22.99 -4.11 14.47
C ALA B 53 21.67 -3.53 14.96
N ALA B 54 21.53 -3.45 16.29
CA ALA B 54 20.35 -2.89 16.93
C ALA B 54 20.73 -1.94 18.05
N VAL B 55 20.28 -0.68 17.95
CA VAL B 55 20.63 0.39 18.91
C VAL B 55 19.40 1.26 19.26
N GLU B 56 19.60 2.40 19.96
CA GLU B 56 18.50 3.31 20.39
C GLU B 56 18.86 4.81 20.49
N ARG B 57 17.83 5.66 20.45
CA ARG B 57 17.91 7.13 20.59
C ARG B 57 16.48 7.67 20.74
N LEU B 58 15.83 7.83 19.58
CA LEU B 58 14.38 7.58 19.33
C LEU B 58 13.51 8.61 18.59
N TRP B 59 12.70 9.33 19.35
CA TRP B 59 11.54 9.93 18.73
C TRP B 59 11.47 11.41 18.96
N ASP B 60 11.67 12.14 17.87
CA ASP B 60 11.63 13.58 17.88
C ASP B 60 10.30 14.04 17.29
N TYR B 61 9.87 15.24 17.68
CA TYR B 61 8.70 15.87 17.08
C TYR B 61 9.08 17.23 16.45
N GLY B 62 9.55 18.18 17.28
CA GLY B 62 9.90 19.54 16.84
C GLY B 62 9.80 19.85 15.34
N MET B 63 8.68 20.45 14.94
CA MET B 63 8.47 20.94 13.57
C MET B 63 7.92 22.38 13.59
N SER B 64 6.66 22.52 14.01
CA SER B 64 6.02 23.82 14.25
C SER B 64 4.77 23.65 15.13
N SER B 65 4.06 22.53 14.92
CA SER B 65 2.80 22.22 15.59
C SER B 65 2.99 21.61 16.98
N GLY B 77 9.12 24.76 25.24
CA GLY B 77 8.74 23.55 24.46
C GLY B 77 8.79 22.27 25.29
N SER B 78 7.62 21.66 25.51
CA SER B 78 7.46 20.56 26.47
C SER B 78 7.73 19.14 25.93
N VAL B 79 8.09 19.04 24.64
CA VAL B 79 8.34 17.74 23.95
C VAL B 79 8.98 16.62 24.80
N PRO B 80 8.48 15.35 24.68
CA PRO B 80 9.04 14.24 25.46
C PRO B 80 10.18 13.47 24.77
N GLN B 81 11.12 13.01 25.58
CA GLN B 81 12.13 12.05 25.15
C GLN B 81 11.45 10.69 25.09
N PHE B 82 11.89 9.86 24.17
CA PHE B 82 11.50 8.45 24.14
C PHE B 82 12.76 7.63 23.88
N LYS B 83 12.79 6.37 24.32
CA LYS B 83 14.00 5.56 24.26
C LYS B 83 13.79 4.13 23.72
N LYS B 84 13.03 4.00 22.63
CA LYS B 84 12.80 2.72 21.94
C LYS B 84 14.03 2.22 21.18
N VAL B 85 13.97 0.98 20.69
CA VAL B 85 15.10 0.33 19.99
C VAL B 85 14.92 0.41 18.48
N VAL B 86 16.03 0.46 17.73
CA VAL B 86 15.99 0.41 16.26
C VAL B 86 17.10 -0.47 15.70
N PHE B 87 16.90 -0.96 14.49
CA PHE B 87 17.97 -1.55 13.68
C PHE B 87 18.87 -0.45 13.12
N GLN B 88 20.14 -0.78 12.86
CA GLN B 88 21.08 0.20 12.28
C GLN B 88 22.14 -0.51 11.47
N GLU B 89 22.37 0.00 10.27
CA GLU B 89 23.40 -0.55 9.37
C GLU B 89 24.77 0.00 9.73
N PHE B 90 25.76 -0.88 9.88
CA PHE B 90 27.14 -0.46 10.15
C PHE B 90 28.04 -0.67 8.93
N THR B 91 29.35 -0.51 9.12
CA THR B 91 30.29 -0.47 8.00
C THR B 91 31.07 -1.77 7.77
N ASP B 92 31.39 -2.49 8.84
CA ASP B 92 32.09 -3.77 8.76
C ASP B 92 31.94 -4.58 10.06
N GLY B 93 32.80 -5.58 10.25
CA GLY B 93 32.79 -6.42 11.46
C GLY B 93 33.18 -5.67 12.72
N SER B 94 34.04 -4.66 12.59
CA SER B 94 34.48 -3.81 13.70
C SER B 94 33.39 -2.81 14.16
N PHE B 95 32.15 -3.13 13.81
CA PHE B 95 30.98 -2.31 14.16
C PHE B 95 31.34 -0.91 14.65
N THR B 96 31.91 -0.11 13.76
CA THR B 96 32.26 1.28 14.10
C THR B 96 31.49 2.33 13.29
N GLN B 97 31.76 2.45 11.98
CA GLN B 97 31.12 3.52 11.16
C GLN B 97 29.61 3.42 11.16
N PRO B 98 28.93 4.51 11.57
CA PRO B 98 27.50 4.42 11.79
C PRO B 98 26.80 4.28 10.46
N LEU B 99 27.54 4.56 9.37
CA LEU B 99 27.06 4.43 7.99
C LEU B 99 25.98 5.48 7.63
N TYR B 100 26.27 6.76 7.90
CA TYR B 100 25.35 7.89 7.65
C TYR B 100 24.22 7.56 6.65
N ARG B 101 22.98 7.74 7.08
CA ARG B 101 21.81 7.50 6.23
C ARG B 101 21.69 8.53 5.11
N GLY B 102 21.89 8.09 3.87
CA GLY B 102 21.98 9.00 2.74
C GLY B 102 20.67 9.64 2.34
N GLU B 103 20.74 10.86 1.82
CA GLU B 103 19.58 11.62 1.31
C GLU B 103 18.61 10.81 0.48
N LEU B 104 19.12 9.74 -0.11
CA LEU B 104 18.34 8.88 -0.98
C LEU B 104 17.48 7.89 -0.20
N ASN B 105 17.89 7.55 1.03
CA ASN B 105 17.07 6.72 1.92
C ASN B 105 17.01 7.17 3.37
N GLU B 106 16.43 8.35 3.58
CA GLU B 106 16.24 8.88 4.92
C GLU B 106 14.78 8.86 5.30
N HIS B 107 13.94 8.63 4.29
CA HIS B 107 12.55 8.26 4.50
C HIS B 107 12.43 7.06 5.44
N LEU B 108 13.36 6.12 5.27
CA LEU B 108 13.48 4.93 6.08
C LEU B 108 13.49 5.33 7.55
N GLY B 109 14.31 6.33 7.89
CA GLY B 109 14.22 7.05 9.18
C GLY B 109 14.26 6.32 10.53
N LEU B 110 13.09 5.91 11.03
CA LEU B 110 12.90 5.27 12.37
C LEU B 110 12.78 3.73 12.33
N LEU B 111 13.09 3.14 11.16
CA LEU B 111 13.24 1.70 11.04
C LEU B 111 14.57 1.35 10.39
N GLY B 112 14.75 0.09 10.03
CA GLY B 112 16.04 -0.47 9.59
C GLY B 112 16.39 -0.31 8.13
N PRO B 113 17.65 -0.63 7.78
CA PRO B 113 18.12 -0.41 6.42
C PRO B 113 17.62 -1.47 5.45
N TYR B 114 17.68 -1.13 4.17
CA TYR B 114 17.25 -2.01 3.10
C TYR B 114 18.23 -3.15 2.97
N ILE B 115 17.70 -4.38 2.97
CA ILE B 115 18.44 -5.62 2.64
C ILE B 115 17.88 -6.19 1.33
N ARG B 116 18.77 -6.44 0.36
CA ARG B 116 18.39 -6.60 -1.05
C ARG B 116 19.09 -7.77 -1.74
N ALA B 117 18.35 -8.50 -2.56
CA ALA B 117 18.91 -9.66 -3.27
C ALA B 117 18.21 -9.97 -4.59
N GLU B 118 18.94 -10.62 -5.49
CA GLU B 118 18.37 -11.18 -6.71
C GLU B 118 17.89 -12.63 -6.50
N VAL B 119 17.45 -13.30 -7.57
CA VAL B 119 16.87 -14.65 -7.46
C VAL B 119 17.91 -15.64 -6.97
N GLU B 120 18.79 -16.10 -7.83
CA GLU B 120 19.74 -17.14 -7.46
C GLU B 120 20.90 -16.57 -6.65
N ASP B 121 20.58 -16.02 -5.47
CA ASP B 121 21.54 -15.19 -4.72
C ASP B 121 22.00 -15.73 -3.36
N ASN B 122 22.74 -14.87 -2.65
CA ASN B 122 23.22 -15.13 -1.31
C ASN B 122 22.98 -13.95 -0.40
N ILE B 123 22.30 -14.20 0.71
CA ILE B 123 22.05 -13.17 1.69
C ILE B 123 22.82 -13.54 2.95
N MET B 124 23.46 -12.56 3.57
CA MET B 124 24.21 -12.78 4.81
C MET B 124 24.02 -11.66 5.81
N VAL B 125 23.87 -12.01 7.08
CA VAL B 125 23.75 -11.00 8.13
C VAL B 125 24.67 -11.32 9.28
N THR B 126 25.66 -10.47 9.47
CA THR B 126 26.52 -10.59 10.62
C THR B 126 26.05 -9.54 11.61
N PHE B 127 25.44 -10.01 12.70
CA PHE B 127 24.59 -9.21 13.60
C PHE B 127 25.14 -9.09 15.03
N ARG B 128 25.15 -7.86 15.54
CA ARG B 128 25.45 -7.61 16.94
C ARG B 128 24.31 -6.88 17.65
N ASN B 129 23.95 -7.39 18.82
CA ASN B 129 23.00 -6.72 19.70
C ASN B 129 23.72 -5.81 20.67
N GLN B 130 23.18 -4.61 20.84
CA GLN B 130 23.67 -3.65 21.81
C GLN B 130 22.41 -3.10 22.49
N ALA B 131 22.02 -3.70 23.62
CA ALA B 131 20.79 -3.33 24.34
C ALA B 131 20.60 -4.10 25.66
N SER B 132 19.43 -3.91 26.30
CA SER B 132 19.05 -4.66 27.49
C SER B 132 18.50 -6.04 27.10
N ARG B 133 17.18 -6.14 26.98
CA ARG B 133 16.48 -7.36 26.54
C ARG B 133 17.14 -7.83 25.23
N PRO B 134 17.75 -9.03 25.24
CA PRO B 134 18.33 -9.60 24.01
C PRO B 134 17.29 -9.76 22.89
N TYR B 135 17.67 -9.40 21.66
CA TYR B 135 16.76 -9.49 20.49
C TYR B 135 17.33 -10.39 19.40
N SER B 136 16.74 -10.37 18.20
CA SER B 136 17.16 -11.23 17.08
C SER B 136 16.71 -10.77 15.70
N PHE B 137 17.41 -11.28 14.67
CA PHE B 137 16.98 -11.19 13.26
C PHE B 137 16.02 -12.33 12.96
N TYR B 138 15.01 -12.05 12.16
CA TYR B 138 14.08 -13.07 11.68
C TYR B 138 13.24 -12.53 10.54
N SER B 139 13.13 -13.32 9.48
CA SER B 139 12.09 -13.14 8.47
C SER B 139 11.60 -14.50 8.01
N SER B 140 10.92 -14.52 6.88
CA SER B 140 10.37 -15.76 6.36
C SER B 140 11.45 -16.70 5.81
N LEU B 141 11.97 -16.47 4.59
CA LEU B 141 13.11 -17.31 4.13
C LEU B 141 14.27 -17.04 5.07
N ILE B 142 14.35 -17.86 6.09
CA ILE B 142 15.47 -17.84 6.97
C ILE B 142 15.94 -19.28 6.94
N SER B 143 15.96 -19.83 5.73
CA SER B 143 16.22 -21.25 5.46
C SER B 143 17.36 -21.86 6.27
N TYR B 144 17.05 -22.30 7.49
CA TYR B 144 18.02 -22.99 8.33
C TYR B 144 18.32 -24.35 7.69
N GLU B 145 19.19 -25.13 8.34
CA GLU B 145 19.72 -26.30 7.66
C GLU B 145 19.82 -27.59 8.46
N GLU B 146 19.49 -28.70 7.78
CA GLU B 146 19.83 -30.07 8.22
C GLU B 146 19.20 -30.50 9.55
N ASP B 147 20.05 -31.03 10.44
CA ASP B 147 19.68 -31.50 11.77
C ASP B 147 20.92 -31.57 12.69
N GLN B 148 20.73 -32.08 13.92
CA GLN B 148 21.83 -32.20 14.90
C GLN B 148 21.56 -33.24 16.03
N ARG B 149 22.63 -33.70 16.68
CA ARG B 149 22.55 -34.45 17.93
C ARG B 149 21.95 -33.51 18.98
N GLN B 150 20.62 -33.56 19.11
CA GLN B 150 19.86 -32.53 19.80
C GLN B 150 18.80 -33.13 20.76
N GLY B 151 18.05 -32.27 21.44
CA GLY B 151 17.00 -32.69 22.38
C GLY B 151 15.63 -32.17 21.98
N ALA B 152 15.08 -32.74 20.90
CA ALA B 152 13.81 -32.32 20.27
C ALA B 152 13.92 -31.06 19.38
N GLU B 153 15.14 -30.78 18.90
CA GLU B 153 15.45 -29.68 17.94
C GLU B 153 15.29 -28.22 18.43
N PRO B 154 16.12 -27.80 19.41
CA PRO B 154 16.30 -26.37 19.68
C PRO B 154 16.71 -25.58 18.43
N ARG B 155 15.72 -25.09 17.71
CA ARG B 155 15.93 -24.25 16.54
C ARG B 155 15.74 -22.77 16.93
N LYS B 156 15.95 -22.50 18.21
CA LYS B 156 15.65 -21.19 18.80
C LYS B 156 16.72 -20.15 18.45
N ASN B 157 16.28 -19.05 17.84
CA ASN B 157 17.16 -17.94 17.53
C ASN B 157 17.13 -16.87 18.63
N PHE B 158 18.24 -16.78 19.36
CA PHE B 158 18.40 -15.90 20.51
C PHE B 158 19.76 -15.18 20.44
N VAL B 159 19.73 -13.85 20.34
CA VAL B 159 20.97 -13.07 20.22
C VAL B 159 21.20 -12.16 21.42
N LYS B 160 22.03 -12.66 22.35
CA LYS B 160 22.34 -11.96 23.60
C LYS B 160 23.22 -10.73 23.36
N PRO B 161 23.04 -9.68 24.18
CA PRO B 161 23.78 -8.43 24.01
C PRO B 161 25.30 -8.64 23.88
N ASN B 162 25.92 -7.82 23.02
CA ASN B 162 27.34 -7.92 22.66
C ASN B 162 27.82 -9.20 21.97
N GLU B 163 27.01 -10.27 22.00
CA GLU B 163 27.35 -11.48 21.25
C GLU B 163 27.03 -11.28 19.78
N THR B 164 27.63 -12.10 18.92
CA THR B 164 27.46 -11.99 17.48
C THR B 164 26.83 -13.27 16.91
N LYS B 165 25.57 -13.16 16.47
CA LYS B 165 24.92 -14.26 15.78
C LYS B 165 24.82 -13.98 14.29
N THR B 166 25.59 -14.75 13.53
CA THR B 166 25.74 -14.54 12.11
C THR B 166 24.96 -15.60 11.33
N TYR B 167 23.98 -15.17 10.52
CA TYR B 167 23.27 -16.11 9.64
C TYR B 167 23.08 -15.72 8.15
N PHE B 168 23.10 -16.76 7.32
CA PHE B 168 23.28 -16.65 5.86
C PHE B 168 22.82 -17.91 5.13
N TRP B 169 22.15 -17.72 4.00
CA TRP B 169 21.28 -18.74 3.36
C TRP B 169 21.00 -18.44 1.89
N LYS B 170 20.86 -19.48 1.08
CA LYS B 170 20.46 -19.29 -0.31
C LYS B 170 19.06 -18.72 -0.30
N VAL B 171 18.82 -17.70 -1.11
CA VAL B 171 17.47 -17.16 -1.27
C VAL B 171 16.81 -17.77 -2.49
N GLN B 172 16.19 -18.91 -2.28
CA GLN B 172 15.52 -19.66 -3.34
C GLN B 172 14.41 -18.84 -4.02
N HIS B 173 13.88 -19.37 -5.12
CA HIS B 173 12.71 -18.85 -5.82
C HIS B 173 11.42 -18.85 -4.94
N HIS B 174 11.49 -19.59 -3.83
CA HIS B 174 10.62 -19.42 -2.65
C HIS B 174 10.28 -17.92 -2.44
N MET B 175 11.30 -17.12 -2.10
CA MET B 175 11.17 -15.66 -1.83
C MET B 175 11.07 -14.76 -3.09
N ALA B 176 11.17 -15.32 -4.28
CA ALA B 176 11.22 -14.50 -5.48
C ALA B 176 9.85 -14.12 -6.01
N PRO B 177 9.74 -12.90 -6.56
CA PRO B 177 8.63 -12.45 -7.41
C PRO B 177 8.65 -13.13 -8.78
N THR B 178 7.51 -13.10 -9.49
CA THR B 178 7.30 -13.92 -10.70
C THR B 178 7.09 -13.12 -11.99
N LYS B 179 6.98 -13.85 -13.12
CA LYS B 179 6.74 -13.26 -14.45
C LYS B 179 5.44 -12.46 -14.54
N ASP B 180 4.48 -12.87 -13.70
CA ASP B 180 3.21 -12.18 -13.57
C ASP B 180 3.42 -10.90 -12.75
N GLU B 181 4.40 -10.94 -11.84
CA GLU B 181 4.55 -9.90 -10.80
C GLU B 181 5.30 -8.62 -11.20
N PHE B 182 6.00 -8.02 -10.22
CA PHE B 182 6.79 -6.79 -10.41
C PHE B 182 8.28 -7.05 -10.41
N ASP B 183 9.07 -6.02 -10.75
CA ASP B 183 10.51 -6.17 -10.80
C ASP B 183 11.11 -6.54 -9.45
N CYS B 184 10.34 -6.33 -8.38
CA CYS B 184 10.75 -6.73 -7.04
C CYS B 184 9.58 -6.85 -6.04
N LYS B 185 9.60 -7.91 -5.23
CA LYS B 185 8.61 -8.14 -4.16
C LYS B 185 9.15 -7.59 -2.82
N ALA B 186 8.28 -7.47 -1.83
CA ALA B 186 8.65 -6.88 -0.53
C ALA B 186 8.33 -7.75 0.69
N TRP B 187 9.31 -7.86 1.58
CA TRP B 187 9.26 -8.78 2.71
C TRP B 187 9.73 -8.11 3.98
N ALA B 188 9.27 -8.61 5.11
CA ALA B 188 9.63 -8.03 6.39
C ALA B 188 10.67 -8.85 7.13
N TYR B 189 11.54 -8.15 7.87
CA TYR B 189 12.35 -8.76 8.92
C TYR B 189 12.10 -8.02 10.22
N PHE B 190 12.14 -8.75 11.34
CA PHE B 190 11.99 -8.16 12.69
C PHE B 190 12.55 -9.05 13.80
N SER B 191 12.52 -8.57 15.04
CA SER B 191 12.94 -9.40 16.15
C SER B 191 11.84 -10.36 16.59
N ASP B 192 12.20 -11.63 16.61
CA ASP B 192 11.26 -12.70 16.96
C ASP B 192 11.39 -13.17 18.41
N VAL B 193 12.29 -12.53 19.16
CA VAL B 193 12.41 -12.75 20.60
C VAL B 193 11.04 -12.48 21.23
N ASP B 194 10.46 -11.33 20.93
CA ASP B 194 9.05 -11.12 21.24
C ASP B 194 8.33 -10.34 20.14
N LEU B 195 8.10 -11.02 19.02
CA LEU B 195 7.34 -10.51 17.87
C LEU B 195 6.18 -9.56 18.23
N GLU B 196 5.59 -9.77 19.40
CA GLU B 196 4.55 -8.90 19.95
C GLU B 196 5.10 -7.54 20.39
N LYS B 197 6.03 -7.56 21.33
CA LYS B 197 6.59 -6.32 21.88
C LYS B 197 7.66 -5.71 20.96
N ASP B 198 8.56 -6.55 20.44
CA ASP B 198 9.73 -6.12 19.64
C ASP B 198 9.37 -5.53 18.26
N VAL B 199 8.10 -5.14 18.13
CA VAL B 199 7.54 -4.50 16.94
C VAL B 199 7.05 -3.06 17.31
N HIS B 200 6.50 -2.92 18.52
CA HIS B 200 6.18 -1.61 19.10
C HIS B 200 7.48 -1.03 19.64
N SER B 201 8.39 -1.92 20.03
CA SER B 201 9.70 -1.56 20.52
C SER B 201 10.49 -0.83 19.47
N GLY B 202 10.58 -1.42 18.28
CA GLY B 202 11.19 -0.73 17.16
C GLY B 202 12.21 -1.52 16.37
N LEU B 203 11.84 -2.73 15.99
CA LEU B 203 12.71 -3.51 15.12
C LEU B 203 11.95 -3.95 13.87
N ILE B 204 11.32 -2.97 13.19
CA ILE B 204 10.73 -3.15 11.87
C ILE B 204 11.89 -3.09 10.88
N GLY B 205 11.84 -3.93 9.85
CA GLY B 205 12.86 -3.93 8.80
C GLY B 205 12.39 -4.41 7.43
N PRO B 206 12.87 -3.76 6.34
CA PRO B 206 12.51 -4.05 4.95
C PRO B 206 13.49 -4.97 4.21
N LEU B 207 12.95 -5.81 3.34
CA LEU B 207 13.77 -6.76 2.63
C LEU B 207 13.24 -6.90 1.22
N LEU B 208 14.13 -6.77 0.24
CA LEU B 208 13.74 -6.73 -1.17
C LEU B 208 14.36 -7.86 -1.97
N VAL B 209 13.53 -8.54 -2.75
CA VAL B 209 13.95 -9.72 -3.47
C VAL B 209 13.66 -9.53 -4.95
N CYS B 210 14.71 -9.51 -5.77
CA CYS B 210 14.59 -9.05 -7.17
C CYS B 210 14.86 -10.09 -8.26
N HIS B 211 14.29 -9.87 -9.45
CA HIS B 211 14.60 -10.67 -10.65
C HIS B 211 16.08 -10.55 -10.94
N THR B 212 16.64 -11.53 -11.66
CA THR B 212 18.05 -11.46 -12.02
C THR B 212 18.26 -10.35 -13.04
N ASN B 213 19.43 -9.70 -12.94
CA ASN B 213 19.78 -8.54 -13.76
C ASN B 213 18.83 -7.35 -13.53
N THR B 214 18.66 -6.95 -12.27
CA THR B 214 17.84 -5.80 -11.92
C THR B 214 18.54 -4.81 -10.99
N LEU B 215 19.57 -5.29 -10.28
CA LEU B 215 20.40 -4.44 -9.44
C LEU B 215 21.60 -3.87 -10.23
N ASN B 216 22.64 -3.41 -9.54
CA ASN B 216 23.70 -2.66 -10.20
C ASN B 216 25.06 -2.81 -9.57
N PRO B 217 26.09 -2.24 -10.20
CA PRO B 217 27.26 -1.86 -9.41
C PRO B 217 26.95 -0.71 -8.43
N ALA B 218 26.03 0.20 -8.81
CA ALA B 218 25.75 1.40 -8.01
C ALA B 218 24.98 1.16 -6.70
N HIS B 219 24.87 -0.12 -6.30
CA HIS B 219 24.08 -0.62 -5.12
C HIS B 219 22.56 -0.39 -5.25
N GLY B 220 21.78 -1.42 -4.93
CA GLY B 220 20.33 -1.33 -5.09
C GLY B 220 20.02 -1.34 -6.57
N ARG B 221 18.83 -0.89 -6.93
CA ARG B 221 18.47 -0.77 -8.35
C ARG B 221 18.13 0.67 -8.67
N GLN B 222 17.78 0.93 -9.93
CA GLN B 222 17.39 2.28 -10.34
C GLN B 222 16.91 2.41 -11.78
N VAL B 223 16.90 1.31 -12.53
CA VAL B 223 16.45 1.28 -13.94
C VAL B 223 15.02 1.83 -14.05
N THR B 224 14.96 3.16 -14.14
CA THR B 224 13.72 3.98 -13.95
C THR B 224 12.96 3.56 -12.67
N VAL B 225 13.69 3.52 -11.55
CA VAL B 225 13.10 2.98 -10.31
C VAL B 225 12.75 4.08 -9.29
N GLN B 226 13.61 4.30 -8.30
CA GLN B 226 13.31 5.18 -7.17
C GLN B 226 12.26 4.54 -6.30
N GLU B 227 12.73 3.87 -5.25
CA GLU B 227 11.87 3.11 -4.37
C GLU B 227 11.70 3.83 -3.03
N PHE B 228 10.56 3.59 -2.39
CA PHE B 228 10.33 3.98 -0.99
C PHE B 228 9.52 2.93 -0.20
N ALA B 229 9.91 2.69 1.05
CA ALA B 229 9.13 1.85 1.93
C ALA B 229 8.21 2.67 2.88
N LEU B 230 7.05 2.14 3.21
CA LEU B 230 6.15 2.76 4.19
C LEU B 230 5.54 1.74 5.22
N PHE B 231 5.61 2.10 6.51
CA PHE B 231 5.74 1.15 7.64
C PHE B 231 4.65 1.27 8.68
N LEU B 232 3.41 1.36 8.20
CA LEU B 232 2.28 1.86 9.00
C LEU B 232 1.80 0.98 10.21
N THR B 233 2.20 1.40 11.42
CA THR B 233 1.82 0.76 12.69
C THR B 233 1.20 1.87 13.53
N ILE B 234 0.67 1.49 14.69
CA ILE B 234 0.29 2.43 15.75
C ILE B 234 1.03 2.02 17.01
N PHE B 235 2.23 2.56 17.20
CA PHE B 235 3.13 2.14 18.25
C PHE B 235 2.48 2.33 19.61
N ASP B 236 2.88 1.51 20.58
CA ASP B 236 2.38 1.61 21.97
C ASP B 236 3.42 1.17 23.01
N GLU B 237 3.49 1.88 24.13
CA GLU B 237 4.42 1.50 25.19
C GLU B 237 3.74 0.98 26.45
N THR B 238 3.10 -0.18 26.31
CA THR B 238 2.97 -1.13 27.41
C THR B 238 3.97 -2.22 27.03
N LYS B 239 4.76 -1.91 25.99
CA LYS B 239 5.63 -2.87 25.33
C LYS B 239 7.10 -2.38 25.33
N SER B 240 8.03 -3.32 25.48
CA SER B 240 9.49 -3.08 25.52
C SER B 240 9.98 -2.06 26.54
N TRP B 241 10.65 -2.58 27.57
CA TRP B 241 11.31 -1.80 28.65
C TRP B 241 10.80 -0.38 29.01
N TYR B 242 9.62 0.01 28.56
CA TYR B 242 9.14 1.40 28.72
C TYR B 242 9.20 1.96 30.14
N PHE B 243 9.24 1.06 31.13
CA PHE B 243 9.51 1.43 32.52
C PHE B 243 10.67 2.43 32.63
N THR B 244 11.77 2.12 31.93
CA THR B 244 12.91 3.07 31.82
C THR B 244 12.58 4.28 30.92
N GLU B 245 11.35 4.79 31.06
CA GLU B 245 10.92 5.99 30.38
C GLU B 245 9.92 6.75 31.22
N ASN B 246 9.00 6.03 31.85
CA ASN B 246 7.97 6.64 32.69
C ASN B 246 8.53 7.36 33.89
N MET B 247 9.49 6.73 34.57
CA MET B 247 10.14 7.35 35.70
C MET B 247 11.61 7.66 35.41
N GLU B 248 11.98 7.57 34.14
CA GLU B 248 13.27 8.04 33.65
C GLU B 248 13.18 9.52 33.28
N ARG B 249 12.10 9.84 32.56
CA ARG B 249 11.80 11.20 32.16
C ARG B 249 10.32 11.43 32.45
N ASN B 250 9.91 12.69 32.52
CA ASN B 250 8.54 13.09 32.89
C ASN B 250 8.22 13.09 34.38
N CYS B 251 9.17 12.64 35.19
CA CYS B 251 8.94 12.52 36.62
C CYS B 251 10.17 12.71 37.50
N ARG B 252 9.98 13.48 38.58
CA ARG B 252 10.99 13.70 39.63
C ARG B 252 10.26 13.78 40.98
N ALA B 253 10.26 14.99 41.57
CA ALA B 253 9.44 15.33 42.75
C ALA B 253 8.03 15.85 42.38
N PRO B 254 7.79 16.27 41.11
CA PRO B 254 6.44 16.41 40.55
C PRO B 254 5.98 15.19 39.75
N CYS B 255 5.58 14.14 40.46
CA CYS B 255 5.16 12.88 39.84
C CYS B 255 3.81 12.38 40.38
N ASN B 256 3.62 11.05 40.39
CA ASN B 256 2.37 10.41 40.84
C ASN B 256 1.10 11.02 40.20
N ILE B 257 1.10 11.12 38.87
CA ILE B 257 -0.01 11.66 38.10
C ILE B 257 -0.33 10.72 36.92
N GLN B 258 -1.51 10.09 36.97
CA GLN B 258 -2.01 9.12 35.96
C GLN B 258 -1.18 7.82 35.84
N MET B 259 -1.66 6.74 36.47
CA MET B 259 -0.98 5.44 36.43
C MET B 259 -1.19 4.69 35.10
N GLU B 260 -2.44 4.40 34.76
CA GLU B 260 -2.82 3.82 33.45
C GLU B 260 -4.22 4.32 33.03
N ASP B 261 -4.79 5.23 33.85
CA ASP B 261 -6.06 5.92 33.58
C ASP B 261 -5.84 7.09 32.60
N PRO B 262 -6.85 7.43 31.77
CA PRO B 262 -6.76 8.14 30.47
C PRO B 262 -5.39 8.70 30.01
N THR B 263 -4.31 7.98 30.31
CA THR B 263 -2.94 8.44 30.06
C THR B 263 -2.44 8.03 28.68
N PHE B 264 -2.78 6.81 28.26
CA PHE B 264 -2.45 6.26 26.93
C PHE B 264 -1.39 7.05 26.14
N LYS B 265 -0.11 6.82 26.42
CA LYS B 265 0.96 7.70 25.92
C LYS B 265 1.33 7.56 24.44
N GLU B 266 0.85 6.50 23.78
CA GLU B 266 1.04 6.28 22.33
C GLU B 266 -0.28 6.30 21.58
N ASN B 267 -1.35 5.92 22.29
CA ASN B 267 -2.72 6.35 21.97
C ASN B 267 -2.96 7.74 22.63
N TYR B 268 -1.85 8.45 22.83
CA TYR B 268 -1.78 9.90 23.11
C TYR B 268 -1.11 10.51 21.88
N ARG B 269 -0.46 9.65 21.10
CA ARG B 269 0.38 10.03 19.96
C ARG B 269 0.37 8.96 18.89
N PHE B 270 1.31 8.02 19.03
CA PHE B 270 1.92 7.22 17.95
C PHE B 270 1.04 6.53 16.91
N HIS B 271 1.00 7.12 15.72
CA HIS B 271 0.31 6.58 14.54
C HIS B 271 1.28 6.51 13.36
N ALA B 272 2.27 5.64 13.50
CA ALA B 272 3.44 5.57 12.61
C ALA B 272 3.19 5.46 11.10
N ILE B 273 4.07 6.13 10.35
CA ILE B 273 4.38 5.90 8.94
C ILE B 273 5.91 5.77 8.96
N ASN B 274 6.41 5.25 10.08
CA ASN B 274 7.84 5.09 10.34
C ASN B 274 8.18 5.35 11.80
N GLY B 275 7.70 6.47 12.31
CA GLY B 275 8.13 6.94 13.60
C GLY B 275 8.79 8.30 13.47
N TYR B 276 8.72 8.87 12.25
CA TYR B 276 8.84 10.33 12.01
C TYR B 276 7.43 10.89 11.83
N ILE B 277 6.50 10.20 12.48
CA ILE B 277 5.09 10.29 12.18
C ILE B 277 4.38 11.07 13.25
N MET B 278 4.74 12.32 13.20
CA MET B 278 3.89 13.35 13.63
C MET B 278 2.83 13.37 12.54
N ASP B 279 2.73 14.50 11.88
CA ASP B 279 1.91 14.66 10.72
C ASP B 279 2.89 15.21 9.67
N THR B 280 4.08 14.59 9.66
CA THR B 280 5.20 14.95 8.76
C THR B 280 6.54 14.17 8.97
N LEU B 281 6.87 13.30 8.00
CA LEU B 281 8.16 12.59 7.94
C LEU B 281 8.91 13.08 6.71
N PRO B 282 10.26 12.95 6.72
CA PRO B 282 11.11 13.64 5.75
C PRO B 282 11.14 13.14 4.29
N GLY B 283 12.03 12.18 4.00
CA GLY B 283 12.56 11.95 2.66
C GLY B 283 11.67 11.41 1.55
N LEU B 284 10.69 12.18 1.12
CA LEU B 284 9.88 11.74 0.00
C LEU B 284 10.15 12.56 -1.26
N VAL B 285 11.38 12.47 -1.72
CA VAL B 285 11.85 13.20 -2.91
C VAL B 285 11.65 12.34 -4.15
N MET B 286 10.94 12.86 -5.16
CA MET B 286 10.92 12.17 -6.46
C MET B 286 10.59 12.99 -7.74
N ALA B 287 11.23 12.57 -8.83
CA ALA B 287 11.10 13.16 -10.15
C ALA B 287 9.76 12.85 -10.76
N GLN B 288 9.01 13.90 -11.12
CA GLN B 288 7.65 13.75 -11.59
C GLN B 288 7.45 12.81 -12.79
N ASP B 289 8.52 12.13 -13.20
CA ASP B 289 8.39 11.02 -14.14
C ASP B 289 8.98 9.72 -13.62
N GLN B 290 10.32 9.61 -13.58
CA GLN B 290 11.00 8.41 -13.09
C GLN B 290 10.04 7.72 -12.15
N ARG B 291 9.27 6.78 -12.71
CA ARG B 291 8.08 6.16 -12.08
C ARG B 291 8.42 5.35 -10.85
N ILE B 292 7.73 5.67 -9.76
CA ILE B 292 8.17 5.34 -8.42
C ILE B 292 7.46 4.11 -7.89
N ARG B 293 8.24 3.20 -7.31
CA ARG B 293 7.67 2.00 -6.71
C ARG B 293 7.59 2.18 -5.22
N TRP B 294 6.40 1.91 -4.66
CA TRP B 294 6.09 2.02 -3.24
C TRP B 294 6.06 0.66 -2.57
N TYR B 295 6.72 0.53 -1.42
CA TYR B 295 6.72 -0.71 -0.66
C TYR B 295 5.90 -0.60 0.63
N LEU B 296 4.60 -0.84 0.55
CA LEU B 296 3.73 -0.70 1.71
C LEU B 296 3.62 -1.99 2.53
N LEU B 297 4.09 -1.94 3.78
CA LEU B 297 3.94 -3.07 4.77
C LEU B 297 3.38 -2.58 6.13
N SER B 298 2.10 -2.87 6.37
CA SER B 298 1.45 -2.65 7.67
C SER B 298 1.80 -3.76 8.66
N MET B 299 1.87 -3.38 9.94
CA MET B 299 2.28 -4.31 10.99
C MET B 299 1.38 -4.24 12.22
N GLY B 300 1.98 -4.23 13.40
CA GLY B 300 1.28 -3.98 14.68
C GLY B 300 0.38 -5.05 15.29
N SER B 301 -0.85 -4.64 15.61
CA SER B 301 -1.83 -5.45 16.34
C SER B 301 -3.02 -5.89 15.47
N ASN B 302 -4.19 -6.02 16.08
CA ASN B 302 -5.35 -6.51 15.36
C ASN B 302 -6.40 -5.45 15.03
N GLU B 303 -6.04 -4.19 15.27
CA GLU B 303 -6.83 -3.08 14.78
C GLU B 303 -6.01 -2.37 13.70
N ASN B 304 -4.79 -2.87 13.51
CA ASN B 304 -3.85 -2.23 12.63
C ASN B 304 -4.07 -2.40 11.12
N ILE B 305 -5.34 -2.46 10.72
CA ILE B 305 -5.70 -2.25 9.31
C ILE B 305 -5.43 -0.79 9.04
N HIS B 306 -4.81 -0.50 7.92
CA HIS B 306 -4.66 0.88 7.52
C HIS B 306 -4.95 0.99 6.04
N SER B 307 -5.80 1.93 5.69
CA SER B 307 -6.20 2.08 4.30
C SER B 307 -5.63 3.41 3.79
N ILE B 308 -4.50 3.30 3.09
CA ILE B 308 -3.69 4.44 2.62
C ILE B 308 -3.98 4.76 1.17
N HIS B 309 -3.89 6.06 0.87
CA HIS B 309 -3.84 6.55 -0.51
C HIS B 309 -3.01 7.82 -0.64
N PHE B 310 -2.75 8.18 -1.90
CA PHE B 310 -1.95 9.32 -2.26
C PHE B 310 -2.83 10.25 -3.04
N SER B 311 -3.14 11.41 -2.46
CA SER B 311 -4.10 12.31 -3.08
C SER B 311 -3.73 12.60 -4.52
N GLY B 312 -4.76 12.70 -5.38
CA GLY B 312 -4.57 13.10 -6.77
C GLY B 312 -3.51 12.33 -7.53
N HIS B 313 -3.42 11.05 -7.19
CA HIS B 313 -2.49 10.13 -7.79
C HIS B 313 -3.22 8.80 -7.82
N VAL B 314 -2.79 7.91 -8.74
CA VAL B 314 -3.32 6.56 -8.83
C VAL B 314 -2.19 5.63 -9.15
N PHE B 315 -2.29 4.42 -8.61
CA PHE B 315 -1.25 3.41 -8.79
C PHE B 315 -1.76 2.06 -9.28
N THR B 316 -0.85 1.25 -9.79
CA THR B 316 -1.24 -0.01 -10.38
C THR B 316 -0.69 -1.13 -9.49
N VAL B 317 -1.47 -2.18 -9.24
CA VAL B 317 -0.97 -3.37 -8.53
C VAL B 317 -1.06 -4.61 -9.38
N ARG B 318 -0.05 -5.46 -9.23
CA ARG B 318 0.06 -6.74 -9.90
C ARG B 318 -0.35 -7.86 -8.95
N LYS B 319 -0.64 -9.02 -9.51
CA LYS B 319 -1.17 -10.13 -8.75
C LYS B 319 -1.24 -11.21 -9.79
N LYS B 320 -2.46 -11.62 -10.12
CA LYS B 320 -2.74 -12.39 -11.31
C LYS B 320 -2.23 -11.53 -12.47
N GLU B 321 -2.88 -10.38 -12.68
CA GLU B 321 -2.47 -9.37 -13.66
C GLU B 321 -2.06 -8.09 -12.97
N GLU B 322 -2.31 -6.98 -13.65
CA GLU B 322 -2.15 -5.67 -13.07
C GLU B 322 -3.48 -4.98 -13.21
N TYR B 323 -4.08 -4.60 -12.08
CA TYR B 323 -5.28 -3.78 -12.10
C TYR B 323 -5.21 -2.53 -11.23
N LYS B 324 -5.86 -1.48 -11.72
CA LYS B 324 -5.62 -0.10 -11.26
C LYS B 324 -6.45 0.26 -10.05
N MET B 325 -5.81 0.89 -9.08
CA MET B 325 -6.41 1.14 -7.77
C MET B 325 -6.03 2.51 -7.16
N ALA B 326 -6.92 3.05 -6.32
CA ALA B 326 -6.74 4.40 -5.76
C ALA B 326 -6.28 4.43 -4.31
N LEU B 327 -6.59 3.37 -3.55
CA LEU B 327 -6.11 3.19 -2.17
C LEU B 327 -6.15 1.74 -1.70
N TYR B 328 -5.28 1.39 -0.77
CA TYR B 328 -5.04 -0.02 -0.44
C TYR B 328 -5.10 -0.35 1.06
N ASN B 329 -6.15 -1.06 1.45
CA ASN B 329 -6.29 -1.58 2.80
C ASN B 329 -5.11 -2.47 3.08
N LEU B 330 -4.05 -1.86 3.57
CA LEU B 330 -2.94 -2.61 4.09
C LEU B 330 -3.45 -3.48 5.21
N TYR B 331 -3.01 -4.72 5.25
CA TYR B 331 -3.34 -5.56 6.38
C TYR B 331 -2.09 -5.83 7.19
N PRO B 332 -2.24 -6.23 8.46
CA PRO B 332 -1.06 -6.67 9.17
C PRO B 332 -0.57 -8.00 8.58
N GLY B 333 0.66 -7.99 8.06
CA GLY B 333 1.33 -9.16 7.49
C GLY B 333 1.31 -9.26 5.96
N VAL B 334 0.72 -8.26 5.31
CA VAL B 334 0.58 -8.23 3.85
C VAL B 334 1.47 -7.15 3.28
N PHE B 335 2.51 -7.60 2.60
CA PHE B 335 3.64 -6.76 2.24
C PHE B 335 3.50 -6.35 0.79
N GLU B 336 2.90 -5.18 0.62
CA GLU B 336 2.52 -4.70 -0.69
C GLU B 336 3.65 -4.07 -1.50
N THR B 337 3.71 -4.42 -2.78
CA THR B 337 4.44 -3.59 -3.74
C THR B 337 3.45 -3.04 -4.77
N VAL B 338 3.55 -1.72 -4.98
CA VAL B 338 2.72 -1.03 -5.94
C VAL B 338 3.49 0.14 -6.58
N GLU B 339 3.28 0.36 -7.88
CA GLU B 339 3.99 1.39 -8.68
C GLU B 339 3.03 2.44 -9.27
N MET B 340 3.55 3.66 -9.44
CA MET B 340 2.80 4.77 -10.04
C MET B 340 3.66 5.81 -10.76
N LEU B 341 3.02 6.55 -11.65
CA LEU B 341 3.69 7.50 -12.54
C LEU B 341 3.16 8.91 -12.22
N PRO B 342 3.75 9.58 -11.22
CA PRO B 342 3.17 10.77 -10.57
C PRO B 342 3.11 12.02 -11.43
N SER B 343 2.59 11.89 -12.65
CA SER B 343 2.61 12.95 -13.67
C SER B 343 1.88 14.28 -13.34
N LYS B 344 1.62 14.51 -12.05
CA LYS B 344 1.14 15.81 -11.59
C LYS B 344 2.19 16.44 -10.69
N ALA B 345 2.76 17.55 -11.17
CA ALA B 345 3.85 18.21 -10.46
C ALA B 345 3.34 19.01 -9.29
N GLY B 346 4.24 19.37 -8.38
CA GLY B 346 3.86 20.07 -7.16
C GLY B 346 4.07 19.20 -5.93
N ILE B 347 3.34 19.53 -4.86
CA ILE B 347 3.62 19.01 -3.50
C ILE B 347 2.42 18.33 -2.87
N TRP B 348 2.49 17.03 -2.61
CA TRP B 348 1.35 16.31 -2.06
C TRP B 348 1.58 15.62 -0.67
N ARG B 349 0.84 14.53 -0.41
CA ARG B 349 0.90 13.74 0.86
C ARG B 349 0.25 12.31 0.84
N VAL B 350 0.69 11.47 1.78
CA VAL B 350 0.06 10.16 2.05
C VAL B 350 -0.70 10.23 3.37
N GLU B 351 -1.88 9.60 3.42
CA GLU B 351 -2.76 9.59 4.60
C GLU B 351 -3.54 8.30 4.69
N CYS B 352 -3.54 7.70 5.88
CA CYS B 352 -4.42 6.55 6.13
C CYS B 352 -5.83 7.07 6.25
N LEU B 353 -6.65 6.79 5.24
CA LEU B 353 -7.91 7.47 5.11
C LEU B 353 -8.86 7.20 6.26
N ILE B 354 -8.47 6.30 7.17
CA ILE B 354 -9.36 5.88 8.25
C ILE B 354 -9.63 6.95 9.30
N GLY B 355 -10.67 7.74 9.06
CA GLY B 355 -11.05 8.89 9.89
C GLY B 355 -10.20 9.21 11.11
N GLU B 356 -10.32 8.35 12.12
CA GLU B 356 -9.72 8.59 13.44
C GLU B 356 -8.21 8.44 13.42
N HIS B 357 -7.71 7.71 12.42
CA HIS B 357 -6.26 7.56 12.24
C HIS B 357 -5.62 8.82 11.67
N LEU B 358 -6.25 9.38 10.63
CA LEU B 358 -5.79 10.63 10.03
C LEU B 358 -5.70 11.72 11.08
N HIS B 359 -6.71 11.80 11.94
CA HIS B 359 -6.80 12.90 12.90
C HIS B 359 -5.90 12.82 14.12
N ALA B 360 -4.97 11.85 14.10
CA ALA B 360 -3.87 11.80 15.04
C ALA B 360 -2.68 11.17 14.35
N GLY B 361 -2.29 11.75 13.21
CA GLY B 361 -0.98 11.49 12.62
C GLY B 361 -0.88 10.52 11.45
N MET B 362 -1.32 10.95 10.28
CA MET B 362 -0.94 10.31 9.00
C MET B 362 -0.67 11.34 7.87
N SER B 363 -1.17 12.58 8.01
CA SER B 363 -1.07 13.65 6.95
C SER B 363 0.38 14.08 6.68
N THR B 364 1.11 13.15 6.05
CA THR B 364 2.58 13.15 5.97
C THR B 364 3.16 13.34 4.54
N LEU B 365 3.49 14.58 4.23
CA LEU B 365 3.83 15.07 2.89
C LEU B 365 4.83 14.26 2.04
N PHE B 366 4.61 14.35 0.72
CA PHE B 366 5.60 13.99 -0.32
C PHE B 366 5.57 14.98 -1.51
N LEU B 367 6.75 15.21 -2.07
CA LEU B 367 6.97 16.23 -3.07
C LEU B 367 7.39 15.67 -4.44
N VAL B 368 6.76 16.18 -5.50
CA VAL B 368 7.19 15.92 -6.88
C VAL B 368 7.59 17.21 -7.61
N TYR B 369 8.82 17.20 -8.12
CA TYR B 369 9.40 18.29 -8.88
C TYR B 369 9.44 17.88 -10.32
N SER B 370 10.74 17.61 -11.26
CA SER B 370 10.72 16.95 -12.86
C SER B 370 9.78 17.40 -14.46
N ASN B 371 8.40 18.09 -14.69
CA ASN B 371 7.53 19.02 -15.73
C ASN B 371 5.77 19.52 -15.91
N LYS B 372 4.83 19.72 -17.11
CA LYS B 372 3.30 20.25 -17.66
C LYS B 372 2.09 21.70 -17.37
N CYS B 373 2.14 22.84 -16.33
CA CYS B 373 3.51 22.44 -16.05
C CYS B 373 3.88 23.06 -14.72
N GLN B 374 4.17 22.23 -13.74
CA GLN B 374 4.68 22.74 -12.49
C GLN B 374 5.18 21.58 -11.63
N THR B 375 6.48 21.29 -11.70
CA THR B 375 7.05 20.26 -10.84
C THR B 375 8.01 20.93 -9.87
N PRO B 376 8.20 20.33 -8.69
CA PRO B 376 9.32 20.74 -7.87
C PRO B 376 10.58 20.83 -8.70
N LEU B 377 11.26 21.97 -8.63
CA LEU B 377 12.49 22.19 -9.40
C LEU B 377 13.71 21.40 -8.94
N GLY B 378 13.51 20.51 -7.96
CA GLY B 378 14.59 19.69 -7.38
C GLY B 378 15.30 20.28 -6.17
N MET B 379 14.76 20.05 -4.98
CA MET B 379 15.47 20.38 -3.74
C MET B 379 15.60 19.13 -2.89
N ALA B 380 14.73 18.15 -3.13
CA ALA B 380 15.06 16.81 -2.71
C ALA B 380 15.81 16.22 -3.88
N SER B 381 15.16 16.27 -5.05
CA SER B 381 15.70 15.69 -6.28
C SER B 381 16.50 16.70 -7.15
N GLY B 382 17.53 17.29 -6.55
CA GLY B 382 18.22 18.36 -7.23
C GLY B 382 19.69 18.15 -7.43
N HIS B 383 20.45 18.48 -6.38
CA HIS B 383 21.84 18.90 -6.51
C HIS B 383 22.48 18.95 -5.13
N ILE B 384 23.25 17.91 -4.82
CA ILE B 384 23.76 17.56 -3.45
C ILE B 384 24.20 18.72 -2.51
N ARG B 385 25.04 19.61 -3.04
CA ARG B 385 25.32 20.90 -2.41
C ARG B 385 25.55 21.89 -3.56
N ASP B 386 24.43 22.36 -4.11
CA ASP B 386 24.43 23.16 -5.33
C ASP B 386 25.14 24.51 -5.11
N PHE B 387 24.32 25.51 -4.73
CA PHE B 387 24.73 26.92 -4.58
C PHE B 387 24.09 27.46 -3.30
N GLN B 388 24.68 28.52 -2.74
CA GLN B 388 24.28 29.02 -1.42
C GLN B 388 24.28 30.55 -1.25
N ILE B 389 25.46 31.11 -0.96
CA ILE B 389 25.70 32.57 -0.81
C ILE B 389 27.19 32.92 -1.12
N THR B 390 27.76 33.86 -0.37
CA THR B 390 29.18 34.27 -0.45
C THR B 390 29.68 35.05 0.81
N ALA B 391 28.76 35.30 1.75
CA ALA B 391 29.04 35.85 3.10
C ALA B 391 27.75 35.87 3.93
N SER B 392 26.65 36.20 3.26
CA SER B 392 25.33 36.21 3.86
C SER B 392 25.01 34.78 4.19
N GLY B 393 25.18 34.38 5.45
CA GLY B 393 24.83 33.02 5.86
C GLY B 393 25.92 32.29 6.58
N GLN B 394 25.69 32.04 7.86
CA GLN B 394 26.65 31.38 8.73
C GLN B 394 26.01 31.09 10.09
N TYR B 395 26.25 29.88 10.57
CA TYR B 395 25.99 29.50 11.95
C TYR B 395 26.38 28.04 12.11
N GLY B 396 27.68 27.75 12.11
CA GLY B 396 28.21 26.37 12.30
C GLY B 396 27.47 25.31 11.50
N GLN B 397 26.27 24.96 11.97
CA GLN B 397 25.21 24.29 11.18
C GLN B 397 24.83 25.24 10.06
N TRP B 398 25.48 25.09 8.91
CA TRP B 398 25.60 26.19 7.98
C TRP B 398 24.35 26.50 7.19
N ALA B 399 24.58 27.30 6.16
CA ALA B 399 23.64 27.76 5.17
C ALA B 399 22.98 26.59 4.45
N PRO B 400 22.38 26.86 3.27
CA PRO B 400 22.28 25.80 2.31
C PRO B 400 23.63 25.15 2.18
N LYS B 401 23.60 23.99 1.56
CA LYS B 401 24.52 22.90 1.82
C LYS B 401 23.46 21.87 2.17
N LEU B 402 22.42 22.37 2.84
CA LEU B 402 21.41 21.57 3.54
C LEU B 402 20.15 22.37 3.93
N ALA B 403 19.76 23.34 3.12
CA ALA B 403 18.58 24.16 3.46
C ALA B 403 17.29 23.81 2.71
N ARG B 404 17.09 22.53 2.45
CA ARG B 404 16.00 22.06 1.61
C ARG B 404 14.75 21.83 2.43
N LEU B 405 13.65 21.70 1.73
CA LEU B 405 12.36 21.37 2.35
C LEU B 405 12.40 19.96 2.93
N HIS B 406 11.76 19.81 4.09
CA HIS B 406 11.54 18.51 4.75
C HIS B 406 12.77 17.82 5.34
N TYR B 407 13.94 18.44 5.14
CA TYR B 407 15.21 17.85 5.59
C TYR B 407 15.22 17.56 7.11
N SER B 408 15.12 16.28 7.45
CA SER B 408 15.08 15.80 8.83
C SER B 408 16.44 15.87 9.51
N GLY B 409 16.41 15.94 10.84
CA GLY B 409 17.63 15.95 11.67
C GLY B 409 17.66 17.11 12.64
N SER B 410 18.76 17.21 13.38
CA SER B 410 18.99 18.37 14.24
C SER B 410 19.83 19.44 13.52
N ILE B 411 20.80 19.01 12.70
CA ILE B 411 21.68 19.90 11.92
C ILE B 411 21.03 20.35 10.60
N ASN B 412 19.79 20.85 10.64
CA ASN B 412 18.97 20.92 9.41
C ASN B 412 18.36 22.26 8.94
N ALA B 413 18.93 22.81 7.87
CA ALA B 413 18.43 24.03 7.19
C ALA B 413 19.37 25.27 7.27
N TRP B 414 18.88 26.43 6.82
CA TRP B 414 19.68 27.66 6.84
C TRP B 414 19.45 28.46 8.11
N SER B 415 20.46 29.24 8.49
CA SER B 415 20.64 29.69 9.86
C SER B 415 21.60 30.88 10.00
N THR B 416 21.07 32.11 10.06
CA THR B 416 21.95 33.29 10.24
C THR B 416 21.29 34.41 11.01
N LYS B 417 21.87 34.77 12.16
CA LYS B 417 21.42 35.94 12.87
C LYS B 417 22.05 37.15 12.22
N GLU B 418 21.47 37.55 11.09
CA GLU B 418 22.04 38.59 10.26
C GLU B 418 20.97 39.54 9.71
N PRO B 419 20.94 40.79 10.22
CA PRO B 419 19.98 41.81 9.76
C PRO B 419 20.00 42.01 8.25
N PHE B 420 21.16 41.77 7.65
CA PHE B 420 21.36 41.84 6.21
C PHE B 420 21.73 40.45 5.66
N SER B 421 20.74 39.73 5.14
CA SER B 421 20.98 38.34 4.75
C SER B 421 20.50 38.04 3.35
N TRP B 422 20.80 36.82 2.87
CA TRP B 422 20.25 36.25 1.62
C TRP B 422 20.85 34.92 1.17
N ILE B 423 20.04 34.10 0.50
CA ILE B 423 20.52 32.87 -0.19
C ILE B 423 20.22 32.80 -1.69
N LYS B 424 20.99 31.97 -2.39
CA LYS B 424 21.13 32.06 -3.83
C LYS B 424 21.17 30.66 -4.41
N VAL B 425 20.34 30.41 -5.42
CA VAL B 425 20.30 29.12 -6.08
C VAL B 425 20.62 29.26 -7.56
N ASP B 426 21.76 28.70 -7.97
CA ASP B 426 22.05 28.61 -9.41
C ASP B 426 21.24 27.46 -10.03
N LEU B 427 20.17 27.82 -10.75
CA LEU B 427 19.38 26.85 -11.46
C LEU B 427 20.10 26.30 -12.69
N LEU B 428 21.35 26.75 -12.89
CA LEU B 428 22.22 26.29 -13.98
C LEU B 428 21.62 26.35 -15.39
N ALA B 429 20.63 27.21 -15.59
CA ALA B 429 19.95 27.39 -16.87
C ALA B 429 18.77 28.35 -16.70
N PRO B 430 18.50 29.20 -17.71
CA PRO B 430 17.27 30.00 -17.68
C PRO B 430 16.02 29.11 -17.54
N MET B 431 15.26 29.33 -16.46
CA MET B 431 14.14 28.47 -16.05
C MET B 431 12.89 29.28 -15.73
N ILE B 432 11.72 28.67 -15.87
CA ILE B 432 10.47 29.30 -15.40
C ILE B 432 10.21 28.93 -13.95
N ILE B 433 10.07 29.94 -13.08
CA ILE B 433 9.80 29.68 -11.67
C ILE B 433 8.42 30.22 -11.26
N HIS B 434 7.46 29.31 -11.07
CA HIS B 434 6.03 29.64 -10.79
C HIS B 434 5.73 29.95 -9.34
N GLY B 435 6.64 29.51 -8.45
CA GLY B 435 6.47 29.63 -7.00
C GLY B 435 7.56 29.00 -6.15
N ILE B 436 7.41 29.13 -4.83
CA ILE B 436 8.42 28.68 -3.85
C ILE B 436 7.76 28.26 -2.53
N LYS B 437 7.84 26.97 -2.24
CA LYS B 437 7.39 26.45 -0.95
C LYS B 437 8.49 26.76 0.05
N THR B 438 8.09 27.46 1.09
CA THR B 438 8.99 27.95 2.08
C THR B 438 8.54 27.38 3.43
N GLN B 439 9.50 27.05 4.28
CA GLN B 439 9.25 26.43 5.57
C GLN B 439 10.32 26.84 6.59
N GLY B 440 10.09 26.54 7.86
CA GLY B 440 11.02 26.91 8.95
C GLY B 440 11.60 25.74 9.75
N ALA B 441 12.58 26.04 10.61
CA ALA B 441 13.19 24.98 11.40
C ALA B 441 12.76 25.04 12.88
N ARG B 442 13.32 24.14 13.70
CA ARG B 442 12.96 23.96 15.13
C ARG B 442 14.22 23.74 16.00
N GLN B 443 14.40 24.56 17.03
CA GLN B 443 15.64 24.57 17.84
C GLN B 443 15.55 23.81 19.15
N LYS B 444 16.26 24.32 20.15
CA LYS B 444 16.31 23.74 21.49
C LYS B 444 14.88 23.50 21.98
N PHE B 445 14.14 24.58 22.19
CA PHE B 445 12.70 24.55 22.43
C PHE B 445 12.11 25.78 21.75
N SER B 446 12.87 26.29 20.77
CA SER B 446 12.58 27.56 20.13
C SER B 446 11.94 27.37 18.75
N SER B 447 10.87 28.12 18.50
CA SER B 447 10.23 28.15 17.20
C SER B 447 10.92 29.26 16.40
N LEU B 448 11.68 28.90 15.35
CA LEU B 448 12.34 29.93 14.51
C LEU B 448 12.28 29.72 12.99
N TYR B 449 11.94 30.82 12.31
CA TYR B 449 11.54 30.83 10.91
C TYR B 449 11.74 32.26 10.34
N ILE B 450 11.43 32.47 9.05
CA ILE B 450 11.42 33.83 8.48
C ILE B 450 9.98 34.20 8.20
N SER B 451 9.61 35.41 8.59
CA SER B 451 8.21 35.82 8.58
C SER B 451 7.82 36.61 7.34
N GLN B 452 8.83 37.21 6.73
CA GLN B 452 8.63 38.07 5.57
C GLN B 452 9.85 38.08 4.68
N PHE B 453 9.62 38.17 3.37
CA PHE B 453 10.71 38.17 2.40
C PHE B 453 10.38 38.78 1.04
N ILE B 454 11.40 39.40 0.42
CA ILE B 454 11.32 39.81 -0.98
C ILE B 454 12.19 38.96 -1.86
N ILE B 455 11.82 38.89 -3.13
CA ILE B 455 12.46 37.99 -4.05
C ILE B 455 13.03 38.71 -5.26
N MET B 456 14.37 38.70 -5.36
CA MET B 456 15.10 39.22 -6.50
C MET B 456 15.60 38.07 -7.38
N TYR B 457 15.80 38.36 -8.67
CA TYR B 457 16.33 37.36 -9.60
C TYR B 457 17.22 37.93 -10.69
N SER B 458 18.12 37.08 -11.15
CA SER B 458 18.98 37.35 -12.28
C SER B 458 18.86 36.25 -13.32
N LEU B 459 18.81 36.68 -14.58
CA LEU B 459 18.76 35.77 -15.72
C LEU B 459 20.15 35.54 -16.25
N ASP B 460 21.13 36.18 -15.62
CA ASP B 460 22.46 36.37 -16.22
C ASP B 460 23.63 36.33 -15.24
N GLY B 461 23.39 36.83 -14.02
CA GLY B 461 24.44 36.91 -13.01
C GLY B 461 24.90 38.34 -12.72
N LYS B 462 25.07 39.12 -13.79
CA LYS B 462 25.46 40.55 -13.68
C LYS B 462 24.33 41.39 -13.02
N LYS B 463 23.56 42.13 -13.83
CA LYS B 463 22.56 43.08 -13.31
C LYS B 463 21.28 42.39 -12.81
N TRP B 464 20.99 42.60 -11.53
CA TRP B 464 19.81 42.03 -10.89
C TRP B 464 18.70 43.05 -10.88
N GLN B 465 17.57 42.67 -10.26
CA GLN B 465 16.60 43.63 -9.69
C GLN B 465 15.55 42.91 -8.81
N THR B 466 14.79 43.72 -8.07
CA THR B 466 13.67 43.25 -7.24
C THR B 466 12.50 42.64 -8.05
N TYR B 467 11.37 42.44 -7.37
CA TYR B 467 10.21 41.78 -7.96
C TYR B 467 8.93 42.51 -7.62
N ARG B 468 7.95 42.41 -8.51
CA ARG B 468 6.68 43.10 -8.37
C ARG B 468 5.54 42.26 -8.90
N GLY B 469 5.31 41.11 -8.25
CA GLY B 469 4.12 40.30 -8.45
C GLY B 469 2.92 41.18 -8.75
N ASN B 470 1.99 40.67 -9.54
CA ASN B 470 0.99 41.53 -10.17
C ASN B 470 0.57 42.74 -9.33
N SER B 471 0.62 43.89 -10.01
CA SER B 471 0.11 45.21 -9.58
C SER B 471 0.17 45.54 -8.06
N THR B 472 1.18 44.99 -7.38
CA THR B 472 1.27 45.14 -5.93
C THR B 472 1.44 46.62 -5.49
N GLY B 473 2.67 47.12 -5.46
CA GLY B 473 2.96 48.48 -5.05
C GLY B 473 4.29 48.90 -5.66
N THR B 474 5.35 48.84 -4.87
CA THR B 474 6.70 49.22 -5.32
C THR B 474 7.61 48.00 -5.37
N LEU B 475 7.23 47.01 -4.60
CA LEU B 475 8.12 45.95 -4.17
C LEU B 475 7.23 44.84 -3.65
N MET B 476 7.52 43.61 -4.05
CA MET B 476 6.65 42.47 -3.74
C MET B 476 7.02 41.77 -2.44
N VAL B 477 6.27 42.10 -1.40
CA VAL B 477 6.49 41.59 -0.06
C VAL B 477 5.80 40.24 0.11
N PHE B 478 6.58 39.24 0.51
CA PHE B 478 6.09 37.87 0.62
C PHE B 478 5.96 37.40 2.07
N PHE B 479 4.86 36.71 2.37
CA PHE B 479 4.60 36.24 3.73
C PHE B 479 5.19 34.88 4.03
N GLY B 480 6.01 34.82 5.09
CA GLY B 480 6.85 33.66 5.41
C GLY B 480 6.19 32.38 5.91
N ASN B 481 6.63 31.93 7.08
CA ASN B 481 5.99 30.81 7.77
C ASN B 481 5.42 31.31 9.07
N VAL B 482 4.93 30.40 9.90
CA VAL B 482 4.45 30.80 11.21
C VAL B 482 5.01 29.89 12.29
N ASP B 483 5.66 28.81 11.86
CA ASP B 483 6.21 27.83 12.78
C ASP B 483 7.37 27.03 12.18
N SER B 484 7.57 25.83 12.72
CA SER B 484 8.67 24.97 12.36
C SER B 484 8.25 23.91 11.36
N SER B 485 7.06 24.10 10.76
CA SER B 485 6.51 23.22 9.73
C SER B 485 5.51 23.95 8.83
N GLY B 486 5.64 25.27 8.79
CA GLY B 486 4.77 26.13 8.02
C GLY B 486 5.20 26.16 6.57
N ILE B 487 4.85 25.10 5.84
CA ILE B 487 5.00 25.00 4.38
C ILE B 487 4.11 26.00 3.62
N LYS B 488 4.54 27.26 3.49
CA LYS B 488 3.66 28.28 2.90
C LYS B 488 3.98 28.51 1.45
N HIS B 489 3.56 27.54 0.65
CA HIS B 489 3.67 27.52 -0.81
C HIS B 489 3.25 28.85 -1.40
N ASN B 490 4.23 29.72 -1.64
CA ASN B 490 4.00 30.98 -2.32
C ASN B 490 4.03 30.76 -3.82
N ILE B 491 3.07 31.36 -4.54
CA ILE B 491 3.14 31.39 -6.03
C ILE B 491 3.38 32.77 -6.63
N PHE B 492 4.18 32.77 -7.69
CA PHE B 492 4.56 33.98 -8.40
C PHE B 492 3.47 34.33 -9.42
N ASN B 493 2.71 35.38 -9.08
CA ASN B 493 1.43 35.76 -9.73
C ASN B 493 1.53 35.93 -11.24
N PRO B 494 2.45 36.81 -11.69
CA PRO B 494 3.08 36.59 -12.96
C PRO B 494 4.34 35.77 -12.67
N PRO B 495 4.78 34.93 -13.63
CA PRO B 495 5.79 33.95 -13.29
C PRO B 495 7.14 34.62 -13.22
N ILE B 496 8.23 33.88 -13.05
CA ILE B 496 9.56 34.49 -13.19
C ILE B 496 10.43 33.61 -14.06
N ILE B 497 11.13 34.23 -15.00
CA ILE B 497 12.18 33.56 -15.76
C ILE B 497 13.53 34.02 -15.24
N ALA B 498 14.29 33.10 -14.66
CA ALA B 498 15.61 33.43 -14.10
C ALA B 498 16.58 32.25 -14.19
N ARG B 499 17.83 32.47 -13.79
CA ARG B 499 18.77 31.38 -13.52
C ARG B 499 19.11 31.40 -12.03
N TYR B 500 19.11 32.60 -11.46
CA TYR B 500 19.44 32.81 -10.06
C TYR B 500 18.24 33.41 -9.33
N ILE B 501 17.98 32.91 -8.13
CA ILE B 501 17.04 33.57 -7.20
C ILE B 501 17.71 33.85 -5.85
N ARG B 502 17.49 35.06 -5.36
CA ARG B 502 17.87 35.45 -4.03
C ARG B 502 16.62 35.50 -3.18
N LEU B 503 16.76 35.06 -1.94
CA LEU B 503 15.73 35.27 -0.98
C LEU B 503 16.32 36.16 0.11
N HIS B 504 15.62 37.23 0.44
CA HIS B 504 16.07 38.17 1.46
C HIS B 504 15.03 38.26 2.59
N PRO B 505 15.41 37.97 3.86
CA PRO B 505 14.47 38.14 4.97
C PRO B 505 14.02 39.59 5.23
N THR B 506 12.74 39.79 5.60
CA THR B 506 12.18 41.10 6.05
C THR B 506 11.66 41.04 7.50
N HIS B 507 11.55 39.83 8.04
CA HIS B 507 11.56 39.62 9.47
C HIS B 507 11.66 38.13 9.86
N TYR B 508 12.29 37.89 10.99
CA TYR B 508 12.70 36.56 11.42
C TYR B 508 12.16 36.29 12.82
N SER B 509 12.43 35.08 13.32
CA SER B 509 12.01 34.68 14.65
C SER B 509 13.16 34.88 15.61
N ILE B 510 14.02 33.89 15.68
CA ILE B 510 15.19 33.96 16.52
C ILE B 510 16.39 34.16 15.60
N ARG B 511 16.38 33.48 14.47
CA ARG B 511 17.34 33.71 13.40
C ARG B 511 16.58 33.67 12.10
N SER B 512 17.05 34.46 11.13
CA SER B 512 16.64 34.29 9.72
C SER B 512 16.91 32.82 9.36
N THR B 513 15.84 32.01 9.34
CA THR B 513 15.95 30.53 9.28
C THR B 513 15.00 29.86 8.26
N LEU B 514 15.58 29.12 7.34
CA LEU B 514 14.82 28.68 6.18
C LEU B 514 15.19 27.31 5.64
N ARG B 515 14.18 26.68 5.07
CA ARG B 515 14.30 25.49 4.27
C ARG B 515 13.17 25.63 3.23
N MET B 516 13.45 25.27 1.97
CA MET B 516 12.57 25.64 0.84
C MET B 516 12.68 24.75 -0.39
N GLU B 517 11.63 24.74 -1.19
CA GLU B 517 11.62 24.09 -2.50
C GLU B 517 11.23 25.15 -3.54
N LEU B 518 11.44 24.85 -4.82
CA LEU B 518 11.06 25.77 -5.89
C LEU B 518 10.13 25.16 -6.93
N MET B 519 9.13 25.94 -7.32
CA MET B 519 8.14 25.50 -8.29
C MET B 519 8.44 26.01 -9.70
N GLY B 520 8.26 25.13 -10.68
CA GLY B 520 8.37 25.53 -12.07
C GLY B 520 8.85 24.42 -12.97
N CYS B 521 9.47 24.83 -14.09
CA CYS B 521 9.93 23.94 -15.15
C CYS B 521 10.51 24.74 -16.31
N ASP B 522 11.02 24.03 -17.30
CA ASP B 522 11.72 24.66 -18.41
C ASP B 522 10.76 25.32 -19.37
N LEU B 523 11.26 26.30 -20.14
CA LEU B 523 10.71 26.90 -21.33
C LEU B 523 10.54 25.88 -22.47
N ASN B 524 11.52 24.96 -22.61
CA ASN B 524 11.61 23.87 -23.58
C ASN B 524 12.22 24.25 -24.93
N SER B 525 13.48 24.74 -24.96
CA SER B 525 14.26 24.78 -26.20
C SER B 525 14.52 23.38 -26.80
N CYS B 526 14.73 23.27 -28.14
CA CYS B 526 14.95 22.07 -28.94
C CYS B 526 16.26 21.35 -28.56
N SER B 527 16.33 20.89 -27.32
CA SER B 527 17.45 20.09 -26.88
C SER B 527 17.35 18.70 -27.53
N MET B 528 17.39 18.67 -28.86
CA MET B 528 17.34 17.41 -29.60
C MET B 528 18.39 17.46 -30.70
N PRO B 529 19.23 16.39 -30.82
CA PRO B 529 20.32 16.20 -31.80
C PRO B 529 19.95 16.57 -33.23
N LEU B 530 20.70 17.51 -33.80
CA LEU B 530 20.32 18.15 -35.05
C LEU B 530 20.43 17.26 -36.29
N GLY B 531 21.28 16.25 -36.24
CA GLY B 531 21.41 15.29 -37.34
C GLY B 531 22.82 14.79 -37.63
N MET B 532 23.75 15.02 -36.69
CA MET B 532 25.12 14.55 -36.82
C MET B 532 25.16 13.05 -36.56
N GLU B 533 24.36 12.63 -35.58
CA GLU B 533 24.30 11.23 -35.18
C GLU B 533 23.49 10.43 -36.17
N SER B 534 22.21 10.74 -36.29
CA SER B 534 21.35 10.04 -37.24
C SER B 534 21.87 10.15 -38.68
N LYS B 535 22.81 11.07 -38.90
CA LYS B 535 23.39 11.38 -40.22
C LYS B 535 22.33 11.94 -41.18
N ALA B 536 21.46 12.79 -40.64
CA ALA B 536 20.50 13.52 -41.46
C ALA B 536 21.26 14.58 -42.24
N ILE B 537 22.46 14.87 -41.75
CA ILE B 537 23.42 15.75 -42.41
C ILE B 537 24.40 14.86 -43.18
N SER B 538 24.36 14.99 -44.51
CA SER B 538 25.10 14.10 -45.41
C SER B 538 26.60 14.23 -45.21
N ASP B 539 27.34 13.21 -45.62
CA ASP B 539 28.81 13.27 -45.60
C ASP B 539 29.32 14.45 -46.45
N ALA B 540 28.61 14.70 -47.56
CA ALA B 540 28.85 15.86 -48.42
C ALA B 540 28.69 17.20 -47.68
N GLN B 541 27.82 17.23 -46.68
CA GLN B 541 27.35 18.48 -46.08
C GLN B 541 28.33 19.14 -45.10
N ILE B 542 29.47 18.49 -44.85
CA ILE B 542 30.50 19.03 -43.95
C ILE B 542 31.86 19.04 -44.64
N THR B 543 32.52 20.19 -44.65
CA THR B 543 33.95 20.21 -44.94
C THR B 543 34.70 20.72 -43.74
N ALA B 544 36.02 20.62 -43.82
CA ALA B 544 36.91 21.11 -42.78
C ALA B 544 37.96 21.98 -43.41
N SER B 545 38.82 22.53 -42.56
CA SER B 545 39.94 23.35 -42.98
C SER B 545 40.98 22.52 -43.75
N SER B 546 41.05 21.25 -43.41
CA SER B 546 41.92 20.27 -44.07
C SER B 546 41.74 18.92 -43.38
N TYR B 547 42.04 17.84 -44.11
CA TYR B 547 41.94 16.50 -43.54
C TYR B 547 43.21 15.70 -43.72
N PHE B 548 43.59 15.00 -42.65
CA PHE B 548 44.71 14.07 -42.66
C PHE B 548 44.37 12.87 -43.53
N THR B 549 45.30 12.47 -44.39
CA THR B 549 45.05 11.38 -45.35
C THR B 549 46.35 10.74 -45.90
N ASN B 550 46.38 9.40 -45.97
CA ASN B 550 47.55 8.63 -46.45
C ASN B 550 47.24 7.35 -47.27
N MET B 551 47.14 6.22 -46.59
CA MET B 551 46.68 4.96 -47.17
C MET B 551 45.93 4.16 -46.10
N PHE B 552 46.54 4.02 -44.92
CA PHE B 552 45.95 3.30 -43.80
C PHE B 552 44.94 4.18 -43.03
N ALA B 553 44.60 5.36 -43.58
CA ALA B 553 43.67 6.32 -42.94
C ALA B 553 43.12 7.41 -43.87
N THR B 554 41.93 7.91 -43.57
CA THR B 554 41.37 9.11 -44.18
C THR B 554 40.47 9.79 -43.16
N TRP B 555 41.08 10.56 -42.27
CA TRP B 555 40.34 11.19 -41.18
C TRP B 555 39.59 12.43 -41.66
N SER B 556 38.77 12.24 -42.67
CA SER B 556 37.99 13.28 -43.33
C SER B 556 36.93 13.90 -42.41
N PRO B 557 36.60 15.20 -42.61
CA PRO B 557 35.66 15.94 -41.77
C PRO B 557 34.35 15.21 -41.63
N SER B 558 34.01 14.51 -42.71
CA SER B 558 32.77 13.78 -42.83
C SER B 558 32.68 12.63 -41.83
N LYS B 559 33.61 12.61 -40.87
CA LYS B 559 33.62 11.55 -39.87
C LYS B 559 33.25 12.05 -38.49
N ALA B 560 33.33 13.36 -38.25
CA ALA B 560 33.12 13.94 -36.91
C ALA B 560 31.73 13.65 -36.33
N ARG B 561 31.55 12.46 -35.78
CA ARG B 561 30.23 12.00 -35.40
C ARG B 561 30.21 11.36 -34.02
N LEU B 562 29.43 11.98 -33.13
CA LEU B 562 29.42 11.73 -31.69
C LEU B 562 29.78 10.33 -31.18
N HIS B 563 29.40 9.30 -31.91
CA HIS B 563 29.95 7.97 -31.68
C HIS B 563 30.10 7.36 -33.05
N LEU B 564 31.34 7.09 -33.43
CA LEU B 564 31.63 6.55 -34.74
C LEU B 564 32.80 5.60 -34.63
N GLN B 565 32.58 4.34 -34.97
CA GLN B 565 33.67 3.37 -34.98
C GLN B 565 34.34 3.24 -36.37
N GLY B 566 35.53 2.65 -36.41
CA GLY B 566 36.25 2.43 -37.66
C GLY B 566 37.76 2.39 -37.48
N ARG B 567 38.48 2.43 -38.60
CA ARG B 567 39.94 2.62 -38.58
C ARG B 567 40.22 4.12 -38.51
N SER B 568 39.57 4.89 -39.41
CA SER B 568 39.56 6.35 -39.37
C SER B 568 38.18 6.79 -38.94
N ASN B 569 38.01 6.96 -37.64
CA ASN B 569 36.69 7.11 -37.04
C ASN B 569 36.42 8.51 -36.48
N ALA B 570 37.10 9.50 -37.03
CA ALA B 570 36.86 10.89 -36.63
C ALA B 570 37.53 11.86 -37.58
N TRP B 571 37.27 13.15 -37.40
CA TRP B 571 37.95 14.16 -38.21
C TRP B 571 39.27 14.55 -37.59
N ARG B 572 40.28 14.68 -38.44
CA ARG B 572 41.57 15.25 -38.05
C ARG B 572 42.10 16.20 -39.13
N PRO B 573 42.67 17.35 -38.70
CA PRO B 573 43.27 18.35 -39.60
C PRO B 573 44.59 17.81 -40.16
N GLN B 574 45.05 18.34 -41.30
CA GLN B 574 46.30 17.82 -41.86
C GLN B 574 47.49 18.00 -40.90
N VAL B 575 47.60 19.19 -40.30
CA VAL B 575 48.54 19.42 -39.21
C VAL B 575 47.88 20.14 -38.05
N ASN B 576 48.66 20.47 -37.03
CA ASN B 576 48.05 21.02 -35.84
C ASN B 576 48.26 22.53 -35.65
N ASN B 577 47.18 23.28 -35.92
CA ASN B 577 47.07 24.76 -35.78
C ASN B 577 45.81 25.17 -35.00
N PRO B 578 45.90 26.22 -34.16
CA PRO B 578 44.71 26.78 -33.50
C PRO B 578 43.76 27.49 -34.46
N LYS B 579 44.34 28.19 -35.44
CA LYS B 579 43.55 28.81 -36.50
C LYS B 579 43.01 27.74 -37.48
N GLU B 580 42.93 26.51 -37.00
CA GLU B 580 42.32 25.41 -37.74
C GLU B 580 40.86 25.25 -37.36
N TRP B 581 40.05 24.73 -38.29
CA TRP B 581 38.61 24.67 -38.05
C TRP B 581 37.87 23.51 -38.69
N LEU B 582 36.62 23.33 -38.26
CA LEU B 582 35.68 22.39 -38.87
C LEU B 582 34.33 23.06 -39.12
N GLN B 583 33.75 22.82 -40.29
CA GLN B 583 32.54 23.54 -40.72
C GLN B 583 31.37 22.61 -41.08
N VAL B 584 30.28 22.78 -40.36
CA VAL B 584 28.99 22.21 -40.76
C VAL B 584 28.29 23.21 -41.68
N ASP B 585 27.61 22.70 -42.69
CA ASP B 585 26.74 23.50 -43.53
C ASP B 585 25.36 22.91 -43.37
N PHE B 586 24.42 23.69 -42.85
CA PHE B 586 23.02 23.30 -42.92
C PHE B 586 22.50 23.80 -44.27
N GLN B 587 21.81 22.94 -44.98
CA GLN B 587 21.26 23.36 -46.26
C GLN B 587 20.04 24.27 -46.04
N LYS B 588 19.79 24.64 -44.77
CA LYS B 588 18.76 25.64 -44.40
C LYS B 588 19.10 26.41 -43.10
N THR B 589 18.25 27.37 -42.74
CA THR B 589 18.52 28.24 -41.57
C THR B 589 18.08 27.64 -40.25
N MET B 590 19.04 27.48 -39.34
CA MET B 590 18.85 26.74 -38.08
C MET B 590 19.02 27.58 -36.81
N LYS B 591 18.50 27.04 -35.70
CA LYS B 591 18.66 27.60 -34.37
C LYS B 591 19.48 26.58 -33.58
N VAL B 592 20.43 27.03 -32.76
CA VAL B 592 21.36 26.11 -32.06
C VAL B 592 21.33 26.26 -30.54
N THR B 593 21.24 25.14 -29.81
CA THR B 593 21.43 25.15 -28.35
C THR B 593 22.91 25.09 -28.00
N GLY B 594 23.59 24.08 -28.53
CA GLY B 594 25.00 23.86 -28.25
C GLY B 594 25.56 22.64 -28.94
N VAL B 595 26.90 22.60 -29.01
CA VAL B 595 27.65 21.55 -29.68
C VAL B 595 28.22 20.52 -28.69
N THR B 596 27.93 19.24 -28.94
CA THR B 596 28.37 18.12 -28.09
C THR B 596 29.69 17.59 -28.64
N THR B 597 30.77 17.75 -27.88
CA THR B 597 32.09 17.39 -28.39
C THR B 597 32.63 16.14 -27.71
N GLN B 598 33.62 15.55 -28.37
CA GLN B 598 34.18 14.25 -28.02
C GLN B 598 35.48 14.03 -28.81
N GLY B 599 36.32 13.13 -28.30
CA GLY B 599 37.57 12.76 -28.98
C GLY B 599 37.57 11.38 -29.61
N VAL B 600 38.73 10.91 -30.04
CA VAL B 600 38.81 9.63 -30.73
C VAL B 600 39.69 8.66 -30.00
N LYS B 601 39.29 7.39 -30.10
CA LYS B 601 40.05 6.26 -29.59
C LYS B 601 40.84 5.65 -30.77
N SER B 602 42.09 6.09 -30.94
CA SER B 602 42.83 5.75 -32.18
C SER B 602 43.59 4.42 -32.15
N LEU B 603 43.27 3.57 -31.16
CA LEU B 603 44.02 2.32 -30.85
C LEU B 603 45.54 2.56 -30.66
N LEU B 604 46.05 3.59 -31.34
CA LEU B 604 47.35 4.18 -31.09
C LEU B 604 47.37 4.75 -29.66
N THR B 605 46.96 6.03 -29.53
CA THR B 605 46.85 6.74 -28.24
C THR B 605 45.49 7.42 -28.14
N SER B 606 45.28 8.12 -27.02
CA SER B 606 44.14 9.01 -26.84
C SER B 606 44.23 10.21 -27.78
N MET B 607 43.09 10.78 -28.15
CA MET B 607 43.02 12.05 -28.89
C MET B 607 41.70 12.77 -28.67
N TYR B 608 41.77 14.05 -28.26
CA TYR B 608 40.58 14.88 -27.95
C TYR B 608 40.92 16.37 -27.91
N VAL B 609 39.90 17.23 -27.94
CA VAL B 609 40.12 18.68 -27.89
C VAL B 609 39.66 19.29 -26.57
N LYS B 610 40.58 20.00 -25.92
CA LYS B 610 40.43 20.49 -24.54
C LYS B 610 39.63 21.80 -24.42
N GLU B 611 39.91 22.75 -25.32
CA GLU B 611 39.21 24.05 -25.39
C GLU B 611 38.96 24.48 -26.82
N PHE B 612 37.84 25.13 -27.07
CA PHE B 612 37.55 25.64 -28.42
C PHE B 612 36.72 26.92 -28.51
N LEU B 613 36.61 27.43 -29.72
CA LEU B 613 35.80 28.60 -30.06
C LEU B 613 34.76 28.19 -31.08
N ILE B 614 33.77 29.04 -31.30
CA ILE B 614 32.83 28.84 -32.39
C ILE B 614 32.62 30.11 -33.22
N SER B 615 32.29 29.92 -34.49
CA SER B 615 31.91 31.03 -35.38
C SER B 615 30.59 30.78 -36.14
N SER B 616 29.85 31.86 -36.39
CA SER B 616 28.58 31.77 -37.10
C SER B 616 28.58 32.58 -38.40
N SER B 617 27.71 32.19 -39.33
CA SER B 617 27.54 32.91 -40.58
C SER B 617 26.13 32.74 -41.15
N GLN B 618 25.71 33.72 -41.96
CA GLN B 618 24.48 33.61 -42.74
C GLN B 618 24.84 33.41 -44.20
N ASP B 619 25.90 34.10 -44.62
CA ASP B 619 26.41 34.01 -45.99
C ASP B 619 27.20 32.71 -46.28
N GLY B 620 27.94 32.24 -45.29
CA GLY B 620 28.72 31.00 -45.43
C GLY B 620 30.10 31.19 -46.01
N HIS B 621 30.52 32.45 -46.10
CA HIS B 621 31.83 32.83 -46.67
C HIS B 621 32.54 33.91 -45.83
N GLN B 622 31.78 34.58 -44.96
CA GLN B 622 32.33 35.56 -44.01
C GLN B 622 31.69 35.37 -42.63
N TRP B 623 32.47 35.54 -41.57
CA TRP B 623 32.12 34.92 -40.29
C TRP B 623 32.08 35.83 -39.05
N THR B 624 30.91 35.95 -38.43
CA THR B 624 30.77 36.64 -37.15
C THR B 624 30.83 35.59 -36.06
N LEU B 625 31.92 35.60 -35.28
CA LEU B 625 32.14 34.52 -34.30
C LEU B 625 31.40 34.70 -32.97
N PHE B 626 31.52 33.72 -32.06
CA PHE B 626 30.77 33.71 -30.80
C PHE B 626 31.46 34.49 -29.68
N PHE B 627 30.63 35.14 -28.85
CA PHE B 627 31.09 35.96 -27.73
C PHE B 627 30.37 35.70 -26.40
N GLN B 628 31.05 36.07 -25.32
CA GLN B 628 30.51 36.00 -23.98
C GLN B 628 29.62 37.19 -23.70
N ASN B 629 29.91 37.84 -22.58
CA ASN B 629 29.40 39.15 -22.20
C ASN B 629 30.55 40.15 -22.34
N GLY B 630 31.72 39.61 -22.66
CA GLY B 630 32.93 40.37 -22.97
C GLY B 630 33.60 39.80 -24.21
N LYS B 631 34.82 39.29 -24.05
CA LYS B 631 35.60 38.72 -25.17
C LYS B 631 35.03 37.37 -25.61
N VAL B 632 35.77 36.67 -26.47
CA VAL B 632 35.32 35.41 -27.07
C VAL B 632 35.09 34.34 -26.02
N LYS B 633 34.31 33.33 -26.39
CA LYS B 633 33.98 32.26 -25.47
C LYS B 633 35.02 31.15 -25.48
N VAL B 634 35.78 31.07 -24.39
CA VAL B 634 36.73 29.99 -24.16
C VAL B 634 35.91 28.79 -23.74
N PHE B 635 35.73 27.84 -24.65
CA PHE B 635 34.81 26.73 -24.39
C PHE B 635 35.40 25.55 -23.62
N GLN B 636 34.67 25.10 -22.60
CA GLN B 636 35.10 24.00 -21.75
C GLN B 636 34.87 22.67 -22.43
N GLY B 637 35.94 22.11 -23.00
CA GLY B 637 35.86 20.91 -23.82
C GLY B 637 36.19 19.57 -23.16
N ASN B 638 36.58 18.61 -24.00
CA ASN B 638 36.78 17.23 -23.58
C ASN B 638 37.91 16.99 -22.58
N GLN B 639 38.07 15.70 -22.24
CA GLN B 639 39.23 15.20 -21.52
C GLN B 639 39.53 13.70 -21.79
N ASP B 640 38.84 13.09 -22.76
CA ASP B 640 39.06 11.67 -23.09
C ASP B 640 38.70 11.24 -24.51
N SER B 641 39.23 10.08 -24.90
CA SER B 641 38.91 9.39 -26.14
C SER B 641 37.39 9.28 -26.34
N PHE B 642 36.69 9.02 -25.25
CA PHE B 642 35.24 8.90 -25.23
C PHE B 642 34.60 10.11 -24.53
N THR B 643 33.45 9.90 -23.87
CA THR B 643 32.72 10.93 -23.09
C THR B 643 32.42 12.22 -23.86
N PRO B 644 31.14 12.54 -23.99
CA PRO B 644 30.72 13.71 -24.69
C PRO B 644 30.54 14.93 -23.76
N VAL B 645 30.31 16.11 -24.36
CA VAL B 645 30.21 17.37 -23.59
C VAL B 645 28.92 18.26 -23.79
N VAL B 646 28.03 18.25 -22.77
CA VAL B 646 26.89 19.20 -22.65
C VAL B 646 27.43 20.64 -22.70
N ASN B 647 27.87 21.08 -23.88
CA ASN B 647 28.42 22.42 -24.02
C ASN B 647 27.44 23.28 -24.85
N SER B 648 26.66 24.12 -24.17
CA SER B 648 25.61 24.92 -24.84
C SER B 648 25.84 26.43 -24.82
N LEU B 649 24.97 27.17 -25.51
CA LEU B 649 25.22 28.58 -25.77
C LEU B 649 24.27 29.55 -25.05
N ASP B 650 24.83 30.63 -24.49
CA ASP B 650 24.06 31.62 -23.72
C ASP B 650 23.01 32.32 -24.60
N PRO B 651 23.46 33.04 -25.65
CA PRO B 651 22.42 33.44 -26.58
C PRO B 651 22.25 32.33 -27.63
N PRO B 652 21.09 31.66 -27.63
CA PRO B 652 20.88 30.64 -28.65
C PRO B 652 21.23 31.20 -30.03
N LEU B 653 22.21 30.61 -30.69
CA LEU B 653 22.72 31.17 -31.94
C LEU B 653 21.85 30.82 -33.15
N LEU B 654 21.29 31.83 -33.81
CA LEU B 654 20.54 31.59 -35.03
C LEU B 654 21.45 31.75 -36.25
N THR B 655 21.69 30.63 -36.93
CA THR B 655 22.67 30.55 -38.02
C THR B 655 22.41 29.40 -39.03
N ARG B 656 23.31 29.23 -39.98
CA ARG B 656 23.21 28.21 -41.01
C ARG B 656 24.61 27.68 -41.32
N TYR B 657 25.62 28.45 -40.92
CA TYR B 657 26.96 28.01 -41.10
C TYR B 657 27.68 28.07 -39.76
N LEU B 658 27.91 26.87 -39.22
CA LEU B 658 28.54 26.68 -37.92
C LEU B 658 29.96 26.11 -38.06
N ARG B 659 30.93 26.80 -37.48
CA ARG B 659 32.32 26.41 -37.54
C ARG B 659 32.91 26.18 -36.17
N ILE B 660 33.56 25.04 -35.99
CA ILE B 660 34.25 24.71 -34.75
C ILE B 660 35.67 25.24 -34.80
N HIS B 661 36.10 25.90 -33.72
CA HIS B 661 37.45 26.45 -33.66
C HIS B 661 38.25 25.93 -32.46
N PRO B 662 38.97 24.80 -32.66
CA PRO B 662 39.82 24.20 -31.64
C PRO B 662 40.94 25.13 -31.16
N GLN B 663 41.08 25.23 -29.86
CA GLN B 663 42.12 26.05 -29.28
C GLN B 663 43.20 25.20 -28.64
N SER B 664 42.85 24.48 -27.60
CA SER B 664 43.78 23.61 -26.92
C SER B 664 43.31 22.19 -26.97
N TRP B 665 44.26 21.27 -27.04
CA TRP B 665 43.95 19.87 -27.24
C TRP B 665 44.86 18.96 -26.42
N VAL B 666 44.79 17.65 -26.67
CA VAL B 666 45.57 16.66 -25.92
C VAL B 666 46.86 16.16 -26.61
N HIS B 667 46.73 15.31 -27.62
CA HIS B 667 47.88 14.76 -28.33
C HIS B 667 47.91 15.22 -29.77
N GLN B 668 46.75 15.13 -30.42
CA GLN B 668 46.50 15.73 -31.72
C GLN B 668 45.10 16.31 -31.63
N ILE B 669 44.75 17.17 -32.59
CA ILE B 669 43.39 17.67 -32.68
C ILE B 669 42.51 16.59 -33.32
N ALA B 670 41.49 16.16 -32.56
CA ALA B 670 40.64 15.03 -32.95
C ALA B 670 39.17 15.23 -32.57
N LEU B 671 38.28 15.15 -33.56
CA LEU B 671 36.91 15.49 -33.26
C LEU B 671 35.83 14.56 -33.80
N ARG B 672 35.10 13.97 -32.87
CA ARG B 672 33.78 13.38 -33.10
C ARG B 672 32.84 14.32 -32.39
N MET B 673 31.77 14.74 -33.06
CA MET B 673 30.87 15.75 -32.46
C MET B 673 29.38 15.66 -32.85
N GLU B 674 28.61 16.66 -32.44
CA GLU B 674 27.18 16.73 -32.67
C GLU B 674 26.68 18.13 -32.31
N VAL B 675 25.64 18.61 -33.01
CA VAL B 675 24.97 19.89 -32.71
C VAL B 675 23.57 19.61 -32.16
N LEU B 676 23.11 20.45 -31.23
CA LEU B 676 21.75 20.37 -30.74
C LEU B 676 20.90 21.51 -31.30
N GLY B 677 19.66 21.21 -31.69
CA GLY B 677 18.75 22.27 -32.13
C GLY B 677 17.63 21.93 -33.11
N CYS B 678 17.18 22.97 -33.81
CA CYS B 678 16.02 22.93 -34.70
C CYS B 678 16.13 24.07 -35.72
N GLU B 679 15.05 24.82 -35.97
CA GLU B 679 15.08 25.99 -36.89
C GLU B 679 13.95 27.02 -36.71
N ALA B 680 14.30 28.30 -36.81
CA ALA B 680 13.29 29.34 -36.94
C ALA B 680 12.97 29.46 -38.42
N GLN B 681 12.53 30.65 -38.86
CA GLN B 681 12.24 30.95 -40.27
C GLN B 681 13.36 30.46 -41.21
N ASP B 682 13.06 30.38 -42.51
CA ASP B 682 14.07 29.88 -43.44
C ASP B 682 14.80 30.98 -44.21
N LEU B 683 15.98 31.31 -43.71
CA LEU B 683 16.93 32.28 -44.28
C LEU B 683 16.56 33.77 -44.12
N TYR B 684 15.31 34.12 -44.41
CA TYR B 684 14.85 35.52 -44.37
C TYR B 684 13.35 35.61 -44.16
C1 NAG C . -33.24 -2.31 16.15
C2 NAG C . -32.98 -3.66 16.81
C3 NAG C . -33.35 -3.69 18.30
C4 NAG C . -33.03 -2.41 19.08
C5 NAG C . -33.35 -1.17 18.23
C6 NAG C . -32.82 0.13 18.86
C7 NAG C . -33.19 -5.94 15.76
C8 NAG C . -32.72 -6.13 14.32
N2 NAG C . -33.71 -4.72 16.10
O3 NAG C . -32.66 -4.76 18.92
O4 NAG C . -33.82 -2.38 20.27
O5 NAG C . -32.77 -1.24 16.94
O6 NAG C . -33.35 0.29 20.16
O7 NAG C . -33.11 -6.90 16.58
C1 NAG C . -33.22 -2.80 21.55
C2 NAG C . -34.00 -4.00 22.19
C3 NAG C . -33.18 -4.99 23.06
C4 NAG C . -31.70 -4.65 23.37
C5 NAG C . -31.30 -3.24 22.92
C6 NAG C . -29.78 -3.09 22.94
C7 NAG C . -36.37 -3.07 22.40
C8 NAG C . -37.11 -2.16 23.11
N2 NAG C . -35.20 -3.53 22.94
O3 NAG C . -33.19 -6.30 22.49
O4 NAG C . -31.47 -4.83 24.77
O5 NAG C . -31.80 -2.98 21.61
O6 NAG C . -29.39 -2.47 24.18
O7 NAG C . -36.90 -3.64 21.23
C1 NAG D . 18.59 8.62 -14.65
C2 NAG D . 19.63 8.04 -15.62
C3 NAG D . 19.13 6.87 -16.54
C4 NAG D . 17.88 6.14 -16.04
C5 NAG D . 16.97 7.10 -15.26
C6 NAG D . 15.70 6.41 -14.80
C7 NAG D . 19.72 9.64 -17.60
C8 NAG D . 20.66 9.64 -18.79
N2 NAG D . 20.21 9.15 -16.42
O3 NAG D . 20.18 5.93 -16.66
O4 NAG D . 17.12 5.40 -17.03
O5 NAG D . 17.70 7.63 -14.18
O6 NAG D . 14.73 6.52 -15.82
O7 NAG D . 18.59 10.10 -17.75
C1 BMA D . 17.11 5.86 -18.41
C2 BMA D . 17.78 4.82 -19.32
C3 BMA D . 17.92 5.41 -20.72
C4 BMA D . 16.55 5.87 -21.27
C5 BMA D . 15.64 6.57 -20.23
C6 BMA D . 14.18 6.34 -20.62
O2 BMA D . 17.04 3.61 -19.35
O3 BMA D . 18.62 4.53 -21.60
O4 BMA D . 16.72 6.74 -22.38
O5 BMA D . 15.81 6.13 -18.87
O6 BMA D . 13.35 7.44 -20.30
C1 MAN D . 19.95 5.04 -21.93
C2 MAN D . 19.93 5.82 -23.27
C3 MAN D . 19.96 4.82 -24.44
C4 MAN D . 21.08 3.77 -24.34
C5 MAN D . 21.30 3.19 -22.93
C6 MAN D . 22.74 2.67 -22.80
O2 MAN D . 20.99 6.75 -23.35
O3 MAN D . 20.03 5.53 -25.66
O4 MAN D . 20.80 2.71 -25.24
O5 MAN D . 21.04 4.11 -21.86
O6 MAN D . 22.78 1.25 -22.92
C1 BMA D . 12.15 6.96 -19.65
C2 BMA D . 11.30 8.14 -19.15
C3 BMA D . 9.80 7.81 -18.96
C4 BMA D . 9.38 6.33 -19.03
C5 BMA D . 10.40 5.37 -19.66
C6 BMA D . 9.71 4.33 -20.54
O2 BMA D . 11.45 9.26 -20.00
O3 BMA D . 9.02 8.54 -19.87
O4 BMA D . 9.05 5.86 -17.73
O5 BMA D . 11.36 6.08 -20.43
O6 BMA D . 9.63 3.10 -19.85
CU CU E . -20.76 -5.90 10.27
CA CA F . -5.30 22.76 -2.61
C1 NAG G . 28.09 -4.44 25.45
C2 NAG G . 28.51 -3.49 26.57
C3 NAG G . 27.71 -3.84 27.84
C4 NAG G . 26.21 -4.11 27.58
C5 NAG G . 25.72 -4.21 26.09
C6 NAG G . 24.74 -3.06 25.75
C7 NAG G . 30.79 -2.53 27.07
C8 NAG G . 30.60 -1.22 26.35
N2 NAG G . 29.96 -3.57 26.78
O3 NAG G . 27.81 -2.79 28.78
O4 NAG G . 25.82 -5.28 28.29
O5 NAG G . 26.74 -4.21 25.08
O6 NAG G . 23.72 -2.90 26.76
O7 NAG G . 31.69 -2.65 27.89
C1 NAG H . -2.38 38.66 -10.85
C2 NAG H . -3.57 37.86 -10.32
C3 NAG H . -3.76 36.57 -11.11
C4 NAG H . -3.71 36.82 -12.63
C5 NAG H . -2.50 37.67 -13.05
C6 NAG H . -2.56 38.13 -14.50
C7 NAG H . -4.29 37.49 -7.93
C8 NAG H . -5.21 38.68 -7.65
N2 NAG H . -3.33 37.63 -8.91
O3 NAG H . -5.03 36.01 -10.78
O4 NAG H . -3.75 35.59 -13.34
O5 NAG H . -2.43 38.85 -12.25
O6 NAG H . -3.35 37.27 -15.32
O7 NAG H . -4.39 36.43 -7.26
CU CU I . -4.84 3.64 9.73
#